data_7AA5
#
_entry.id   7AA5
#
_cell.length_a   1.00
_cell.length_b   1.00
_cell.length_c   1.00
_cell.angle_alpha   90.00
_cell.angle_beta   90.00
_cell.angle_gamma   90.00
#
_symmetry.space_group_name_H-M   'P 1'
#
loop_
_entity.id
_entity.type
_entity.pdbx_description
1 polymer 'Transient receptor potential cation channel subfamily V member 4,Green fluorescent protein'
2 non-polymer 'CALCIUM ION'
#
_entity_poly.entity_id   1
_entity_poly.type   'polypeptide(L)'
_entity_poly.pdbx_seq_one_letter_code
;MDYKDDDDKSSMGSRTSLYKKAGSLEVLFQGPVFNRPILFDIVSRGSTADLDGLLPFLLTHKKRLTDEEFREPSTGKTCL
PKALLNLSNGRNDTIPVLLDIAERTGNMREFINSPFRDIYYRGQTALHIAIERRCKHYVELLVAQGADVHAQARGRFFQP
KDEGGYFYFGELPLSLAACTNQPHIVNYLTENPHKKADMRRQDSRGNTVLHALVAIADNTRENTKFVTKMYDLLLLKCAR
LFPDSNLEAVLNNDGLSPLMMAAKTGKIGIFQHIIRREVTDEDTRHLSRKFKDWAYGPVYSSLYDLSSLDTCGEEASVLE
ILVYNSKIENRHEMLAVEPINELLRDKWRKFGAVSFYINVVSYLCAMVIFTLTAYYQPLEGTPPYPYRTTVDYLRLAGEV
ITLFTGVLFFFTNIKDLFMKKCPGVNSLFIDGSFQLLYFIYSVLVIVSAALYLAGIEAYLAVMVFALVLGWMNALYFTRG
LKLTGTYSIMIQKILFKDLFRFLLVYLLFMIGYASALVSLLNPCANMKVCNEDQTDCTVPTYPSCRDSETFSTFLLDLFK
LTIGMGDLEMLSSTKYPVVFIILLVTYIILTFVLLLNMLIALMGETVGQVSKESKHIWKLQWATTILDIERSFPVFLRKA
FRSGEMVTVGKSSDGTPDRRWCFRVDEVNWSHENLYFQGAAGSGEFKGEELFTGVVPILVELDGDVNGHKFSVSGEGEGD
ATYGKLTLKFICTTGKLPVPWPTLVTTLTYGVQCFSRYPDHMKRHDFFKSAMPEGYVQERTISFKDDGNYKTRAEVKFEG
DTLVNRIELKGIDFKEDGNILGHKLEYNYNSHNVYITADKQKNGIKANFKIRHNIEDGSVQLADHYQQNTPIGDGPVLLP
DNHYLSTQSALSKDPNEKRDHMVLLEFVTAAGITHGMDELYKASGHHHHHHHHHH
;
_entity_poly.pdbx_strand_id   A,B,C,D
#
# COMPACT_ATOMS: atom_id res chain seq x y z
N VAL A 33 64.98 29.36 -11.99
CA VAL A 33 66.21 29.81 -12.63
C VAL A 33 66.27 31.32 -12.63
N PHE A 34 65.34 31.95 -13.34
CA PHE A 34 65.21 33.39 -13.30
C PHE A 34 64.18 33.86 -12.30
N ASN A 35 63.19 33.03 -12.00
CA ASN A 35 62.21 33.27 -10.95
C ASN A 35 61.40 32.00 -10.77
N ARG A 36 60.59 31.97 -9.70
CA ARG A 36 59.66 30.86 -9.54
C ARG A 36 58.69 30.78 -10.71
N PRO A 37 58.04 31.87 -11.15
CA PRO A 37 57.08 31.75 -12.26
C PRO A 37 57.62 31.11 -13.52
N ILE A 38 58.82 31.49 -13.97
CA ILE A 38 59.29 31.00 -15.28
C ILE A 38 59.41 29.48 -15.27
N LEU A 39 59.92 28.91 -14.17
CA LEU A 39 60.09 27.46 -14.14
C LEU A 39 58.76 26.75 -14.01
N PHE A 40 57.82 27.35 -13.26
CA PHE A 40 56.46 26.81 -13.21
C PHE A 40 55.86 26.76 -14.61
N ASP A 41 56.04 27.82 -15.40
CA ASP A 41 55.54 27.83 -16.77
C ASP A 41 56.22 26.75 -17.60
N ILE A 42 57.55 26.68 -17.49
CA ILE A 42 58.32 25.66 -18.22
C ILE A 42 57.73 24.28 -17.98
N VAL A 43 57.54 23.92 -16.71
CA VAL A 43 57.12 22.56 -16.39
C VAL A 43 55.66 22.35 -16.73
N SER A 44 54.79 23.32 -16.43
CA SER A 44 53.38 23.19 -16.77
C SER A 44 53.19 23.02 -18.27
N ARG A 45 54.10 23.58 -19.07
CA ARG A 45 54.10 23.29 -20.50
C ARG A 45 54.31 21.80 -20.74
N GLY A 46 55.33 21.22 -20.12
CA GLY A 46 55.59 19.80 -20.24
C GLY A 46 56.82 19.43 -21.04
N SER A 47 57.58 20.41 -21.52
CA SER A 47 58.77 20.15 -22.33
C SER A 47 59.97 20.88 -21.72
N THR A 48 61.07 20.16 -21.57
CA THR A 48 62.30 20.74 -21.05
C THR A 48 63.00 21.66 -22.05
N ALA A 49 62.40 21.91 -23.21
CA ALA A 49 63.03 22.78 -24.20
C ALA A 49 63.45 24.11 -23.60
N ASP A 50 62.64 24.66 -22.70
CA ASP A 50 63.00 25.87 -21.97
C ASP A 50 63.75 25.57 -20.68
N LEU A 51 63.96 24.30 -20.35
CA LEU A 51 64.69 23.93 -19.15
C LEU A 51 66.10 23.43 -19.45
N ASP A 52 66.34 22.94 -20.66
CA ASP A 52 67.67 22.49 -21.04
C ASP A 52 68.69 23.59 -20.83
N GLY A 53 69.86 23.22 -20.31
CA GLY A 53 70.90 24.18 -20.06
C GLY A 53 70.66 25.12 -18.90
N LEU A 54 69.64 24.86 -18.09
CA LEU A 54 69.40 25.70 -16.91
C LEU A 54 70.18 25.18 -15.71
N LEU A 55 70.39 23.87 -15.64
CA LEU A 55 71.17 23.30 -14.54
C LEU A 55 72.61 23.80 -14.47
N PRO A 56 73.32 24.07 -15.58
CA PRO A 56 74.65 24.68 -15.41
C PRO A 56 74.59 26.07 -14.84
N PHE A 57 73.51 26.82 -15.09
CA PHE A 57 73.33 28.08 -14.39
C PHE A 57 73.06 27.86 -12.92
N LEU A 58 72.19 26.89 -12.60
CA LEU A 58 71.88 26.56 -11.21
C LEU A 58 73.16 26.27 -10.42
N LEU A 59 74.02 25.43 -10.98
CA LEU A 59 75.30 25.15 -10.33
C LEU A 59 76.24 26.35 -10.40
N THR A 60 76.11 27.18 -11.44
CA THR A 60 77.01 28.32 -11.61
C THR A 60 76.85 29.31 -10.46
N HIS A 61 75.63 29.79 -10.25
CA HIS A 61 75.31 30.69 -9.14
C HIS A 61 74.91 29.92 -7.89
N LYS A 62 75.42 28.70 -7.72
CA LYS A 62 75.16 27.81 -6.58
C LYS A 62 73.67 27.67 -6.30
N LYS A 63 72.83 27.96 -7.28
CA LYS A 63 71.39 27.89 -7.10
C LYS A 63 70.96 26.45 -6.88
N ARG A 64 70.67 26.10 -5.63
CA ARG A 64 70.17 24.78 -5.27
C ARG A 64 68.66 24.77 -5.44
N LEU A 65 68.17 24.00 -6.42
CA LEU A 65 66.73 23.93 -6.65
C LEU A 65 65.95 23.59 -5.39
N THR A 66 66.63 23.03 -4.39
CA THR A 66 66.03 22.84 -3.08
C THR A 66 65.58 24.16 -2.45
N ASP A 67 66.17 25.28 -2.90
CA ASP A 67 65.89 26.58 -2.29
C ASP A 67 64.41 26.87 -2.30
N GLU A 68 63.96 27.61 -1.29
CA GLU A 68 62.55 27.78 -0.99
C GLU A 68 61.93 28.98 -1.70
N GLU A 69 62.74 29.98 -2.05
CA GLU A 69 62.21 31.17 -2.71
C GLU A 69 61.43 30.84 -3.97
N PHE A 70 61.79 29.73 -4.63
CA PHE A 70 61.07 29.25 -5.80
C PHE A 70 59.77 28.56 -5.45
N ARG A 71 59.31 28.69 -4.21
CA ARG A 71 58.02 28.19 -3.78
C ARG A 71 57.12 29.37 -3.44
N GLU A 72 55.91 29.39 -3.99
CA GLU A 72 54.98 30.43 -3.61
C GLU A 72 54.65 30.27 -2.13
N PRO A 73 55.03 31.25 -1.30
CA PRO A 73 54.97 31.05 0.16
C PRO A 73 53.55 30.91 0.70
N SER A 74 52.55 31.02 -0.17
CA SER A 74 51.18 30.83 0.27
C SER A 74 50.98 29.45 0.88
N THR A 75 51.57 28.43 0.28
CA THR A 75 51.49 27.08 0.81
C THR A 75 52.85 26.42 0.98
N GLY A 76 53.78 26.67 0.06
CA GLY A 76 55.09 26.02 0.10
C GLY A 76 55.36 25.06 -1.03
N LYS A 77 54.40 24.82 -1.93
CA LYS A 77 54.61 23.89 -3.02
C LYS A 77 55.86 24.27 -3.81
N THR A 78 56.60 23.26 -4.23
CA THR A 78 57.91 23.41 -4.84
C THR A 78 57.82 22.94 -6.29
N CYS A 79 58.97 22.89 -6.97
CA CYS A 79 59.01 22.51 -8.38
C CYS A 79 58.31 21.17 -8.61
N LEU A 80 58.56 20.20 -7.75
CA LEU A 80 58.10 18.84 -7.96
C LEU A 80 56.59 18.70 -7.79
N PRO A 81 55.98 19.19 -6.70
CA PRO A 81 54.52 19.06 -6.60
C PRO A 81 53.79 19.88 -7.62
N LYS A 82 54.27 21.10 -7.90
CA LYS A 82 53.67 21.91 -8.96
C LYS A 82 53.77 21.18 -10.30
N ALA A 83 54.88 20.49 -10.53
CA ALA A 83 55.06 19.69 -11.73
C ALA A 83 54.01 18.59 -11.80
N LEU A 84 54.01 17.73 -10.78
CA LEU A 84 53.14 16.56 -10.83
C LEU A 84 51.67 16.94 -10.80
N LEU A 85 51.35 18.11 -10.26
CA LEU A 85 49.97 18.59 -10.27
C LEU A 85 49.44 18.67 -11.69
N ASN A 86 50.29 19.04 -12.63
CA ASN A 86 49.93 19.04 -14.05
C ASN A 86 50.35 17.72 -14.66
N LEU A 87 49.41 17.05 -15.30
CA LEU A 87 49.68 15.73 -15.87
C LEU A 87 48.90 15.55 -17.15
N SER A 88 49.61 15.27 -18.24
CA SER A 88 49.01 14.97 -19.54
C SER A 88 49.27 13.51 -19.86
N ASN A 89 48.20 12.72 -19.95
CA ASN A 89 48.22 11.29 -20.22
C ASN A 89 48.96 10.51 -19.15
N GLY A 90 49.37 11.15 -18.06
CA GLY A 90 50.20 10.51 -17.06
C GLY A 90 51.68 10.64 -17.31
N ARG A 91 52.11 11.55 -18.19
CA ARG A 91 53.52 11.70 -18.51
C ARG A 91 53.82 13.16 -18.75
N ASN A 92 54.51 13.80 -17.81
CA ASN A 92 55.10 15.12 -17.98
C ASN A 92 56.60 14.88 -17.91
N ASP A 93 57.20 14.57 -19.06
CA ASP A 93 58.50 13.91 -19.10
C ASP A 93 59.67 14.83 -18.78
N THR A 94 59.42 16.01 -18.23
CA THR A 94 60.48 16.81 -17.64
C THR A 94 60.78 16.41 -16.21
N ILE A 95 59.87 15.67 -15.57
CA ILE A 95 60.07 15.28 -14.18
C ILE A 95 61.38 14.53 -13.97
N PRO A 96 61.69 13.45 -14.70
CA PRO A 96 62.99 12.81 -14.50
C PRO A 96 64.15 13.74 -14.75
N VAL A 97 64.02 14.66 -15.71
CA VAL A 97 65.06 15.67 -15.93
C VAL A 97 65.20 16.56 -14.70
N LEU A 98 64.07 16.95 -14.10
CA LEU A 98 64.13 17.80 -12.94
C LEU A 98 64.79 17.09 -11.76
N LEU A 99 64.55 15.79 -11.63
CA LEU A 99 65.20 15.03 -10.57
C LEU A 99 66.68 14.84 -10.87
N ASP A 100 67.03 14.69 -12.15
CA ASP A 100 68.42 14.74 -12.54
C ASP A 100 69.07 16.04 -12.12
N ILE A 101 68.33 17.15 -12.24
CA ILE A 101 68.85 18.43 -11.76
C ILE A 101 69.02 18.41 -10.25
N ALA A 102 68.03 17.85 -9.55
CA ALA A 102 68.11 17.77 -8.10
C ALA A 102 69.35 17.01 -7.65
N GLU A 103 69.70 15.93 -8.36
CA GLU A 103 70.93 15.22 -8.02
C GLU A 103 72.17 15.92 -8.56
N ARG A 104 72.02 16.79 -9.57
CA ARG A 104 73.14 17.66 -9.93
C ARG A 104 73.47 18.59 -8.77
N THR A 105 72.45 19.08 -8.07
CA THR A 105 72.68 19.74 -6.79
C THR A 105 73.23 18.75 -5.77
N GLY A 106 72.98 17.46 -5.97
CA GLY A 106 73.34 16.45 -5.02
C GLY A 106 72.28 16.16 -3.98
N ASN A 107 71.10 16.77 -4.09
CA ASN A 107 70.07 16.68 -3.07
C ASN A 107 68.79 16.11 -3.67
N MET A 108 68.33 15.00 -3.12
CA MET A 108 66.97 14.51 -3.31
C MET A 108 66.17 14.52 -2.02
N ARG A 109 66.83 14.20 -0.89
CA ARG A 109 66.12 14.10 0.39
C ARG A 109 65.39 15.40 0.72
N GLU A 110 66.12 16.51 0.81
CA GLU A 110 65.46 17.79 1.01
C GLU A 110 64.48 18.08 -0.11
N PHE A 111 64.83 17.70 -1.34
CA PHE A 111 63.94 17.98 -2.46
C PHE A 111 62.68 17.13 -2.39
N ILE A 112 62.82 15.81 -2.39
CA ILE A 112 61.64 14.94 -2.44
C ILE A 112 60.84 15.00 -1.16
N ASN A 113 61.32 15.70 -0.14
CA ASN A 113 60.57 15.96 1.09
C ASN A 113 60.34 17.46 1.19
N SER A 114 59.26 17.91 0.54
CA SER A 114 58.85 19.31 0.56
C SER A 114 57.37 19.33 0.89
N PRO A 115 57.02 19.16 2.16
CA PRO A 115 55.60 19.07 2.53
C PRO A 115 54.94 20.43 2.50
N PHE A 116 53.66 20.44 2.12
CA PHE A 116 52.89 21.67 2.11
C PHE A 116 52.66 22.15 3.53
N ARG A 117 52.77 23.47 3.73
CA ARG A 117 52.69 24.05 5.07
C ARG A 117 51.60 25.10 5.10
N ASP A 118 50.43 24.73 5.61
CA ASP A 118 49.32 25.64 5.89
C ASP A 118 48.31 24.85 6.72
N ILE A 119 47.13 25.43 6.93
CA ILE A 119 46.07 24.69 7.61
C ILE A 119 45.21 23.90 6.63
N TYR A 120 45.13 24.33 5.38
CA TYR A 120 44.31 23.65 4.38
C TYR A 120 45.03 22.41 3.87
N TYR A 121 46.22 22.57 3.31
CA TYR A 121 47.06 21.46 2.87
C TYR A 121 48.31 21.45 3.75
N ARG A 122 48.32 20.58 4.74
CA ARG A 122 49.48 20.40 5.61
C ARG A 122 50.18 19.09 5.27
N GLY A 123 51.51 19.12 5.29
CA GLY A 123 52.27 17.95 4.91
C GLY A 123 52.13 17.63 3.44
N GLN A 124 51.60 16.44 3.13
CA GLN A 124 51.29 16.03 1.77
C GLN A 124 52.54 16.08 0.89
N THR A 125 53.48 15.17 1.20
CA THR A 125 54.63 14.99 0.34
C THR A 125 54.19 14.58 -1.05
N ALA A 126 54.90 15.08 -2.06
CA ALA A 126 54.56 14.92 -3.46
C ALA A 126 54.12 13.50 -3.80
N LEU A 127 54.71 12.53 -3.11
CA LEU A 127 54.35 11.13 -3.32
C LEU A 127 52.84 10.93 -3.18
N HIS A 128 52.21 11.60 -2.22
CA HIS A 128 50.77 11.53 -2.08
C HIS A 128 50.09 11.92 -3.38
N ILE A 129 50.52 13.03 -3.97
CA ILE A 129 49.89 13.53 -5.19
C ILE A 129 50.11 12.56 -6.34
N ALA A 130 51.36 12.10 -6.51
CA ALA A 130 51.67 11.16 -7.57
C ALA A 130 50.81 9.92 -7.47
N ILE A 131 50.66 9.38 -6.26
CA ILE A 131 49.83 8.20 -6.06
C ILE A 131 48.37 8.53 -6.36
N GLU A 132 47.92 9.72 -5.97
CA GLU A 132 46.55 10.12 -6.23
C GLU A 132 46.25 10.12 -7.72
N ARG A 133 47.16 10.67 -8.52
CA ARG A 133 46.97 10.69 -9.96
C ARG A 133 47.25 9.35 -10.61
N ARG A 134 47.85 8.41 -9.88
CA ARG A 134 47.96 7.02 -10.29
C ARG A 134 48.74 6.82 -11.59
N CYS A 135 50.00 7.21 -11.62
CA CYS A 135 50.92 6.83 -12.69
C CYS A 135 52.01 6.00 -12.03
N LYS A 136 51.81 4.67 -12.02
CA LYS A 136 52.71 3.76 -11.33
C LYS A 136 54.15 3.93 -11.76
N HIS A 137 54.41 4.53 -12.93
CA HIS A 137 55.78 4.75 -13.37
C HIS A 137 56.47 5.77 -12.50
N TYR A 138 55.87 6.96 -12.36
CA TYR A 138 56.43 7.97 -11.49
C TYR A 138 56.44 7.50 -10.04
N VAL A 139 55.45 6.69 -9.66
CA VAL A 139 55.49 6.06 -8.33
C VAL A 139 56.77 5.24 -8.19
N GLU A 140 57.01 4.35 -9.15
CA GLU A 140 58.22 3.53 -9.15
C GLU A 140 59.45 4.40 -8.97
N LEU A 141 59.57 5.45 -9.77
CA LEU A 141 60.76 6.29 -9.69
C LEU A 141 60.87 6.92 -8.31
N LEU A 142 59.89 7.76 -7.96
CA LEU A 142 59.92 8.47 -6.69
C LEU A 142 60.28 7.55 -5.53
N VAL A 143 59.65 6.37 -5.48
CA VAL A 143 59.95 5.45 -4.39
C VAL A 143 61.36 4.90 -4.52
N ALA A 144 61.83 4.69 -5.75
CA ALA A 144 63.16 4.12 -5.95
C ALA A 144 64.24 5.07 -5.46
N GLN A 145 64.23 6.30 -5.98
CA GLN A 145 65.12 7.32 -5.42
C GLN A 145 64.89 7.47 -3.93
N GLY A 146 63.65 7.30 -3.50
CA GLY A 146 63.30 7.13 -2.11
C GLY A 146 62.81 8.41 -1.48
N ALA A 147 61.49 8.61 -1.44
CA ALA A 147 60.98 9.80 -0.78
C ALA A 147 60.76 9.54 0.69
N ASP A 148 59.71 8.78 0.96
CA ASP A 148 59.29 8.36 2.29
C ASP A 148 58.07 7.50 2.08
N VAL A 149 57.85 6.52 2.94
CA VAL A 149 56.61 5.76 2.85
C VAL A 149 55.74 6.19 4.02
N HIS A 150 55.99 7.40 4.52
CA HIS A 150 55.25 7.95 5.65
C HIS A 150 55.24 9.46 5.54
N ALA A 151 54.05 10.03 5.43
CA ALA A 151 53.88 11.48 5.49
C ALA A 151 52.45 11.74 5.91
N GLN A 152 52.26 12.16 7.17
CA GLN A 152 50.94 12.22 7.78
C GLN A 152 50.34 13.59 7.49
N ALA A 153 49.78 13.71 6.28
CA ALA A 153 49.22 14.98 5.84
C ALA A 153 47.94 15.27 6.63
N ARG A 154 48.06 16.11 7.66
CA ARG A 154 46.96 16.39 8.56
C ARG A 154 46.28 17.72 8.26
N GLY A 155 46.46 18.26 7.06
CA GLY A 155 45.72 19.45 6.67
C GLY A 155 44.23 19.22 6.80
N ARG A 156 43.52 20.24 7.29
CA ARG A 156 42.09 20.12 7.53
C ARG A 156 41.34 19.60 6.32
N PHE A 157 41.88 19.82 5.11
CA PHE A 157 41.30 19.21 3.92
C PHE A 157 41.23 17.69 4.03
N PHE A 158 42.15 17.09 4.79
CA PHE A 158 42.24 15.63 4.89
C PHE A 158 41.51 15.07 6.10
N GLN A 159 40.80 15.90 6.84
CA GLN A 159 39.97 15.41 7.94
C GLN A 159 38.70 14.78 7.39
N PRO A 160 37.99 14.02 8.23
CA PRO A 160 36.68 13.52 7.80
C PRO A 160 35.71 14.68 7.53
N LYS A 161 34.62 14.35 6.85
CA LYS A 161 33.67 15.37 6.40
C LYS A 161 32.82 15.95 7.52
N ASP A 162 33.15 15.65 8.79
CA ASP A 162 32.46 16.26 9.92
C ASP A 162 33.38 17.14 10.75
N GLU A 163 34.59 17.40 10.28
CA GLU A 163 35.51 18.36 10.88
C GLU A 163 35.95 19.38 9.86
N GLY A 164 35.05 19.72 8.94
CA GLY A 164 35.40 20.56 7.82
C GLY A 164 36.22 19.88 6.75
N GLY A 165 36.61 18.63 6.96
CA GLY A 165 37.43 17.94 6.00
C GLY A 165 36.67 17.59 4.73
N TYR A 166 37.44 17.36 3.68
CA TYR A 166 36.88 17.00 2.38
C TYR A 166 37.07 15.53 2.04
N PHE A 167 38.19 14.94 2.46
CA PHE A 167 38.46 13.54 2.19
C PHE A 167 39.51 13.04 3.16
N TYR A 168 39.16 12.01 3.93
CA TYR A 168 40.05 11.44 4.93
C TYR A 168 40.39 10.02 4.51
N PHE A 169 41.63 9.81 4.07
CA PHE A 169 42.07 8.50 3.62
C PHE A 169 42.93 7.76 4.62
N GLY A 170 43.60 8.46 5.53
CA GLY A 170 44.40 7.80 6.54
C GLY A 170 45.80 8.34 6.70
N GLU A 171 46.09 9.46 6.06
CA GLU A 171 47.35 10.19 6.26
C GLU A 171 48.57 9.31 6.03
N LEU A 172 48.43 8.28 5.20
CA LEU A 172 49.56 7.40 4.93
C LEU A 172 49.54 7.01 3.47
N PRO A 173 50.66 7.16 2.75
CA PRO A 173 50.68 6.81 1.32
C PRO A 173 50.12 5.43 1.04
N LEU A 174 50.48 4.45 1.86
CA LEU A 174 49.97 3.09 1.68
C LEU A 174 48.45 3.08 1.77
N SER A 175 47.91 3.63 2.84
CA SER A 175 46.45 3.73 2.95
C SER A 175 45.87 4.58 1.84
N LEU A 176 46.65 5.57 1.37
CA LEU A 176 46.16 6.41 0.29
C LEU A 176 45.95 5.60 -0.98
N ALA A 177 46.86 4.68 -1.28
CA ALA A 177 46.64 3.78 -2.39
C ALA A 177 45.52 2.80 -2.10
N ALA A 178 45.42 2.37 -0.83
CA ALA A 178 44.40 1.39 -0.46
C ALA A 178 43.01 1.93 -0.70
N CYS A 179 42.66 3.03 -0.04
CA CYS A 179 41.33 3.63 -0.21
C CYS A 179 41.04 3.91 -1.67
N THR A 180 42.03 4.42 -2.40
CA THR A 180 41.84 4.79 -3.80
C THR A 180 41.80 3.61 -4.74
N ASN A 181 41.93 2.38 -4.22
CA ASN A 181 41.79 1.15 -5.02
C ASN A 181 42.84 1.10 -6.13
N GLN A 182 44.10 1.00 -5.71
CA GLN A 182 45.23 0.81 -6.60
C GLN A 182 46.04 -0.39 -6.12
N PRO A 183 45.53 -1.61 -6.35
CA PRO A 183 46.19 -2.80 -5.78
C PRO A 183 47.67 -2.93 -6.13
N HIS A 184 48.03 -2.73 -7.39
CA HIS A 184 49.43 -2.86 -7.79
C HIS A 184 50.32 -1.95 -6.96
N ILE A 185 49.86 -0.72 -6.71
CA ILE A 185 50.62 0.20 -5.87
C ILE A 185 50.79 -0.38 -4.48
N VAL A 186 49.77 -1.08 -3.98
CA VAL A 186 49.86 -1.70 -2.67
C VAL A 186 50.94 -2.78 -2.67
N ASN A 187 50.90 -3.66 -3.67
CA ASN A 187 51.92 -4.69 -3.76
C ASN A 187 53.31 -4.09 -3.84
N TYR A 188 53.46 -2.97 -4.55
CA TYR A 188 54.76 -2.35 -4.67
C TYR A 188 55.21 -1.76 -3.34
N LEU A 189 54.34 -1.00 -2.67
CA LEU A 189 54.77 -0.28 -1.48
C LEU A 189 54.97 -1.22 -0.30
N THR A 190 54.13 -2.25 -0.18
CA THR A 190 54.32 -3.26 0.85
C THR A 190 55.70 -3.90 0.74
N GLU A 191 56.06 -4.33 -0.47
CA GLU A 191 57.35 -4.99 -0.69
C GLU A 191 57.90 -4.59 -2.06
N ASN A 192 59.19 -4.28 -2.08
CA ASN A 192 59.91 -3.93 -3.29
C ASN A 192 61.39 -3.84 -2.95
N PRO A 193 62.28 -4.07 -3.92
CA PRO A 193 63.72 -4.04 -3.60
C PRO A 193 64.22 -2.64 -3.31
N HIS A 194 63.56 -1.98 -2.37
CA HIS A 194 63.90 -0.63 -1.91
C HIS A 194 63.27 -0.46 -0.55
N LYS A 195 63.18 0.79 -0.08
CA LYS A 195 62.34 1.08 1.07
C LYS A 195 60.95 0.51 0.86
N LYS A 196 60.36 -0.02 1.93
CA LYS A 196 59.01 -0.54 1.87
C LYS A 196 58.35 -0.31 3.21
N ALA A 197 57.04 -0.09 3.19
CA ALA A 197 56.31 0.24 4.39
C ALA A 197 55.58 -0.98 4.93
N ASP A 198 55.44 -1.02 6.24
CA ASP A 198 54.61 -2.02 6.91
C ASP A 198 53.29 -1.38 7.32
N MET A 199 52.22 -2.12 7.14
CA MET A 199 50.94 -1.64 7.59
C MET A 199 50.86 -1.51 9.10
N ARG A 200 51.97 -1.82 9.78
CA ARG A 200 52.05 -1.65 11.23
C ARG A 200 51.76 -0.22 11.63
N ARG A 201 52.58 0.72 11.14
CA ARG A 201 52.56 2.09 11.64
C ARG A 201 51.18 2.72 11.51
N GLN A 202 50.56 3.01 12.64
CA GLN A 202 49.27 3.68 12.66
C GLN A 202 49.44 5.15 12.30
N ASP A 203 48.31 5.86 12.23
CA ASP A 203 48.29 7.23 11.72
C ASP A 203 48.46 8.22 12.86
N SER A 204 48.21 9.50 12.56
CA SER A 204 48.10 10.53 13.58
C SER A 204 46.72 10.53 14.24
N ARG A 205 45.90 9.52 13.95
CA ARG A 205 44.61 9.37 14.61
C ARG A 205 44.44 7.99 15.23
N GLY A 206 45.51 7.22 15.40
CA GLY A 206 45.46 5.91 16.00
C GLY A 206 45.17 4.79 15.03
N ASN A 207 44.75 5.11 13.82
CA ASN A 207 44.30 4.11 12.86
C ASN A 207 45.45 3.60 11.99
N THR A 208 45.37 2.32 11.66
CA THR A 208 46.14 1.73 10.58
C THR A 208 45.25 1.55 9.36
N VAL A 209 45.84 1.02 8.29
CA VAL A 209 45.20 1.02 6.99
C VAL A 209 43.83 0.33 7.02
N LEU A 210 43.66 -0.67 7.88
CA LEU A 210 42.37 -1.34 7.95
C LEU A 210 41.29 -0.41 8.45
N HIS A 211 41.55 0.31 9.53
CA HIS A 211 40.55 1.22 10.09
C HIS A 211 40.15 2.27 9.06
N ALA A 212 41.14 2.89 8.43
CA ALA A 212 40.85 3.82 7.34
C ALA A 212 39.98 3.15 6.28
N LEU A 213 40.40 1.97 5.83
CA LEU A 213 39.64 1.23 4.83
C LEU A 213 38.19 1.05 5.22
N VAL A 214 37.93 0.92 6.51
CA VAL A 214 36.55 0.87 6.98
C VAL A 214 35.92 2.26 6.99
N ALA A 215 36.70 3.30 7.26
CA ALA A 215 36.14 4.64 7.40
C ALA A 215 35.45 5.07 6.12
N ILE A 216 36.16 5.02 4.99
CA ILE A 216 35.63 5.51 3.72
C ILE A 216 34.82 4.42 3.04
N ALA A 217 34.60 3.31 3.73
CA ALA A 217 33.68 2.32 3.21
C ALA A 217 32.27 2.89 3.16
N ASP A 218 31.46 2.33 2.28
CA ASP A 218 30.09 2.78 2.12
C ASP A 218 29.21 1.55 1.92
N ASN A 219 27.93 1.77 1.64
CA ASN A 219 26.98 0.69 1.49
C ASN A 219 26.53 0.45 0.06
N THR A 220 26.86 1.35 -0.87
CA THR A 220 26.52 1.12 -2.26
C THR A 220 27.32 -0.06 -2.81
N ARG A 221 26.74 -0.74 -3.80
CA ARG A 221 27.33 -1.96 -4.36
C ARG A 221 28.80 -1.74 -4.72
N GLU A 222 29.10 -0.67 -5.46
CA GLU A 222 30.46 -0.40 -5.88
C GLU A 222 31.38 -0.23 -4.67
N ASN A 223 30.97 0.63 -3.73
CA ASN A 223 31.79 0.89 -2.55
C ASN A 223 31.77 -0.25 -1.55
N THR A 224 31.23 -1.39 -1.94
CA THR A 224 31.39 -2.62 -1.19
C THR A 224 32.26 -3.63 -1.92
N LYS A 225 32.10 -3.77 -3.23
CA LYS A 225 32.76 -4.83 -3.97
C LYS A 225 34.28 -4.75 -3.80
N PHE A 226 34.88 -3.66 -4.27
CA PHE A 226 36.34 -3.59 -4.28
C PHE A 226 36.91 -3.61 -2.87
N VAL A 227 36.28 -2.89 -1.95
CA VAL A 227 36.82 -2.79 -0.59
C VAL A 227 36.76 -4.14 0.10
N THR A 228 35.72 -4.92 -0.18
CA THR A 228 35.62 -6.26 0.39
C THR A 228 36.89 -7.05 0.16
N LYS A 229 37.26 -7.24 -1.11
CA LYS A 229 38.43 -8.04 -1.43
C LYS A 229 39.74 -7.33 -1.11
N MET A 230 39.78 -6.00 -1.17
CA MET A 230 41.00 -5.30 -0.84
C MET A 230 41.37 -5.50 0.63
N TYR A 231 40.36 -5.46 1.49
CA TYR A 231 40.57 -5.72 2.91
C TYR A 231 41.22 -7.09 3.11
N ASP A 232 40.64 -8.12 2.52
CA ASP A 232 41.17 -9.46 2.67
C ASP A 232 42.58 -9.57 2.09
N LEU A 233 42.81 -8.92 0.95
CA LEU A 233 44.13 -8.93 0.35
C LEU A 233 45.17 -8.40 1.32
N LEU A 234 44.96 -7.19 1.82
CA LEU A 234 45.95 -6.60 2.70
C LEU A 234 46.06 -7.37 4.01
N LEU A 235 44.95 -7.94 4.48
CA LEU A 235 44.98 -8.74 5.69
C LEU A 235 45.88 -9.96 5.50
N LEU A 236 45.69 -10.70 4.41
CA LEU A 236 46.55 -11.83 4.12
C LEU A 236 48.00 -11.40 3.93
N LYS A 237 48.21 -10.22 3.35
CA LYS A 237 49.58 -9.72 3.20
C LYS A 237 50.24 -9.56 4.56
N CYS A 238 49.61 -8.79 5.45
CA CYS A 238 50.16 -8.63 6.80
C CYS A 238 50.31 -9.97 7.49
N ALA A 239 49.39 -10.91 7.24
CA ALA A 239 49.49 -12.22 7.85
C ALA A 239 50.77 -12.93 7.41
N ARG A 240 50.91 -13.17 6.11
CA ARG A 240 52.07 -13.89 5.61
C ARG A 240 53.37 -13.21 6.01
N LEU A 241 53.47 -11.90 5.79
CA LEU A 241 54.73 -11.23 6.04
C LEU A 241 54.98 -10.99 7.52
N PHE A 242 53.97 -11.15 8.37
CA PHE A 242 54.13 -11.03 9.83
C PHE A 242 53.45 -12.19 10.51
N PRO A 243 53.84 -13.43 10.20
CA PRO A 243 53.07 -14.59 10.64
C PRO A 243 53.31 -14.96 12.10
N ASP A 244 53.31 -13.95 12.96
CA ASP A 244 53.38 -14.15 14.40
C ASP A 244 52.18 -13.55 15.11
N SER A 245 51.90 -12.27 14.86
CA SER A 245 50.74 -11.57 15.37
C SER A 245 49.77 -11.32 14.22
N ASN A 246 48.72 -10.55 14.49
CA ASN A 246 47.75 -10.20 13.47
C ASN A 246 47.51 -8.70 13.48
N LEU A 247 47.07 -8.18 12.34
CA LEU A 247 46.77 -6.76 12.23
C LEU A 247 45.46 -6.41 12.92
N GLU A 248 44.46 -7.30 12.82
CA GLU A 248 43.14 -7.03 13.35
C GLU A 248 43.18 -6.61 14.81
N ALA A 249 44.18 -7.09 15.56
CA ALA A 249 44.19 -6.84 17.00
C ALA A 249 44.53 -5.40 17.33
N VAL A 250 45.22 -4.69 16.43
CA VAL A 250 45.68 -3.34 16.73
C VAL A 250 44.48 -2.40 16.79
N LEU A 251 44.49 -1.51 17.80
CA LEU A 251 43.38 -0.62 18.07
C LEU A 251 43.74 0.83 17.76
N ASN A 252 42.72 1.64 17.59
CA ASN A 252 42.90 3.05 17.24
C ASN A 252 43.23 3.85 18.50
N ASN A 253 43.28 5.19 18.37
CA ASN A 253 43.48 6.04 19.53
C ASN A 253 42.35 5.87 20.53
N ASP A 254 41.13 5.65 20.05
CA ASP A 254 40.03 5.37 20.95
C ASP A 254 40.01 3.93 21.42
N GLY A 255 41.03 3.15 21.06
CA GLY A 255 41.10 1.76 21.46
C GLY A 255 40.07 0.86 20.79
N LEU A 256 39.46 1.30 19.71
CA LEU A 256 38.45 0.49 19.05
C LEU A 256 39.09 -0.47 18.07
N SER A 257 38.47 -1.61 17.90
CA SER A 257 38.95 -2.48 16.83
C SER A 257 38.43 -1.96 15.49
N PRO A 258 39.09 -2.30 14.39
CA PRO A 258 38.50 -1.94 13.09
C PRO A 258 37.11 -2.51 12.92
N LEU A 259 36.87 -3.71 13.45
CA LEU A 259 35.51 -4.22 13.52
C LEU A 259 34.63 -3.33 14.37
N MET A 260 35.16 -2.82 15.48
CA MET A 260 34.39 -1.91 16.32
C MET A 260 33.98 -0.66 15.57
N MET A 261 34.96 0.04 14.98
CA MET A 261 34.66 1.23 14.20
C MET A 261 33.70 0.91 13.06
N ALA A 262 33.80 -0.30 12.49
CA ALA A 262 32.81 -0.71 11.51
C ALA A 262 31.42 -0.73 12.12
N ALA A 263 31.31 -1.23 13.35
CA ALA A 263 30.01 -1.30 14.01
C ALA A 263 29.47 0.09 14.30
N LYS A 264 30.30 0.94 14.92
CA LYS A 264 29.84 2.23 15.41
C LYS A 264 29.22 3.06 14.29
N THR A 265 30.00 3.38 13.27
CA THR A 265 29.47 4.15 12.15
C THR A 265 28.47 3.38 11.31
N GLY A 266 28.18 2.13 11.65
CA GLY A 266 27.13 1.39 10.97
C GLY A 266 27.43 1.00 9.54
N LYS A 267 28.68 0.68 9.24
CA LYS A 267 29.05 0.23 7.90
C LYS A 267 28.59 -1.21 7.74
N ILE A 268 27.45 -1.41 7.08
CA ILE A 268 26.86 -2.73 6.97
C ILE A 268 27.79 -3.67 6.21
N GLY A 269 28.09 -3.32 4.96
CA GLY A 269 28.81 -4.18 4.05
C GLY A 269 30.08 -4.79 4.60
N ILE A 270 31.06 -3.95 4.93
CA ILE A 270 32.34 -4.47 5.40
C ILE A 270 32.16 -5.30 6.66
N PHE A 271 31.21 -4.91 7.51
CA PHE A 271 30.98 -5.68 8.73
C PHE A 271 30.35 -7.02 8.40
N GLN A 272 29.27 -7.01 7.62
CA GLN A 272 28.62 -8.23 7.21
C GLN A 272 29.60 -9.20 6.57
N HIS A 273 30.59 -8.69 5.85
CA HIS A 273 31.58 -9.55 5.23
C HIS A 273 32.65 -10.03 6.21
N ILE A 274 33.17 -9.14 7.06
CA ILE A 274 34.20 -9.53 8.00
C ILE A 274 33.68 -10.52 9.02
N ILE A 275 32.36 -10.57 9.25
CA ILE A 275 31.87 -11.52 10.24
C ILE A 275 31.81 -12.93 9.67
N ARG A 276 31.64 -13.08 8.36
CA ARG A 276 31.53 -14.41 7.76
C ARG A 276 32.87 -14.95 7.30
N ARG A 277 33.71 -14.08 6.72
CA ARG A 277 34.85 -14.50 5.91
C ARG A 277 35.67 -15.60 6.59
N GLU A 278 36.07 -16.59 5.79
CA GLU A 278 36.94 -17.66 6.24
C GLU A 278 38.05 -17.86 5.22
N VAL A 279 39.24 -18.19 5.72
CA VAL A 279 40.41 -18.33 4.86
C VAL A 279 40.41 -19.74 4.28
N THR A 280 40.25 -19.84 2.96
CA THR A 280 40.07 -21.14 2.32
C THR A 280 41.31 -22.01 2.49
N ASP A 281 42.44 -21.57 1.95
CA ASP A 281 43.67 -22.34 2.07
C ASP A 281 44.07 -22.48 3.53
N GLU A 282 44.08 -23.73 4.00
CA GLU A 282 44.37 -24.03 5.39
C GLU A 282 45.83 -23.81 5.75
N ASP A 283 46.68 -23.48 4.77
CA ASP A 283 48.07 -23.15 5.08
C ASP A 283 48.15 -22.13 6.21
N THR A 284 47.51 -20.98 6.03
CA THR A 284 47.25 -20.04 7.12
C THR A 284 45.78 -19.68 7.05
N ARG A 285 44.94 -20.53 7.63
CA ARG A 285 43.53 -20.23 7.83
C ARG A 285 43.26 -19.84 9.27
N HIS A 286 44.30 -19.65 10.06
CA HIS A 286 44.15 -19.40 11.49
C HIS A 286 43.84 -17.92 11.72
N LEU A 287 42.92 -17.40 10.92
CA LEU A 287 42.31 -16.12 11.22
C LEU A 287 40.85 -16.08 10.76
N SER A 288 40.31 -17.21 10.31
CA SER A 288 38.97 -17.26 9.76
C SER A 288 37.92 -17.04 10.85
N ARG A 289 36.71 -16.71 10.41
CA ARG A 289 35.61 -16.43 11.32
C ARG A 289 34.58 -17.56 11.32
N LYS A 290 34.07 -17.93 10.16
CA LYS A 290 33.15 -19.04 10.04
C LYS A 290 33.93 -20.33 9.86
N PHE A 291 33.46 -21.40 10.46
CA PHE A 291 34.13 -22.68 10.37
C PHE A 291 33.17 -23.73 9.81
N LYS A 292 33.62 -24.98 9.80
CA LYS A 292 32.79 -26.11 9.41
C LYS A 292 33.03 -27.25 10.39
N ASP A 293 31.97 -27.97 10.72
CA ASP A 293 32.05 -29.11 11.62
C ASP A 293 31.70 -30.41 10.93
N TRP A 294 30.52 -30.49 10.30
CA TRP A 294 30.16 -31.65 9.52
C TRP A 294 28.94 -31.32 8.67
N ALA A 295 28.86 -31.97 7.52
CA ALA A 295 27.76 -31.79 6.56
C ALA A 295 27.23 -33.17 6.21
N TYR A 296 26.10 -33.54 6.80
CA TYR A 296 25.49 -34.85 6.56
C TYR A 296 24.50 -34.79 5.41
N GLY A 297 24.93 -34.26 4.27
CA GLY A 297 24.07 -34.10 3.13
C GLY A 297 23.57 -32.68 3.00
N PRO A 298 22.32 -32.45 3.41
CA PRO A 298 21.74 -31.11 3.28
C PRO A 298 21.85 -30.24 4.52
N VAL A 299 22.52 -30.70 5.57
CA VAL A 299 22.61 -29.96 6.82
C VAL A 299 24.09 -29.73 7.13
N TYR A 300 24.47 -28.46 7.23
CA TYR A 300 25.81 -28.06 7.60
C TYR A 300 25.80 -27.51 9.03
N SER A 301 26.58 -28.12 9.90
CA SER A 301 26.70 -27.65 11.28
C SER A 301 27.74 -26.54 11.31
N SER A 302 27.37 -25.40 10.76
CA SER A 302 28.33 -24.31 10.67
C SER A 302 28.56 -23.72 12.04
N LEU A 303 29.74 -23.12 12.22
CA LEU A 303 30.22 -22.74 13.54
C LEU A 303 30.82 -21.34 13.46
N TYR A 304 30.10 -20.37 14.01
CA TYR A 304 30.53 -18.98 13.96
C TYR A 304 31.33 -18.62 15.21
N ASP A 305 32.47 -17.98 14.99
CA ASP A 305 33.32 -17.57 16.08
C ASP A 305 32.69 -16.41 16.84
N LEU A 306 33.06 -16.30 18.12
CA LEU A 306 32.70 -15.14 18.91
C LEU A 306 33.88 -14.85 19.83
N SER A 307 34.62 -13.80 19.51
CA SER A 307 35.76 -13.41 20.33
C SER A 307 35.73 -11.95 20.73
N SER A 308 35.11 -11.08 19.96
CA SER A 308 34.86 -9.71 20.36
C SER A 308 33.37 -9.42 20.36
N LEU A 309 32.56 -10.47 20.31
CA LEU A 309 31.12 -10.31 20.28
C LEU A 309 30.50 -10.07 21.64
N ASP A 310 31.01 -10.70 22.70
CA ASP A 310 30.38 -10.56 24.01
C ASP A 310 31.38 -10.86 25.11
N THR A 311 31.73 -9.84 25.89
CA THR A 311 32.46 -10.03 27.14
C THR A 311 31.91 -9.16 28.28
N CYS A 312 30.78 -8.47 28.06
CA CYS A 312 30.11 -7.68 29.11
C CYS A 312 31.00 -6.55 29.63
N GLY A 313 31.37 -5.65 28.73
CA GLY A 313 32.02 -4.42 29.12
C GLY A 313 33.47 -4.55 29.53
N GLU A 314 34.13 -5.65 29.20
CA GLU A 314 35.52 -5.86 29.57
C GLU A 314 36.52 -5.45 28.50
N GLU A 315 36.16 -5.59 27.22
CA GLU A 315 37.02 -5.13 26.13
C GLU A 315 36.22 -4.40 25.07
N ALA A 316 35.12 -3.75 25.44
CA ALA A 316 34.23 -3.05 24.51
C ALA A 316 33.73 -4.00 23.43
N SER A 317 32.98 -5.00 23.88
CA SER A 317 32.41 -5.99 22.97
C SER A 317 31.44 -5.33 22.01
N VAL A 318 31.43 -5.82 20.77
CA VAL A 318 30.72 -5.15 19.69
C VAL A 318 29.22 -5.08 19.99
N LEU A 319 28.66 -6.14 20.58
CA LEU A 319 27.23 -6.15 20.86
C LEU A 319 26.84 -5.01 21.79
N GLU A 320 27.75 -4.65 22.69
CA GLU A 320 27.50 -3.53 23.59
C GLU A 320 27.31 -2.23 22.81
N ILE A 321 28.27 -1.90 21.94
CA ILE A 321 28.15 -0.71 21.13
C ILE A 321 26.96 -0.80 20.19
N LEU A 322 26.53 -2.02 19.85
CA LEU A 322 25.34 -2.18 19.04
C LEU A 322 24.07 -1.84 19.82
N VAL A 323 24.04 -2.15 21.11
CA VAL A 323 22.82 -1.99 21.88
C VAL A 323 22.74 -0.64 22.59
N TYR A 324 23.76 -0.30 23.38
CA TYR A 324 23.67 0.92 24.19
C TYR A 324 23.99 2.17 23.37
N ASN A 325 25.23 2.27 22.90
CA ASN A 325 25.75 3.53 22.37
C ASN A 325 25.36 3.77 20.92
N SER A 326 24.55 2.91 20.32
CA SER A 326 24.24 3.04 18.90
C SER A 326 22.98 3.86 18.70
N LYS A 327 23.10 4.91 17.88
CA LYS A 327 21.97 5.69 17.39
C LYS A 327 22.01 5.72 15.86
N ILE A 328 22.20 4.54 15.27
CA ILE A 328 22.64 4.43 13.88
C ILE A 328 21.45 4.16 12.98
N GLU A 329 21.45 4.81 11.82
CA GLU A 329 20.41 4.60 10.83
C GLU A 329 20.29 3.12 10.44
N ASN A 330 21.39 2.38 10.49
CA ASN A 330 21.39 0.97 10.12
C ASN A 330 21.50 0.07 11.32
N ARG A 331 21.40 0.62 12.54
CA ARG A 331 21.51 -0.19 13.75
C ARG A 331 20.59 -1.40 13.70
N HIS A 332 19.35 -1.19 13.28
CA HIS A 332 18.40 -2.29 13.17
C HIS A 332 18.88 -3.34 12.18
N GLU A 333 19.19 -2.91 10.95
CA GLU A 333 19.45 -3.86 9.86
C GLU A 333 20.68 -4.70 10.16
N MET A 334 21.72 -4.11 10.75
CA MET A 334 22.92 -4.87 11.05
C MET A 334 22.64 -6.03 11.98
N LEU A 335 21.64 -5.89 12.86
CA LEU A 335 21.31 -6.98 13.78
C LEU A 335 20.79 -8.21 13.05
N ALA A 336 20.34 -8.05 11.81
CA ALA A 336 19.81 -9.18 11.05
C ALA A 336 20.88 -10.20 10.67
N VAL A 337 22.15 -9.96 11.00
CA VAL A 337 23.19 -10.93 10.67
C VAL A 337 23.05 -12.14 11.57
N GLU A 338 23.36 -13.31 11.01
CA GLU A 338 23.11 -14.62 11.61
C GLU A 338 23.60 -14.75 13.05
N PRO A 339 24.91 -14.59 13.32
CA PRO A 339 25.41 -14.96 14.65
C PRO A 339 25.10 -13.91 15.72
N ILE A 340 24.22 -12.97 15.41
CA ILE A 340 23.75 -12.00 16.37
C ILE A 340 22.27 -12.22 16.63
N ASN A 341 21.49 -12.29 15.54
CA ASN A 341 20.09 -12.61 15.67
C ASN A 341 19.90 -13.94 16.39
N GLU A 342 20.73 -14.93 16.08
CA GLU A 342 20.66 -16.19 16.82
C GLU A 342 21.09 -15.99 18.26
N LEU A 343 22.10 -15.15 18.51
CA LEU A 343 22.61 -15.00 19.86
C LEU A 343 21.56 -14.38 20.77
N LEU A 344 20.67 -13.57 20.20
CA LEU A 344 19.53 -13.07 20.95
C LEU A 344 18.72 -14.23 21.53
N ARG A 345 18.27 -15.14 20.67
CA ARG A 345 17.51 -16.29 21.15
C ARG A 345 18.32 -17.12 22.11
N ASP A 346 19.62 -17.25 21.85
CA ASP A 346 20.47 -18.06 22.72
C ASP A 346 20.50 -17.51 24.13
N LYS A 347 20.70 -16.20 24.27
CA LYS A 347 20.64 -15.56 25.57
C LYS A 347 19.21 -15.41 26.09
N TRP A 348 18.21 -15.68 25.26
CA TRP A 348 16.81 -15.55 25.67
C TRP A 348 16.30 -16.83 26.33
N ARG A 349 16.38 -17.95 25.63
CA ARG A 349 15.84 -19.21 26.14
C ARG A 349 16.63 -19.69 27.35
N LYS A 350 17.70 -18.99 27.70
CA LYS A 350 18.44 -19.24 28.92
C LYS A 350 18.83 -17.90 29.52
N PHE A 351 18.39 -17.65 30.75
CA PHE A 351 18.74 -16.44 31.47
C PHE A 351 18.10 -15.20 30.84
N GLY A 352 17.26 -15.40 29.83
CA GLY A 352 16.60 -14.29 29.19
C GLY A 352 15.23 -13.96 29.76
N ALA A 353 14.35 -14.96 29.82
CA ALA A 353 13.00 -14.75 30.34
C ALA A 353 12.90 -14.99 31.84
N VAL A 354 13.77 -15.85 32.39
CA VAL A 354 13.68 -16.20 33.80
C VAL A 354 13.84 -14.95 34.66
N SER A 355 14.99 -14.29 34.55
CA SER A 355 15.25 -13.13 35.38
C SER A 355 14.33 -11.97 35.04
N PHE A 356 13.89 -11.87 33.78
CA PHE A 356 12.94 -10.84 33.41
C PHE A 356 11.63 -10.99 34.18
N TYR A 357 11.08 -12.21 34.20
CA TYR A 357 9.86 -12.47 34.94
C TYR A 357 10.08 -12.30 36.44
N ILE A 358 11.23 -12.75 36.94
CA ILE A 358 11.54 -12.56 38.36
C ILE A 358 11.50 -11.08 38.72
N ASN A 359 12.15 -10.25 37.91
CA ASN A 359 12.20 -8.83 38.20
C ASN A 359 10.82 -8.20 38.13
N VAL A 360 10.03 -8.54 37.11
CA VAL A 360 8.73 -7.90 36.96
C VAL A 360 7.81 -8.31 38.10
N VAL A 361 7.84 -9.58 38.51
CA VAL A 361 6.95 -10.03 39.57
C VAL A 361 7.38 -9.43 40.91
N SER A 362 8.69 -9.37 41.17
CA SER A 362 9.14 -8.76 42.41
C SER A 362 8.82 -7.27 42.46
N TYR A 363 8.90 -6.59 41.31
CA TYR A 363 8.59 -5.16 41.28
C TYR A 363 7.11 -4.92 41.54
N LEU A 364 6.24 -5.68 40.86
CA LEU A 364 4.81 -5.57 41.11
C LEU A 364 4.48 -5.88 42.57
N CYS A 365 5.13 -6.88 43.14
CA CYS A 365 4.87 -7.22 44.53
C CYS A 365 5.30 -6.09 45.46
N ALA A 366 6.48 -5.51 45.21
CA ALA A 366 6.95 -4.41 46.03
C ALA A 366 5.99 -3.22 45.94
N MET A 367 5.48 -2.93 44.75
CA MET A 367 4.58 -1.80 44.61
C MET A 367 3.25 -2.06 45.31
N VAL A 368 2.73 -3.28 45.22
CA VAL A 368 1.48 -3.59 45.92
C VAL A 368 1.71 -3.56 47.42
N ILE A 369 2.92 -3.90 47.89
CA ILE A 369 3.21 -3.83 49.31
C ILE A 369 3.27 -2.38 49.78
N PHE A 370 3.85 -1.50 48.95
CA PHE A 370 3.85 -0.09 49.31
C PHE A 370 2.43 0.46 49.36
N THR A 371 1.59 0.03 48.41
CA THR A 371 0.17 0.38 48.47
C THR A 371 -0.47 -0.09 49.77
N LEU A 372 -0.23 -1.35 50.14
CA LEU A 372 -0.70 -1.93 51.40
C LEU A 372 -0.35 -1.04 52.58
N THR A 373 0.95 -0.80 52.78
CA THR A 373 1.39 0.04 53.89
C THR A 373 0.85 1.46 53.80
N ALA A 374 0.49 1.93 52.61
CA ALA A 374 -0.11 3.25 52.49
C ALA A 374 -1.52 3.28 53.07
N TYR A 375 -2.38 2.39 52.60
CA TYR A 375 -3.80 2.48 52.92
C TYR A 375 -4.11 2.18 54.38
N TYR A 376 -3.30 1.37 55.06
CA TYR A 376 -3.58 0.93 56.41
C TYR A 376 -2.95 1.81 57.48
N GLN A 377 -2.79 3.10 57.21
CA GLN A 377 -2.10 4.00 58.13
C GLN A 377 -3.09 4.67 59.07
N PRO A 378 -2.61 5.17 60.21
CA PRO A 378 -3.48 5.98 61.09
C PRO A 378 -3.79 7.32 60.44
N LEU A 379 -5.07 7.57 60.22
CA LEU A 379 -5.51 8.73 59.46
C LEU A 379 -6.01 9.85 60.37
N GLU A 380 -6.58 10.88 59.74
CA GLU A 380 -7.16 12.04 60.42
C GLU A 380 -6.10 12.77 61.26
N GLY A 381 -5.11 13.31 60.57
CA GLY A 381 -4.06 14.10 61.19
C GLY A 381 -3.05 13.24 61.93
N THR A 382 -2.03 13.92 62.46
CA THR A 382 -1.04 13.32 63.36
C THR A 382 -0.32 12.13 62.74
N PRO A 383 0.61 12.33 61.82
CA PRO A 383 1.50 11.24 61.39
C PRO A 383 2.84 11.24 62.11
N PRO A 384 2.92 10.81 63.40
CA PRO A 384 4.24 10.52 63.98
C PRO A 384 4.64 9.09 63.67
N TYR A 385 5.73 8.61 64.28
CA TYR A 385 6.13 7.21 64.17
C TYR A 385 5.47 6.37 65.28
N PRO A 386 4.40 5.64 64.96
CA PRO A 386 3.63 4.91 65.98
C PRO A 386 4.03 3.46 66.22
N TYR A 387 5.18 3.00 65.74
CA TYR A 387 5.48 1.57 65.77
C TYR A 387 5.72 1.11 67.21
N ARG A 388 4.67 0.58 67.84
CA ARG A 388 4.76 0.02 69.19
C ARG A 388 3.93 -1.24 69.40
N THR A 389 3.28 -1.76 68.36
CA THR A 389 2.35 -2.87 68.54
C THR A 389 2.52 -3.91 67.44
N THR A 390 1.81 -5.03 67.62
CA THR A 390 1.92 -6.15 66.70
C THR A 390 1.29 -5.83 65.36
N VAL A 391 0.15 -5.13 65.36
CA VAL A 391 -0.53 -4.85 64.10
C VAL A 391 0.30 -3.89 63.25
N ASP A 392 1.20 -3.14 63.87
CA ASP A 392 2.05 -2.21 63.13
C ASP A 392 3.30 -2.90 62.59
N TYR A 393 3.55 -4.16 62.97
CA TYR A 393 4.63 -4.92 62.34
C TYR A 393 4.42 -5.04 60.84
N LEU A 394 3.16 -5.09 60.39
CA LEU A 394 2.87 -5.11 58.96
C LEU A 394 3.44 -3.87 58.27
N ARG A 395 3.10 -2.69 58.78
CA ARG A 395 3.61 -1.45 58.20
C ARG A 395 5.12 -1.36 58.31
N LEU A 396 5.68 -1.85 59.43
CA LEU A 396 7.12 -1.82 59.60
C LEU A 396 7.81 -2.69 58.55
N ALA A 397 7.31 -3.91 58.34
CA ALA A 397 7.90 -4.82 57.37
C ALA A 397 7.69 -4.34 55.95
N GLY A 398 6.63 -3.57 55.70
CA GLY A 398 6.44 -3.00 54.39
C GLY A 398 7.38 -1.84 54.13
N GLU A 399 7.55 -0.96 55.12
CA GLU A 399 8.39 0.21 54.90
C GLU A 399 9.87 -0.15 54.86
N VAL A 400 10.29 -1.18 55.61
CA VAL A 400 11.69 -1.57 55.54
C VAL A 400 12.03 -2.09 54.15
N ILE A 401 11.14 -2.87 53.55
CA ILE A 401 11.43 -3.38 52.21
C ILE A 401 11.21 -2.29 51.16
N THR A 402 10.37 -1.29 51.47
CA THR A 402 10.30 -0.12 50.60
C THR A 402 11.64 0.60 50.54
N LEU A 403 12.22 0.90 51.72
CA LEU A 403 13.54 1.51 51.76
C LEU A 403 14.60 0.59 51.16
N PHE A 404 14.40 -0.73 51.25
CA PHE A 404 15.33 -1.67 50.63
C PHE A 404 15.30 -1.57 49.12
N THR A 405 14.10 -1.56 48.53
CA THR A 405 13.97 -1.33 47.10
C THR A 405 14.59 0.01 46.72
N GLY A 406 14.41 1.02 47.59
CA GLY A 406 15.04 2.31 47.34
C GLY A 406 16.55 2.22 47.25
N VAL A 407 17.18 1.62 48.26
CA VAL A 407 18.65 1.57 48.25
C VAL A 407 19.15 0.67 47.12
N LEU A 408 18.35 -0.32 46.73
CA LEU A 408 18.75 -1.17 45.62
C LEU A 408 18.73 -0.41 44.30
N PHE A 409 17.63 0.29 44.01
CA PHE A 409 17.59 1.10 42.81
C PHE A 409 18.57 2.28 42.86
N PHE A 410 18.99 2.68 44.06
CA PHE A 410 20.07 3.66 44.19
C PHE A 410 21.39 3.07 43.76
N PHE A 411 21.74 1.90 44.31
CA PHE A 411 22.95 1.20 43.90
C PHE A 411 22.96 0.90 42.41
N THR A 412 21.79 0.67 41.83
CA THR A 412 21.70 0.39 40.40
C THR A 412 22.26 1.55 39.58
N ASN A 413 21.89 2.78 39.94
CA ASN A 413 22.32 3.91 39.13
C ASN A 413 23.68 4.45 39.55
N ILE A 414 24.09 4.24 40.80
CA ILE A 414 25.42 4.74 41.18
C ILE A 414 26.51 3.94 40.46
N LYS A 415 26.21 2.70 40.08
CA LYS A 415 27.16 1.92 39.28
C LYS A 415 27.26 2.43 37.85
N ASP A 416 26.33 3.28 37.41
CA ASP A 416 26.42 3.89 36.09
C ASP A 416 27.49 4.97 36.01
N LEU A 417 28.11 5.32 37.14
CA LEU A 417 29.18 6.30 37.18
C LEU A 417 30.55 5.68 36.89
N PHE A 434 14.04 5.59 30.91
CA PHE A 434 14.05 4.62 32.00
C PHE A 434 15.48 4.27 32.40
N GLN A 435 16.29 5.30 32.66
CA GLN A 435 17.62 5.12 33.22
C GLN A 435 17.84 5.96 34.48
N LEU A 436 17.00 6.95 34.74
CA LEU A 436 17.04 7.72 35.97
C LEU A 436 15.72 7.73 36.73
N LEU A 437 14.61 7.35 36.09
CA LEU A 437 13.32 7.38 36.77
C LEU A 437 13.31 6.45 37.97
N TYR A 438 13.78 5.21 37.78
CA TYR A 438 13.86 4.30 38.92
C TYR A 438 14.87 4.78 39.95
N PHE A 439 15.73 5.73 39.62
CA PHE A 439 16.66 6.31 40.58
C PHE A 439 16.02 7.47 41.34
N ILE A 440 15.29 8.34 40.64
CA ILE A 440 14.52 9.37 41.31
C ILE A 440 13.50 8.73 42.24
N TYR A 441 13.02 7.55 41.87
CA TYR A 441 12.23 6.71 42.78
C TYR A 441 12.95 6.56 44.10
N SER A 442 14.19 6.07 44.05
CA SER A 442 14.97 5.86 45.27
C SER A 442 15.19 7.16 46.03
N VAL A 443 15.47 8.24 45.28
CA VAL A 443 15.67 9.54 45.93
C VAL A 443 14.45 9.92 46.75
N LEU A 444 13.26 9.77 46.17
CA LEU A 444 12.05 10.14 46.89
C LEU A 444 11.76 9.17 48.02
N VAL A 445 12.10 7.89 47.86
CA VAL A 445 11.96 6.95 48.98
C VAL A 445 12.87 7.35 50.12
N ILE A 446 14.06 7.86 49.83
CA ILE A 446 14.94 8.31 50.90
C ILE A 446 14.41 9.59 51.53
N VAL A 447 13.82 10.48 50.74
CA VAL A 447 13.11 11.63 51.30
C VAL A 447 12.07 11.15 52.30
N SER A 448 11.28 10.15 51.90
CA SER A 448 10.25 9.61 52.78
C SER A 448 10.86 9.01 54.05
N ALA A 449 11.98 8.29 53.90
CA ALA A 449 12.64 7.69 55.04
C ALA A 449 13.07 8.75 56.05
N ALA A 450 13.71 9.82 55.56
CA ALA A 450 14.14 10.89 56.45
C ALA A 450 12.94 11.57 57.10
N LEU A 451 11.91 11.86 56.32
CA LEU A 451 10.75 12.58 56.84
C LEU A 451 10.01 11.75 57.90
N TYR A 452 9.95 10.44 57.70
CA TYR A 452 9.33 9.58 58.70
C TYR A 452 10.23 9.37 59.91
N LEU A 453 11.55 9.38 59.73
CA LEU A 453 12.45 9.35 60.88
C LEU A 453 12.26 10.59 61.74
N ALA A 454 12.03 11.74 61.10
CA ALA A 454 11.63 12.93 61.86
C ALA A 454 10.29 12.71 62.54
N GLY A 455 9.36 12.02 61.86
CA GLY A 455 8.07 11.72 62.45
C GLY A 455 7.23 12.93 62.75
N ILE A 456 7.31 13.96 61.90
CA ILE A 456 6.62 15.22 62.15
C ILE A 456 5.54 15.36 61.08
N GLU A 457 4.66 16.36 61.22
CA GLU A 457 3.57 16.57 60.29
C GLU A 457 4.10 17.04 58.93
N ALA A 458 3.20 16.99 57.93
CA ALA A 458 3.52 17.35 56.55
C ALA A 458 4.68 16.54 55.99
N TYR A 459 4.91 15.35 56.53
CA TYR A 459 6.07 14.54 56.16
C TYR A 459 5.70 13.23 55.46
N LEU A 460 4.44 12.80 55.51
CA LEU A 460 3.98 11.70 54.68
C LEU A 460 3.68 12.16 53.26
N ALA A 461 3.83 13.45 52.98
CA ALA A 461 3.47 13.99 51.67
C ALA A 461 4.28 13.38 50.55
N VAL A 462 5.45 12.83 50.86
CA VAL A 462 6.28 12.23 49.82
C VAL A 462 6.01 10.74 49.62
N MET A 463 5.33 10.09 50.57
CA MET A 463 4.94 8.70 50.37
C MET A 463 4.03 8.56 49.15
N VAL A 464 3.12 9.52 48.97
CA VAL A 464 2.23 9.49 47.82
C VAL A 464 2.99 9.73 46.53
N PHE A 465 3.96 10.65 46.54
CA PHE A 465 4.79 10.84 45.35
C PHE A 465 5.52 9.57 45.00
N ALA A 466 6.07 8.88 46.02
CA ALA A 466 6.77 7.62 45.78
C ALA A 466 5.85 6.60 45.15
N LEU A 467 4.65 6.43 45.72
CA LEU A 467 3.72 5.43 45.19
C LEU A 467 3.34 5.74 43.75
N VAL A 468 2.98 6.99 43.47
CA VAL A 468 2.51 7.32 42.14
C VAL A 468 3.65 7.20 41.12
N LEU A 469 4.85 7.61 41.49
CA LEU A 469 5.97 7.54 40.56
C LEU A 469 6.38 6.09 40.31
N GLY A 470 6.30 5.24 41.34
CA GLY A 470 6.58 3.84 41.13
C GLY A 470 5.56 3.17 40.23
N TRP A 471 4.29 3.51 40.39
CA TRP A 471 3.29 2.94 39.49
C TRP A 471 3.34 3.56 38.10
N MET A 472 3.96 4.73 37.95
CA MET A 472 4.32 5.21 36.63
C MET A 472 5.44 4.36 36.04
N ASN A 473 6.49 4.14 36.82
CA ASN A 473 7.62 3.31 36.38
C ASN A 473 7.19 1.88 36.09
N ALA A 474 6.04 1.45 36.59
CA ALA A 474 5.48 0.16 36.22
C ALA A 474 5.40 -0.02 34.72
N LEU A 475 5.42 1.06 33.94
CA LEU A 475 5.50 0.96 32.48
C LEU A 475 6.85 0.44 32.02
N TYR A 476 7.90 0.59 32.84
CA TYR A 476 9.24 0.14 32.44
C TYR A 476 9.27 -1.36 32.20
N PHE A 477 8.58 -2.13 33.03
CA PHE A 477 8.46 -3.56 32.78
C PHE A 477 7.38 -3.85 31.73
N THR A 478 6.40 -2.96 31.59
CA THR A 478 5.29 -3.18 30.68
C THR A 478 5.66 -2.77 29.25
N ARG A 479 6.80 -3.32 28.79
CA ARG A 479 7.23 -3.11 27.42
C ARG A 479 7.84 -4.37 26.82
N GLY A 480 7.53 -5.55 27.39
CA GLY A 480 8.08 -6.80 26.90
C GLY A 480 7.05 -7.73 26.30
N LEU A 481 6.65 -8.74 27.06
CA LEU A 481 5.73 -9.76 26.57
C LEU A 481 4.37 -9.15 26.24
N LYS A 482 3.59 -9.90 25.44
CA LYS A 482 2.25 -9.51 25.02
C LYS A 482 2.24 -8.22 24.23
N LEU A 483 3.37 -7.89 23.60
CA LEU A 483 3.51 -6.67 22.80
C LEU A 483 3.21 -5.42 23.61
N THR A 484 3.42 -5.51 24.92
CA THR A 484 3.35 -4.32 25.76
C THR A 484 4.45 -3.34 25.35
N GLY A 485 4.21 -2.07 25.64
CA GLY A 485 5.15 -1.03 25.26
C GLY A 485 4.90 -0.39 23.92
N THR A 486 3.83 -0.80 23.21
CA THR A 486 3.45 -0.07 22.01
C THR A 486 3.18 1.40 22.32
N TYR A 487 2.53 1.67 23.47
CA TYR A 487 2.37 3.05 23.92
C TYR A 487 3.72 3.75 24.02
N SER A 488 4.76 3.05 24.46
CA SER A 488 6.07 3.66 24.60
C SER A 488 6.61 4.14 23.27
N ILE A 489 6.07 3.64 22.15
CA ILE A 489 6.40 4.21 20.85
C ILE A 489 5.63 5.51 20.65
N MET A 490 4.30 5.46 20.81
CA MET A 490 3.49 6.61 20.43
C MET A 490 3.67 7.78 21.37
N ILE A 491 3.97 7.50 22.64
CA ILE A 491 4.30 8.56 23.60
C ILE A 491 5.54 9.32 23.15
N GLN A 492 6.37 8.72 22.30
CA GLN A 492 7.53 9.43 21.77
C GLN A 492 7.11 10.63 20.92
N LYS A 493 5.89 10.60 20.37
CA LYS A 493 5.42 11.66 19.49
C LYS A 493 4.32 12.50 20.12
N ILE A 494 3.41 11.87 20.86
CA ILE A 494 2.24 12.59 21.34
C ILE A 494 2.57 13.44 22.57
N LEU A 495 3.33 12.88 23.52
CA LEU A 495 3.58 13.59 24.76
C LEU A 495 4.55 14.75 24.54
N PHE A 496 5.63 14.50 23.80
CA PHE A 496 6.68 15.50 23.63
C PHE A 496 6.37 16.51 22.53
N LYS A 497 5.73 16.10 21.45
CA LYS A 497 5.57 16.95 20.29
C LYS A 497 4.12 17.33 20.00
N ASP A 498 3.23 16.36 19.80
CA ASP A 498 1.93 16.67 19.21
C ASP A 498 0.96 17.24 20.25
N LEU A 499 0.60 16.43 21.26
CA LEU A 499 -0.29 16.93 22.30
C LEU A 499 0.34 18.09 23.05
N PHE A 500 1.66 18.05 23.22
CA PHE A 500 2.35 19.15 23.89
C PHE A 500 2.11 20.47 23.19
N ARG A 501 2.55 20.58 21.94
CA ARG A 501 2.40 21.85 21.21
C ARG A 501 0.95 22.21 21.03
N PHE A 502 0.06 21.22 20.89
CA PHE A 502 -1.36 21.53 20.74
C PHE A 502 -1.91 22.17 22.00
N LEU A 503 -1.60 21.60 23.16
CA LEU A 503 -2.10 22.18 24.41
C LEU A 503 -1.48 23.55 24.64
N LEU A 504 -0.21 23.73 24.27
CA LEU A 504 0.40 25.06 24.38
C LEU A 504 -0.38 26.09 23.56
N VAL A 505 -0.54 25.83 22.26
CA VAL A 505 -1.17 26.82 21.39
C VAL A 505 -2.62 27.04 21.79
N TYR A 506 -3.31 25.97 22.23
CA TYR A 506 -4.71 26.12 22.59
C TYR A 506 -4.86 26.88 23.90
N LEU A 507 -3.96 26.64 24.86
CA LEU A 507 -3.97 27.41 26.11
C LEU A 507 -3.72 28.88 25.82
N LEU A 508 -2.78 29.18 24.93
CA LEU A 508 -2.53 30.56 24.58
C LEU A 508 -3.76 31.19 23.93
N PHE A 509 -4.38 30.46 22.99
CA PHE A 509 -5.62 30.93 22.39
C PHE A 509 -6.66 31.28 23.45
N MET A 510 -6.93 30.32 24.34
CA MET A 510 -8.03 30.50 25.27
C MET A 510 -7.73 31.58 26.30
N ILE A 511 -6.47 31.75 26.71
CA ILE A 511 -6.17 32.81 27.66
C ILE A 511 -6.28 34.17 26.99
N GLY A 512 -5.84 34.27 25.73
CA GLY A 512 -6.03 35.53 25.01
C GLY A 512 -7.50 35.87 24.87
N TYR A 513 -8.31 34.90 24.45
CA TYR A 513 -9.73 35.16 24.34
C TYR A 513 -10.38 35.40 25.69
N ALA A 514 -9.81 34.85 26.76
CA ALA A 514 -10.33 35.14 28.10
C ALA A 514 -10.11 36.60 28.45
N SER A 515 -8.90 37.10 28.22
CA SER A 515 -8.66 38.54 28.36
C SER A 515 -9.65 39.33 27.52
N ALA A 516 -9.88 38.87 26.30
CA ALA A 516 -10.84 39.53 25.41
C ALA A 516 -12.22 39.63 26.05
N LEU A 517 -12.75 38.50 26.50
CA LEU A 517 -14.11 38.49 27.03
C LEU A 517 -14.22 39.28 28.31
N VAL A 518 -13.24 39.14 29.21
CA VAL A 518 -13.28 39.90 30.46
C VAL A 518 -13.09 41.39 30.20
N SER A 519 -12.57 41.76 29.03
CA SER A 519 -12.57 43.16 28.64
C SER A 519 -13.81 43.55 27.84
N LEU A 520 -14.62 42.58 27.41
CA LEU A 520 -15.77 42.83 26.54
C LEU A 520 -17.09 42.79 27.31
N LEU A 521 -17.13 43.35 28.52
CA LEU A 521 -18.38 43.45 29.26
C LEU A 521 -18.87 44.88 29.44
N ASN A 522 -18.02 45.89 29.27
CA ASN A 522 -18.42 47.27 29.56
C ASN A 522 -19.34 47.83 28.46
N PRO A 523 -18.93 47.89 27.20
CA PRO A 523 -19.94 47.96 26.14
C PRO A 523 -20.37 46.55 25.81
N CYS A 524 -21.63 46.40 25.41
CA CYS A 524 -22.35 45.15 25.62
C CYS A 524 -22.39 44.86 27.13
N ALA A 525 -23.16 45.72 27.80
CA ALA A 525 -23.09 46.00 29.23
C ALA A 525 -22.96 44.76 30.11
N ASN A 526 -22.41 44.93 31.31
CA ASN A 526 -21.87 43.82 32.09
C ASN A 526 -22.92 42.74 32.29
N MET A 527 -22.71 41.61 31.61
CA MET A 527 -23.59 40.45 31.70
C MET A 527 -22.91 39.28 31.00
N LYS A 528 -22.93 38.12 31.66
CA LYS A 528 -22.26 36.91 31.20
C LYS A 528 -23.19 35.72 31.33
N VAL A 529 -24.39 35.87 30.76
CA VAL A 529 -25.63 35.21 31.19
C VAL A 529 -25.39 33.79 31.67
N CYS A 530 -26.01 33.45 32.81
CA CYS A 530 -25.72 32.22 33.53
C CYS A 530 -25.57 31.05 32.58
N ASN A 531 -24.56 30.23 32.85
CA ASN A 531 -24.18 29.14 31.97
C ASN A 531 -25.37 28.23 31.72
N GLU A 532 -25.21 27.34 30.75
CA GLU A 532 -26.20 26.32 30.43
C GLU A 532 -26.15 25.19 31.42
N SER A 544 -18.44 30.19 39.13
CA SER A 544 -19.73 30.86 39.07
C SER A 544 -19.57 32.36 39.33
N CYS A 545 -18.75 32.98 38.50
CA CYS A 545 -18.38 34.37 38.69
C CYS A 545 -19.46 35.30 38.16
N ARG A 546 -19.90 36.23 39.01
CA ARG A 546 -20.73 37.34 38.60
C ARG A 546 -19.83 38.55 38.33
N ASP A 547 -20.42 39.61 37.78
CA ASP A 547 -19.66 40.81 37.43
C ASP A 547 -18.80 41.26 38.60
N SER A 548 -17.48 41.18 38.40
CA SER A 548 -16.52 41.48 39.45
C SER A 548 -15.27 42.07 38.81
N GLU A 549 -14.30 42.44 39.64
CA GLU A 549 -13.06 43.03 39.15
C GLU A 549 -11.86 42.54 39.97
N THR A 550 -11.91 41.30 40.47
CA THR A 550 -10.97 41.01 41.55
C THR A 550 -9.55 40.67 41.08
N PHE A 551 -9.31 39.44 40.63
CA PHE A 551 -8.07 39.21 39.89
C PHE A 551 -8.19 38.20 38.75
N SER A 552 -8.78 37.03 39.05
CA SER A 552 -8.82 35.95 38.06
C SER A 552 -10.05 35.06 38.14
N THR A 553 -11.01 35.33 39.04
CA THR A 553 -12.21 34.49 39.11
C THR A 553 -12.88 34.40 37.75
N PHE A 554 -12.78 35.46 36.97
CA PHE A 554 -13.12 35.49 35.56
C PHE A 554 -12.59 34.24 34.85
N LEU A 555 -11.28 33.99 34.99
CA LEU A 555 -10.69 32.86 34.29
C LEU A 555 -11.32 31.54 34.71
N LEU A 556 -11.58 31.38 36.01
CA LEU A 556 -12.14 30.12 36.48
C LEU A 556 -13.51 29.85 35.87
N ASP A 557 -14.48 30.74 36.14
CA ASP A 557 -15.82 30.54 35.63
C ASP A 557 -15.85 30.53 34.10
N LEU A 558 -15.00 31.35 33.47
CA LEU A 558 -14.95 31.36 32.02
C LEU A 558 -14.46 30.04 31.46
N PHE A 559 -13.42 29.46 32.06
CA PHE A 559 -12.99 28.12 31.64
C PHE A 559 -14.10 27.10 31.82
N LYS A 560 -14.79 27.17 32.97
CA LYS A 560 -15.98 26.34 33.16
C LYS A 560 -16.93 26.50 31.98
N LEU A 561 -17.09 27.73 31.49
CA LEU A 561 -17.91 27.97 30.31
C LEU A 561 -17.28 27.31 29.08
N THR A 562 -15.96 27.41 28.94
CA THR A 562 -15.28 26.90 27.75
C THR A 562 -15.33 25.38 27.66
N ILE A 563 -15.68 24.71 28.75
CA ILE A 563 -15.83 23.26 28.73
C ILE A 563 -16.80 22.91 27.61
N GLY A 564 -16.37 22.03 26.70
CA GLY A 564 -17.25 21.61 25.62
C GLY A 564 -18.32 20.68 26.15
N MET A 565 -19.13 21.21 27.07
CA MET A 565 -20.02 20.39 27.89
C MET A 565 -21.44 20.31 27.36
N GLY A 566 -22.05 21.41 26.94
CA GLY A 566 -23.47 21.39 26.72
C GLY A 566 -24.05 22.19 25.58
N ASP A 567 -23.24 22.55 24.59
CA ASP A 567 -23.76 23.21 23.39
C ASP A 567 -24.50 24.50 23.77
N LEU A 568 -23.74 25.50 24.24
CA LEU A 568 -24.25 26.75 24.80
C LEU A 568 -25.43 27.35 24.04
N GLU A 569 -26.30 28.07 24.75
CA GLU A 569 -27.57 28.59 24.24
C GLU A 569 -27.44 29.39 22.94
N MET A 570 -28.52 29.44 22.18
CA MET A 570 -28.62 30.26 20.99
C MET A 570 -29.44 31.51 21.32
N LEU A 571 -29.28 32.54 20.50
CA LEU A 571 -29.88 33.84 20.77
C LEU A 571 -30.64 34.33 19.55
N SER A 572 -31.53 35.28 19.80
CA SER A 572 -32.27 36.01 18.77
C SER A 572 -33.03 37.14 19.46
N SER A 573 -33.04 38.32 18.82
CA SER A 573 -33.58 39.53 19.42
C SER A 573 -32.87 39.85 20.73
N THR A 574 -31.58 40.16 20.57
CA THR A 574 -30.66 40.34 21.68
C THR A 574 -31.10 41.46 22.62
N LYS A 575 -30.99 41.20 23.92
CA LYS A 575 -31.22 42.20 24.97
C LYS A 575 -30.00 42.45 25.82
N TYR A 576 -29.32 41.39 26.29
CA TYR A 576 -28.06 41.49 27.02
C TYR A 576 -26.96 41.66 25.97
N PRO A 577 -25.64 41.72 26.36
CA PRO A 577 -24.57 41.95 25.38
C PRO A 577 -24.79 41.36 23.99
N VAL A 578 -24.66 42.22 22.98
CA VAL A 578 -25.16 41.91 21.64
C VAL A 578 -24.06 41.32 20.75
N VAL A 579 -22.95 42.05 20.58
CA VAL A 579 -21.87 41.55 19.73
C VAL A 579 -20.92 40.63 20.48
N PHE A 580 -21.06 40.54 21.81
CA PHE A 580 -20.22 39.63 22.58
C PHE A 580 -20.58 38.18 22.27
N ILE A 581 -21.87 37.88 22.13
CA ILE A 581 -22.31 36.49 22.01
C ILE A 581 -21.88 35.89 20.68
N ILE A 582 -21.92 36.69 19.61
CA ILE A 582 -21.55 36.16 18.30
C ILE A 582 -20.06 35.85 18.26
N LEU A 583 -19.24 36.74 18.83
CA LEU A 583 -17.82 36.45 18.96
C LEU A 583 -17.59 35.20 19.78
N LEU A 584 -18.29 35.07 20.91
CA LEU A 584 -18.11 33.91 21.77
C LEU A 584 -18.42 32.62 21.01
N VAL A 585 -19.54 32.59 20.30
CA VAL A 585 -19.94 31.35 19.63
C VAL A 585 -18.98 31.03 18.49
N THR A 586 -18.60 32.03 17.68
CA THR A 586 -17.68 31.73 16.59
C THR A 586 -16.32 31.30 17.11
N TYR A 587 -15.85 31.88 18.21
CA TYR A 587 -14.56 31.46 18.77
C TYR A 587 -14.64 30.02 19.28
N ILE A 588 -15.67 29.70 20.07
CA ILE A 588 -15.75 28.35 20.62
C ILE A 588 -15.95 27.33 19.51
N ILE A 589 -16.63 27.71 18.42
CA ILE A 589 -16.71 26.82 17.28
C ILE A 589 -15.34 26.62 16.66
N LEU A 590 -14.58 27.70 16.50
CA LEU A 590 -13.23 27.60 15.94
C LEU A 590 -12.39 26.63 16.77
N THR A 591 -12.31 26.86 18.08
CA THR A 591 -11.38 26.11 18.91
C THR A 591 -11.91 24.72 19.28
N PHE A 592 -13.23 24.57 19.38
CA PHE A 592 -13.79 23.31 19.86
C PHE A 592 -14.52 22.51 18.78
N VAL A 593 -14.38 22.85 17.51
CA VAL A 593 -14.93 22.03 16.44
C VAL A 593 -13.86 21.77 15.39
N LEU A 594 -12.74 22.50 15.48
CA LEU A 594 -11.65 22.31 14.53
C LEU A 594 -10.36 21.86 15.18
N LEU A 595 -9.89 22.57 16.23
CA LEU A 595 -8.56 22.34 16.76
C LEU A 595 -8.38 20.91 17.25
N LEU A 596 -9.22 20.48 18.19
CA LEU A 596 -9.15 19.10 18.66
C LEU A 596 -9.43 18.14 17.53
N ASN A 597 -10.29 18.52 16.58
CA ASN A 597 -10.50 17.69 15.41
C ASN A 597 -9.27 17.69 14.50
N MET A 598 -8.59 18.82 14.40
CA MET A 598 -7.30 18.84 13.71
C MET A 598 -6.38 17.80 14.31
N LEU A 599 -6.30 17.76 15.64
CA LEU A 599 -5.43 16.80 16.31
C LEU A 599 -5.92 15.37 16.18
N ILE A 600 -7.24 15.16 16.13
CA ILE A 600 -7.77 13.81 15.95
C ILE A 600 -7.38 13.28 14.58
N ALA A 601 -7.53 14.11 13.54
CA ALA A 601 -7.08 13.71 12.21
C ALA A 601 -5.58 13.50 12.19
N LEU A 602 -4.83 14.32 12.94
CA LEU A 602 -3.38 14.15 13.01
C LEU A 602 -3.02 12.80 13.62
N MET A 603 -3.69 12.41 14.71
CA MET A 603 -3.54 11.06 15.24
C MET A 603 -3.84 10.01 14.18
N GLY A 604 -5.03 10.09 13.59
CA GLY A 604 -5.45 9.08 12.64
C GLY A 604 -4.50 8.91 11.47
N GLU A 605 -3.78 9.97 11.11
CA GLU A 605 -2.82 9.84 10.03
C GLU A 605 -1.44 9.40 10.52
N THR A 606 -1.04 9.79 11.74
CA THR A 606 0.29 9.48 12.21
C THR A 606 0.42 8.08 12.78
N VAL A 607 -0.70 7.41 13.09
CA VAL A 607 -0.62 6.07 13.67
C VAL A 607 -0.12 5.04 12.68
N GLY A 608 -0.22 5.30 11.37
CA GLY A 608 0.21 4.33 10.39
C GLY A 608 1.69 4.34 10.08
N GLN A 609 2.53 4.71 11.04
CA GLN A 609 3.96 4.78 10.77
C GLN A 609 4.71 3.53 11.22
N VAL A 610 4.07 2.69 12.03
CA VAL A 610 4.72 1.47 12.51
C VAL A 610 4.90 0.49 11.36
N SER A 611 6.14 0.33 10.91
CA SER A 611 6.46 -0.59 9.82
C SER A 611 7.36 -1.72 10.28
N LYS A 612 8.51 -1.41 10.87
CA LYS A 612 9.42 -2.42 11.39
C LYS A 612 9.62 -2.31 12.89
N GLU A 613 9.31 -1.17 13.50
CA GLU A 613 9.59 -0.91 14.91
C GLU A 613 8.62 -1.59 15.86
N SER A 614 7.87 -2.59 15.40
CA SER A 614 7.14 -3.45 16.33
C SER A 614 8.01 -4.64 16.72
N LYS A 615 8.35 -5.50 15.76
CA LYS A 615 9.30 -6.56 16.01
C LYS A 615 10.68 -5.98 16.34
N HIS A 616 11.02 -4.84 15.72
CA HIS A 616 12.31 -4.22 15.94
C HIS A 616 12.45 -3.69 17.35
N ILE A 617 11.47 -2.91 17.84
CA ILE A 617 11.53 -2.46 19.23
C ILE A 617 11.34 -3.63 20.18
N TRP A 618 10.67 -4.69 19.74
CA TRP A 618 10.55 -5.89 20.57
C TRP A 618 11.93 -6.51 20.83
N LYS A 619 12.68 -6.78 19.76
CA LYS A 619 14.02 -7.32 19.94
C LYS A 619 14.99 -6.28 20.48
N LEU A 620 14.69 -4.99 20.33
CA LEU A 620 15.51 -3.97 20.97
C LEU A 620 15.33 -3.99 22.47
N GLN A 621 14.09 -4.15 22.92
CA GLN A 621 13.82 -4.44 24.32
C GLN A 621 14.58 -5.68 24.76
N TRP A 622 14.48 -6.75 23.97
CA TRP A 622 15.28 -7.94 24.22
C TRP A 622 16.73 -7.56 24.50
N ALA A 623 17.34 -6.87 23.55
CA ALA A 623 18.75 -6.51 23.67
C ALA A 623 19.02 -5.73 24.94
N THR A 624 18.41 -4.55 25.07
CA THR A 624 18.62 -3.69 26.22
C THR A 624 18.48 -4.49 27.52
N THR A 625 17.30 -5.06 27.74
CA THR A 625 17.00 -5.76 28.97
C THR A 625 17.98 -6.89 29.20
N ILE A 626 17.95 -7.91 28.35
CA ILE A 626 18.77 -9.10 28.48
C ILE A 626 20.23 -8.75 28.77
N LEU A 627 20.79 -7.79 28.03
CA LEU A 627 22.20 -7.50 28.21
C LEU A 627 22.46 -6.80 29.53
N ASP A 628 21.58 -5.87 29.96
CA ASP A 628 21.80 -5.29 31.28
C ASP A 628 21.57 -6.31 32.37
N ILE A 629 20.67 -7.26 32.14
CA ILE A 629 20.47 -8.37 33.07
C ILE A 629 21.76 -9.13 33.26
N GLU A 630 22.38 -9.54 32.15
CA GLU A 630 23.71 -10.15 32.24
C GLU A 630 24.68 -9.22 32.96
N ARG A 631 24.63 -7.93 32.66
CA ARG A 631 25.49 -6.92 33.27
C ARG A 631 25.23 -6.74 34.77
N SER A 632 24.14 -7.26 35.29
CA SER A 632 23.76 -7.02 36.68
C SER A 632 24.35 -8.05 37.64
N PHE A 633 24.50 -9.29 37.22
CA PHE A 633 24.98 -10.33 38.11
C PHE A 633 26.29 -10.91 37.58
N PRO A 634 27.06 -11.63 38.42
CA PRO A 634 28.33 -12.21 37.95
C PRO A 634 28.19 -13.01 36.66
N VAL A 635 28.84 -12.53 35.60
CA VAL A 635 28.79 -13.24 34.33
C VAL A 635 29.78 -14.41 34.29
N PHE A 636 30.86 -14.34 35.05
CA PHE A 636 31.84 -15.43 35.06
C PHE A 636 31.20 -16.75 35.47
N LEU A 637 30.04 -16.72 36.11
CA LEU A 637 29.29 -17.92 36.44
C LEU A 637 28.97 -18.70 35.18
N ARG A 638 28.53 -19.95 35.34
CA ARG A 638 28.24 -20.79 34.17
C ARG A 638 27.06 -20.23 33.40
N LYS A 639 27.32 -19.60 32.26
CA LYS A 639 26.33 -18.86 31.52
C LYS A 639 26.23 -19.40 30.10
N ALA A 640 25.58 -18.62 29.24
CA ALA A 640 25.37 -18.97 27.84
C ALA A 640 26.65 -18.74 27.05
N PHE A 641 26.55 -18.68 25.72
CA PHE A 641 27.67 -18.57 24.80
C PHE A 641 28.72 -19.64 25.12
N ARG A 642 28.33 -20.87 24.85
CA ARG A 642 29.04 -22.05 25.29
C ARG A 642 30.41 -22.16 24.61
N SER A 643 31.12 -23.24 24.89
CA SER A 643 32.50 -23.41 24.46
C SER A 643 32.56 -23.77 22.97
N GLY A 644 33.73 -24.22 22.52
CA GLY A 644 33.87 -24.57 21.13
C GLY A 644 34.99 -25.57 20.94
N GLU A 645 35.25 -25.88 19.66
CA GLU A 645 36.28 -26.83 19.28
C GLU A 645 37.66 -26.37 19.75
N MET A 646 38.57 -27.33 19.88
CA MET A 646 39.84 -27.16 20.56
C MET A 646 40.86 -26.44 19.65
N VAL A 647 42.14 -26.51 20.04
CA VAL A 647 43.21 -25.72 19.43
C VAL A 647 43.42 -26.10 17.97
N THR A 648 44.14 -25.24 17.25
CA THR A 648 44.61 -25.42 15.88
C THR A 648 43.44 -25.29 14.90
N VAL A 649 42.23 -25.25 15.43
CA VAL A 649 41.05 -24.84 14.69
C VAL A 649 40.33 -23.88 15.63
N GLY A 650 40.94 -23.65 16.79
CA GLY A 650 40.43 -22.74 17.79
C GLY A 650 41.50 -21.89 18.43
N LYS A 651 42.51 -21.48 17.65
CA LYS A 651 43.70 -20.82 18.19
C LYS A 651 44.00 -19.61 17.31
N SER A 652 45.21 -19.05 17.47
CA SER A 652 45.68 -17.90 16.71
C SER A 652 44.80 -16.68 16.96
N SER A 653 44.90 -16.22 18.21
CA SER A 653 43.90 -15.35 18.82
C SER A 653 43.57 -14.08 18.05
N ASP A 654 42.36 -14.06 17.48
CA ASP A 654 41.53 -12.86 17.60
C ASP A 654 40.81 -12.91 18.94
N GLY A 655 40.79 -14.10 19.54
CA GLY A 655 40.35 -14.37 20.89
C GLY A 655 40.62 -15.79 21.36
N THR A 656 40.85 -15.77 22.75
CA THR A 656 40.40 -16.54 23.96
C THR A 656 41.23 -17.84 24.14
N PRO A 657 40.71 -19.05 24.48
CA PRO A 657 41.62 -20.17 24.40
C PRO A 657 41.40 -21.16 23.25
N ASP A 658 41.95 -22.36 23.39
CA ASP A 658 41.81 -23.40 22.39
C ASP A 658 40.34 -23.61 22.01
N ARG A 659 39.42 -23.62 23.04
CA ARG A 659 38.02 -23.66 22.75
C ARG A 659 37.63 -22.55 21.80
N ARG A 660 38.15 -21.34 22.02
CA ARG A 660 37.84 -20.18 21.20
C ARG A 660 36.33 -20.07 21.00
N TRP A 661 35.65 -19.83 22.12
CA TRP A 661 34.21 -20.00 22.24
C TRP A 661 33.45 -19.57 21.00
N CYS A 662 32.67 -20.48 20.45
CA CYS A 662 31.84 -20.23 19.28
C CYS A 662 30.41 -20.67 19.51
N PHE A 663 29.57 -20.36 18.53
CA PHE A 663 28.22 -20.88 18.47
C PHE A 663 28.08 -21.78 17.25
N ARG A 664 27.16 -22.74 17.30
CA ARG A 664 26.91 -23.64 16.19
C ARG A 664 25.48 -23.45 15.68
N VAL A 665 25.35 -23.04 14.43
CA VAL A 665 24.06 -22.94 13.77
C VAL A 665 23.98 -24.02 12.69
N ASP A 666 22.83 -24.67 12.61
CA ASP A 666 22.62 -25.78 11.68
C ASP A 666 21.86 -25.26 10.47
N GLU A 667 22.58 -25.00 9.39
CA GLU A 667 21.96 -24.51 8.17
C GLU A 667 21.54 -25.70 7.30
N VAL A 668 20.56 -25.46 6.44
CA VAL A 668 20.08 -26.47 5.51
C VAL A 668 20.19 -25.91 4.10
N ASN A 669 20.86 -26.66 3.22
CA ASN A 669 21.01 -26.23 1.84
C ASN A 669 21.22 -27.46 0.97
N TRP A 670 20.85 -27.33 -0.30
CA TRP A 670 20.91 -28.44 -1.25
C TRP A 670 21.66 -27.96 -2.49
N SER A 671 22.74 -28.66 -2.82
CA SER A 671 23.56 -28.30 -3.98
C SER A 671 24.58 -29.39 -4.29
N VAL B 33 -5.30 27.45 -66.65
CA VAL B 33 -5.26 27.61 -68.09
C VAL B 33 -6.68 27.82 -68.62
N PHE B 34 -7.52 26.81 -68.45
CA PHE B 34 -8.93 26.95 -68.79
C PHE B 34 -9.78 27.32 -67.59
N ASN B 35 -9.34 26.94 -66.39
CA ASN B 35 -9.96 27.34 -65.14
C ASN B 35 -9.04 26.93 -64.00
N ARG B 36 -9.35 27.40 -62.79
CA ARG B 36 -8.63 26.91 -61.63
C ARG B 36 -8.79 25.41 -61.46
N PRO B 37 -9.99 24.83 -61.52
CA PRO B 37 -10.12 23.38 -61.32
C PRO B 37 -9.25 22.52 -62.22
N ILE B 38 -9.18 22.80 -63.52
CA ILE B 38 -8.48 21.89 -64.42
C ILE B 38 -7.01 21.79 -64.05
N LEU B 39 -6.38 22.91 -63.69
CA LEU B 39 -4.97 22.86 -63.35
C LEU B 39 -4.75 22.17 -62.00
N PHE B 40 -5.65 22.39 -61.05
CA PHE B 40 -5.60 21.65 -59.80
C PHE B 40 -5.66 20.15 -60.05
N ASP B 41 -6.54 19.72 -60.95
CA ASP B 41 -6.62 18.30 -61.28
C ASP B 41 -5.32 17.83 -61.92
N ILE B 42 -4.82 18.59 -62.89
CA ILE B 42 -3.56 18.27 -63.56
C ILE B 42 -2.47 17.99 -62.53
N VAL B 43 -2.29 18.93 -61.59
CA VAL B 43 -1.16 18.82 -60.68
C VAL B 43 -1.42 17.73 -59.64
N SER B 44 -2.64 17.65 -59.10
CA SER B 44 -2.96 16.61 -58.14
C SER B 44 -2.75 15.22 -58.73
N ARG B 45 -2.92 15.10 -60.04
CA ARG B 45 -2.55 13.86 -60.71
C ARG B 45 -1.07 13.58 -60.53
N GLY B 46 -0.22 14.57 -60.82
CA GLY B 46 1.21 14.44 -60.65
C GLY B 46 2.01 14.36 -61.93
N SER B 47 1.38 14.47 -63.09
CA SER B 47 2.07 14.38 -64.37
C SER B 47 1.73 15.59 -65.22
N THR B 48 2.76 16.22 -65.78
CA THR B 48 2.58 17.38 -66.66
C THR B 48 2.02 17.01 -68.03
N ALA B 49 1.67 15.74 -68.25
CA ALA B 49 1.12 15.33 -69.54
C ALA B 49 -0.04 16.22 -69.97
N ASP B 50 -0.88 16.64 -69.02
CA ASP B 50 -1.95 17.58 -69.30
C ASP B 50 -1.53 19.02 -69.11
N LEU B 51 -0.28 19.26 -68.71
CA LEU B 51 0.23 20.62 -68.52
C LEU B 51 1.17 21.03 -69.64
N ASP B 52 1.81 20.08 -70.32
CA ASP B 52 2.69 20.40 -71.42
C ASP B 52 1.98 21.24 -72.47
N GLY B 53 2.67 22.25 -72.99
CA GLY B 53 2.09 23.13 -73.98
C GLY B 53 1.06 24.09 -73.45
N LEU B 54 0.90 24.21 -72.14
CA LEU B 54 -0.04 25.17 -71.60
C LEU B 54 0.61 26.54 -71.41
N LEU B 55 1.91 26.54 -71.11
CA LEU B 55 2.63 27.81 -70.97
C LEU B 55 2.62 28.69 -72.23
N PRO B 56 2.67 28.16 -73.46
CA PRO B 56 2.52 29.06 -74.60
C PRO B 56 1.15 29.68 -74.68
N PHE B 57 0.11 29.00 -74.20
CA PHE B 57 -1.19 29.64 -74.08
C PHE B 57 -1.16 30.72 -73.01
N LEU B 58 -0.55 30.42 -71.87
CA LEU B 58 -0.45 31.39 -70.78
C LEU B 58 0.19 32.68 -71.26
N LEU B 59 1.31 32.56 -71.99
CA LEU B 59 1.94 33.75 -72.56
C LEU B 59 1.12 34.33 -73.70
N THR B 60 0.37 33.49 -74.43
CA THR B 60 -0.40 33.95 -75.58
C THR B 60 -1.47 34.94 -75.14
N HIS B 61 -2.34 34.54 -74.22
CA HIS B 61 -3.35 35.42 -73.67
C HIS B 61 -2.86 36.17 -72.45
N LYS B 62 -1.55 36.44 -72.38
CA LYS B 62 -0.88 37.15 -71.29
C LYS B 62 -1.25 36.60 -69.92
N LYS B 63 -1.73 35.36 -69.87
CA LYS B 63 -2.15 34.76 -68.62
C LYS B 63 -0.95 34.54 -67.71
N ARG B 64 -0.81 35.41 -66.70
CA ARG B 64 0.26 35.28 -65.72
C ARG B 64 -0.22 34.35 -64.62
N LEU B 65 0.41 33.18 -64.51
CA LEU B 65 0.02 32.22 -63.48
C LEU B 65 0.01 32.84 -62.09
N THR B 66 0.67 33.98 -61.91
CA THR B 66 0.56 34.75 -60.68
C THR B 66 -0.87 35.19 -60.42
N ASP B 67 -1.70 35.26 -61.47
CA ASP B 67 -3.05 35.77 -61.33
C ASP B 67 -3.82 35.02 -60.25
N GLU B 68 -4.74 35.74 -59.60
CA GLU B 68 -5.39 35.27 -58.38
C GLU B 68 -6.67 34.49 -58.65
N GLU B 69 -7.32 34.74 -59.79
CA GLU B 69 -8.56 34.05 -60.09
C GLU B 69 -8.41 32.53 -60.04
N PHE B 70 -7.21 32.03 -60.32
CA PHE B 70 -6.91 30.61 -60.23
C PHE B 70 -6.71 30.14 -58.81
N ARG B 71 -7.07 30.97 -57.83
CA ARG B 71 -7.06 30.59 -56.44
C ARG B 71 -8.49 30.55 -55.92
N GLU B 72 -8.86 29.47 -55.27
CA GLU B 72 -10.17 29.42 -54.65
C GLU B 72 -10.23 30.48 -53.56
N PRO B 73 -11.09 31.50 -53.72
CA PRO B 73 -11.03 32.66 -52.83
C PRO B 73 -11.39 32.37 -51.39
N SER B 74 -11.77 31.11 -51.10
CA SER B 74 -12.07 30.74 -49.72
C SER B 74 -10.87 30.99 -48.81
N THR B 75 -9.68 30.67 -49.28
CA THR B 75 -8.46 30.92 -48.50
C THR B 75 -7.41 31.70 -49.29
N GLY B 76 -7.27 31.43 -50.58
CA GLY B 76 -6.25 32.08 -51.39
C GLY B 76 -5.17 31.15 -51.90
N LYS B 77 -5.20 29.86 -51.55
CA LYS B 77 -4.18 28.93 -52.01
C LYS B 77 -4.07 28.98 -53.53
N THR B 78 -2.83 28.89 -54.01
CA THR B 78 -2.51 29.07 -55.41
C THR B 78 -2.00 27.74 -55.97
N CYS B 79 -1.52 27.77 -57.22
CA CYS B 79 -1.06 26.55 -57.88
C CYS B 79 -0.01 25.83 -57.03
N LEU B 80 0.93 26.58 -56.47
CA LEU B 80 2.07 25.99 -55.79
C LEU B 80 1.70 25.33 -54.47
N PRO B 81 0.97 26.00 -53.56
CA PRO B 81 0.61 25.30 -52.32
C PRO B 81 -0.35 24.15 -52.55
N LYS B 82 -1.31 24.32 -53.46
CA LYS B 82 -2.19 23.20 -53.80
C LYS B 82 -1.39 22.04 -54.36
N ALA B 83 -0.36 22.34 -55.15
CA ALA B 83 0.55 21.33 -55.67
C ALA B 83 1.24 20.59 -54.54
N LEU B 84 1.98 21.33 -53.73
CA LEU B 84 2.79 20.71 -52.70
C LEU B 84 1.96 20.01 -51.65
N LEU B 85 0.70 20.43 -51.47
CA LEU B 85 -0.19 19.76 -50.55
C LEU B 85 -0.35 18.29 -50.90
N ASN B 86 -0.35 17.98 -52.20
CA ASN B 86 -0.38 16.61 -52.66
C ASN B 86 1.05 16.15 -52.91
N LEU B 87 1.43 15.03 -52.30
CA LEU B 87 2.80 14.54 -52.41
C LEU B 87 2.80 13.02 -52.42
N SER B 88 3.37 12.44 -53.47
CA SER B 88 3.54 11.00 -53.60
C SER B 88 5.03 10.69 -53.51
N ASN B 89 5.43 9.96 -52.46
CA ASN B 89 6.80 9.58 -52.18
C ASN B 89 7.71 10.77 -51.94
N GLY B 90 7.16 11.98 -51.88
CA GLY B 90 7.97 13.18 -51.81
C GLY B 90 8.35 13.77 -53.14
N ARG B 91 7.69 13.36 -54.23
CA ARG B 91 8.04 13.85 -55.56
C ARG B 91 6.77 13.96 -56.38
N ASN B 92 6.34 15.19 -56.63
CA ASN B 92 5.30 15.52 -57.61
C ASN B 92 6.01 16.35 -58.66
N ASP B 93 6.58 15.65 -59.65
CA ASP B 93 7.63 16.22 -60.48
C ASP B 93 7.12 17.19 -61.52
N THR B 94 5.89 17.67 -61.41
CA THR B 94 5.45 18.82 -62.18
C THR B 94 5.82 20.14 -61.52
N ILE B 95 6.18 20.12 -60.24
CA ILE B 95 6.51 21.35 -59.54
C ILE B 95 7.63 22.13 -60.22
N PRO B 96 8.79 21.54 -60.52
CA PRO B 96 9.82 22.32 -61.22
C PRO B 96 9.35 22.82 -62.57
N VAL B 97 8.50 22.05 -63.26
CA VAL B 97 7.91 22.53 -64.50
C VAL B 97 7.03 23.75 -64.24
N LEU B 98 6.26 23.71 -63.16
CA LEU B 98 5.38 24.83 -62.85
C LEU B 98 6.18 26.08 -62.52
N LEU B 99 7.32 25.90 -61.85
CA LEU B 99 8.17 27.05 -61.56
C LEU B 99 8.86 27.55 -62.83
N ASP B 100 9.21 26.64 -63.74
CA ASP B 100 9.65 27.04 -65.06
C ASP B 100 8.60 27.89 -65.75
N ILE B 101 7.33 27.54 -65.58
CA ILE B 101 6.26 28.36 -66.14
C ILE B 101 6.22 29.72 -65.46
N ALA B 102 6.38 29.74 -64.14
CA ALA B 102 6.38 30.99 -63.39
C ALA B 102 7.46 31.93 -63.90
N GLU B 103 8.64 31.39 -64.21
CA GLU B 103 9.69 32.22 -64.77
C GLU B 103 9.49 32.50 -66.26
N ARG B 104 8.70 31.68 -66.95
CA ARG B 104 8.25 32.06 -68.29
C ARG B 104 7.41 33.33 -68.22
N THR B 105 6.56 33.44 -67.20
CA THR B 105 5.94 34.72 -66.92
C THR B 105 6.97 35.75 -66.50
N GLY B 106 8.11 35.30 -66.00
CA GLY B 106 9.13 36.16 -65.45
C GLY B 106 8.98 36.45 -63.98
N ASN B 107 8.02 35.81 -63.30
CA ASN B 107 7.70 36.13 -61.92
C ASN B 107 7.85 34.88 -61.06
N MET B 108 8.71 34.98 -60.06
CA MET B 108 8.73 34.04 -58.93
C MET B 108 8.37 34.72 -57.62
N ARG B 109 8.82 35.97 -57.44
CA ARG B 109 8.59 36.66 -56.17
C ARG B 109 7.10 36.72 -55.82
N GLU B 110 6.29 37.32 -56.69
CA GLU B 110 4.85 37.29 -56.46
C GLU B 110 4.33 35.86 -56.39
N PHE B 111 4.89 34.96 -57.19
CA PHE B 111 4.42 33.59 -57.19
C PHE B 111 4.80 32.89 -55.89
N ILE B 112 6.10 32.80 -55.59
CA ILE B 112 6.52 32.04 -54.42
C ILE B 112 6.11 32.71 -53.11
N ASN B 113 5.55 33.90 -53.18
CA ASN B 113 4.97 34.58 -52.01
C ASN B 113 3.46 34.72 -52.25
N SER B 114 2.73 33.67 -51.90
CA SER B 114 1.27 33.63 -51.99
C SER B 114 0.76 33.14 -50.65
N PRO B 115 0.71 34.01 -49.65
CA PRO B 115 0.30 33.58 -48.32
C PRO B 115 -1.19 33.35 -48.23
N PHE B 116 -1.59 32.36 -47.44
CA PHE B 116 -3.00 32.10 -47.23
C PHE B 116 -3.63 33.23 -46.43
N ARG B 117 -4.85 33.63 -46.82
CA ARG B 117 -5.52 34.78 -46.23
C ARG B 117 -6.88 34.36 -45.69
N ASP B 118 -6.95 34.14 -44.39
CA ASP B 118 -8.19 33.90 -43.65
C ASP B 118 -7.83 33.97 -42.16
N ILE B 119 -8.78 33.61 -41.30
CA ILE B 119 -8.48 33.54 -39.88
C ILE B 119 -7.94 32.17 -39.48
N TYR B 120 -8.30 31.12 -40.21
CA TYR B 120 -7.86 29.77 -39.89
C TYR B 120 -6.40 29.56 -40.32
N TYR B 121 -6.13 29.73 -41.61
CA TYR B 121 -4.78 29.67 -42.16
C TYR B 121 -4.42 31.06 -42.68
N ARG B 122 -3.65 31.79 -41.89
CA ARG B 122 -3.18 33.12 -42.28
C ARG B 122 -1.70 33.04 -42.60
N GLY B 123 -1.28 33.76 -43.64
CA GLY B 123 0.10 33.70 -44.08
C GLY B 123 0.46 32.34 -44.64
N GLN B 124 1.42 31.67 -44.03
CA GLN B 124 1.81 30.31 -44.38
C GLN B 124 2.24 30.22 -45.85
N THR B 125 3.36 30.87 -46.13
CA THR B 125 3.99 30.73 -47.43
C THR B 125 4.32 29.26 -47.70
N ALA B 126 4.15 28.85 -48.96
CA ALA B 126 4.29 27.46 -49.39
C ALA B 126 5.50 26.78 -48.76
N LEU B 127 6.58 27.56 -48.56
CA LEU B 127 7.78 27.02 -47.95
C LEU B 127 7.47 26.32 -46.63
N HIS B 128 6.56 26.90 -45.85
CA HIS B 128 6.15 26.24 -44.60
C HIS B 128 5.64 24.83 -44.88
N ILE B 129 4.79 24.69 -45.88
CA ILE B 129 4.19 23.39 -46.19
C ILE B 129 5.26 22.43 -46.67
N ALA B 130 6.11 22.89 -47.60
CA ALA B 130 7.17 22.04 -48.12
C ALA B 130 8.05 21.52 -46.99
N ILE B 131 8.43 22.41 -46.07
CA ILE B 131 9.25 22.00 -44.94
C ILE B 131 8.49 21.02 -44.05
N GLU B 132 7.18 21.26 -43.87
CA GLU B 132 6.37 20.36 -43.05
C GLU B 132 6.39 18.95 -43.61
N ARG B 133 6.22 18.82 -44.92
CA ARG B 133 6.24 17.51 -45.54
C ARG B 133 7.65 16.95 -45.69
N ARG B 134 8.68 17.77 -45.48
CA ARG B 134 10.05 17.31 -45.35
C ARG B 134 10.58 16.59 -46.58
N CYS B 135 10.63 17.28 -47.72
CA CYS B 135 11.37 16.82 -48.89
C CYS B 135 12.47 17.84 -49.14
N LYS B 136 13.64 17.58 -48.55
CA LYS B 136 14.75 18.52 -48.62
C LYS B 136 15.10 18.93 -50.04
N HIS B 137 14.70 18.16 -51.04
CA HIS B 137 14.97 18.53 -52.42
C HIS B 137 14.17 19.76 -52.82
N TYR B 138 12.84 19.69 -52.65
CA TYR B 138 12.01 20.85 -52.95
C TYR B 138 12.36 22.01 -52.03
N VAL B 139 12.77 21.73 -50.80
CA VAL B 139 13.29 22.79 -49.93
C VAL B 139 14.46 23.48 -50.60
N GLU B 140 15.45 22.68 -51.03
CA GLU B 140 16.61 23.22 -51.72
C GLU B 140 16.20 24.13 -52.86
N LEU B 141 15.30 23.63 -53.71
CA LEU B 141 14.90 24.42 -54.86
C LEU B 141 14.24 25.72 -54.42
N LEU B 142 13.11 25.61 -53.73
CA LEU B 142 12.35 26.79 -53.29
C LEU B 142 13.26 27.83 -52.67
N VAL B 143 14.16 27.42 -51.78
CA VAL B 143 15.05 28.38 -51.14
C VAL B 143 16.04 28.94 -52.16
N ALA B 144 16.48 28.12 -53.12
CA ALA B 144 17.46 28.57 -54.08
C ALA B 144 16.89 29.67 -54.97
N GLN B 145 15.76 29.37 -55.63
CA GLN B 145 15.06 30.42 -56.34
C GLN B 145 14.73 31.59 -55.41
N GLY B 146 14.45 31.28 -54.15
CA GLY B 146 14.40 32.26 -53.09
C GLY B 146 12.99 32.69 -52.78
N ALA B 147 12.37 32.05 -51.79
CA ALA B 147 11.04 32.47 -51.40
C ALA B 147 11.09 33.57 -50.36
N ASP B 148 11.46 33.17 -49.16
CA ASP B 148 11.63 34.02 -47.99
C ASP B 148 12.05 33.09 -46.86
N VAL B 149 12.84 33.58 -45.93
CA VAL B 149 13.15 32.77 -44.76
C VAL B 149 12.38 33.36 -43.59
N HIS B 150 11.30 34.06 -43.90
CA HIS B 150 10.46 34.68 -42.89
C HIS B 150 9.03 34.76 -43.42
N ALA B 151 8.11 34.12 -42.72
CA ALA B 151 6.68 34.25 -43.01
C ALA B 151 5.94 33.90 -41.73
N GLN B 152 5.40 34.91 -41.05
CA GLN B 152 4.86 34.73 -39.71
C GLN B 152 3.40 34.33 -39.82
N ALA B 153 3.17 33.04 -40.06
CA ALA B 153 1.83 32.52 -40.25
C ALA B 153 1.08 32.56 -38.92
N ARG B 154 0.27 33.59 -38.73
CA ARG B 154 -0.43 33.81 -37.46
C ARG B 154 -1.89 33.37 -37.51
N GLY B 155 -2.24 32.51 -38.45
CA GLY B 155 -3.58 31.94 -38.45
C GLY B 155 -3.87 31.23 -37.14
N ARG B 156 -5.10 31.40 -36.65
CA ARG B 156 -5.47 30.84 -35.36
C ARG B 156 -5.14 29.36 -35.25
N PHE B 157 -5.08 28.66 -36.38
CA PHE B 157 -4.61 27.27 -36.38
C PHE B 157 -3.21 27.15 -35.78
N PHE B 158 -2.39 28.19 -35.91
CA PHE B 158 -1.01 28.16 -35.48
C PHE B 158 -0.81 28.72 -34.08
N GLN B 159 -1.87 29.07 -33.38
CA GLN B 159 -1.75 29.52 -32.00
C GLN B 159 -1.54 28.32 -31.09
N PRO B 160 -1.12 28.55 -29.84
CA PRO B 160 -1.05 27.44 -28.89
C PRO B 160 -2.43 26.86 -28.63
N LYS B 161 -2.44 25.67 -28.02
CA LYS B 161 -3.67 24.92 -27.84
C LYS B 161 -4.58 25.49 -26.76
N ASP B 162 -4.28 26.69 -26.26
CA ASP B 162 -5.15 27.35 -25.29
C ASP B 162 -5.75 28.64 -25.86
N GLU B 163 -5.56 28.91 -27.15
CA GLU B 163 -6.21 30.02 -27.84
C GLU B 163 -6.94 29.50 -29.06
N GLY B 164 -7.50 28.30 -28.95
CA GLY B 164 -8.11 27.63 -30.08
C GLY B 164 -7.12 27.09 -31.08
N GLY B 165 -5.83 27.31 -30.89
CA GLY B 165 -4.83 26.84 -31.82
C GLY B 165 -4.66 25.34 -31.79
N TYR B 166 -4.14 24.82 -32.88
CA TYR B 166 -3.88 23.39 -33.03
C TYR B 166 -2.40 23.04 -32.89
N PHE B 167 -1.51 23.90 -33.37
CA PHE B 167 -0.09 23.64 -33.28
C PHE B 167 0.66 24.96 -33.43
N TYR B 168 1.46 25.30 -32.42
CA TYR B 168 2.22 26.54 -32.40
C TYR B 168 3.70 26.19 -32.46
N PHE B 169 4.33 26.45 -33.60
CA PHE B 169 5.74 26.14 -33.79
C PHE B 169 6.66 27.34 -33.70
N GLY B 170 6.15 28.55 -33.96
CA GLY B 170 6.97 29.73 -33.84
C GLY B 170 6.90 30.67 -35.03
N GLU B 171 5.98 30.42 -35.94
CA GLU B 171 5.70 31.34 -37.05
C GLU B 171 6.95 31.68 -37.87
N LEU B 172 7.94 30.78 -37.87
CA LEU B 172 9.15 31.03 -38.63
C LEU B 172 9.62 29.74 -39.27
N PRO B 173 9.89 29.74 -40.58
CA PRO B 173 10.33 28.51 -41.24
C PRO B 173 11.46 27.81 -40.52
N LEU B 174 12.45 28.58 -40.06
CA LEU B 174 13.57 27.99 -39.33
C LEU B 174 13.08 27.27 -38.09
N SER B 175 12.30 27.96 -37.25
CA SER B 175 11.73 27.30 -36.08
C SER B 175 10.81 26.16 -36.49
N LEU B 176 10.17 26.29 -37.65
CA LEU B 176 9.29 25.22 -38.11
C LEU B 176 10.08 23.94 -38.36
N ALA B 177 11.26 24.06 -38.96
CA ALA B 177 12.12 22.90 -39.10
C ALA B 177 12.64 22.44 -37.75
N ALA B 178 12.93 23.41 -36.87
CA ALA B 178 13.49 23.07 -35.56
C ALA B 178 12.54 22.19 -34.75
N CYS B 179 11.34 22.70 -34.48
CA CYS B 179 10.36 21.94 -33.70
C CYS B 179 10.10 20.58 -34.34
N THR B 180 10.00 20.55 -35.66
CA THR B 180 9.68 19.32 -36.38
C THR B 180 10.85 18.36 -36.48
N ASN B 181 12.01 18.72 -35.92
CA ASN B 181 13.18 17.84 -35.85
C ASN B 181 13.66 17.43 -37.25
N GLN B 182 14.12 18.44 -37.98
CA GLN B 182 14.75 18.25 -39.29
C GLN B 182 16.11 18.93 -39.30
N PRO B 183 17.11 18.34 -38.64
CA PRO B 183 18.40 19.01 -38.48
C PRO B 183 19.03 19.48 -39.79
N HIS B 184 19.05 18.62 -40.81
CA HIS B 184 19.66 19.01 -42.07
C HIS B 184 19.04 20.28 -42.62
N ILE B 185 17.72 20.41 -42.51
CA ILE B 185 17.05 21.62 -42.95
C ILE B 185 17.55 22.81 -42.16
N VAL B 186 17.83 22.60 -40.88
CA VAL B 186 18.35 23.69 -40.05
C VAL B 186 19.73 24.13 -40.56
N ASN B 187 20.61 23.16 -40.79
CA ASN B 187 21.93 23.48 -41.32
C ASN B 187 21.83 24.23 -42.64
N TYR B 188 20.86 23.83 -43.48
CA TYR B 188 20.72 24.50 -44.77
C TYR B 188 20.22 25.93 -44.61
N LEU B 189 19.17 26.12 -43.81
CA LEU B 189 18.55 27.43 -43.72
C LEU B 189 19.41 28.43 -42.96
N THR B 190 20.10 27.95 -41.92
CA THR B 190 21.04 28.81 -41.20
C THR B 190 22.11 29.35 -42.14
N GLU B 191 22.72 28.48 -42.94
CA GLU B 191 23.77 28.89 -43.86
C GLU B 191 23.68 28.08 -45.13
N ASN B 192 23.80 28.76 -46.26
CA ASN B 192 23.79 28.16 -47.59
C ASN B 192 24.17 29.24 -48.60
N PRO B 193 24.75 28.86 -49.74
CA PRO B 193 25.17 29.88 -50.71
C PRO B 193 24.00 30.56 -51.39
N HIS B 194 23.08 31.08 -50.58
CA HIS B 194 21.91 31.80 -51.03
C HIS B 194 21.43 32.65 -49.86
N LYS B 195 20.20 33.15 -49.93
CA LYS B 195 19.56 33.71 -48.75
C LYS B 195 19.67 32.74 -47.59
N LYS B 196 19.90 33.27 -46.40
CA LYS B 196 19.94 32.44 -45.20
C LYS B 196 19.42 33.26 -44.03
N ALA B 197 18.79 32.58 -43.09
CA ALA B 197 18.14 33.25 -41.97
C ALA B 197 19.03 33.17 -40.73
N ASP B 198 18.91 34.21 -39.91
CA ASP B 198 19.53 34.22 -38.60
C ASP B 198 18.47 33.95 -37.54
N MET B 199 18.84 33.16 -36.56
CA MET B 199 17.92 32.92 -35.46
C MET B 199 17.68 34.17 -34.64
N ARG B 200 18.29 35.28 -35.05
CA ARG B 200 18.06 36.56 -34.40
C ARG B 200 16.58 36.93 -34.41
N ARG B 201 16.00 37.05 -35.60
CA ARG B 201 14.66 37.63 -35.75
C ARG B 201 13.63 36.87 -34.93
N GLN B 202 13.06 37.54 -33.93
CA GLN B 202 12.02 36.96 -33.12
C GLN B 202 10.70 36.92 -33.91
N ASP B 203 9.68 36.36 -33.29
CA ASP B 203 8.43 36.08 -33.96
C ASP B 203 7.45 37.24 -33.80
N SER B 204 6.20 37.02 -34.16
CA SER B 204 5.12 37.94 -33.85
C SER B 204 4.62 37.78 -32.42
N ARG B 205 5.32 36.99 -31.61
CA ARG B 205 5.00 36.84 -30.20
C ARG B 205 6.19 37.12 -29.30
N GLY B 206 7.25 37.74 -29.82
CA GLY B 206 8.43 38.05 -29.04
C GLY B 206 9.46 36.94 -28.98
N ASN B 207 9.11 35.74 -29.40
CA ASN B 207 9.97 34.58 -29.23
C ASN B 207 10.89 34.39 -30.43
N THR B 208 12.08 33.91 -30.16
CA THR B 208 12.98 33.34 -31.15
C THR B 208 12.93 31.83 -31.04
N VAL B 209 13.70 31.17 -31.91
CA VAL B 209 13.58 29.72 -32.09
C VAL B 209 13.78 28.96 -30.79
N LEU B 210 14.61 29.48 -29.89
CA LEU B 210 14.82 28.78 -28.62
C LEU B 210 13.54 28.74 -27.80
N HIS B 211 12.88 29.88 -27.66
CA HIS B 211 11.65 29.93 -26.86
C HIS B 211 10.61 28.99 -27.42
N ALA B 212 10.40 29.03 -28.73
CA ALA B 212 9.49 28.08 -29.37
C ALA B 212 9.91 26.65 -29.05
N LEU B 213 11.19 26.35 -29.24
CA LEU B 213 11.71 25.02 -28.95
C LEU B 213 11.38 24.58 -27.55
N VAL B 214 11.33 25.51 -26.60
CA VAL B 214 10.89 25.18 -25.25
C VAL B 214 9.37 25.01 -25.18
N ALA B 215 8.63 25.79 -25.98
CA ALA B 215 7.17 25.76 -25.89
C ALA B 215 6.63 24.37 -26.17
N ILE B 216 6.98 23.80 -27.31
CA ILE B 216 6.44 22.50 -27.72
C ILE B 216 7.25 21.37 -27.10
N ALA B 217 8.17 21.71 -26.21
CA ALA B 217 8.85 20.68 -25.47
C ALA B 217 7.84 19.96 -24.56
N ASP B 218 8.17 18.72 -24.21
CA ASP B 218 7.31 17.92 -23.36
C ASP B 218 8.19 17.15 -22.39
N ASN B 219 7.58 16.27 -21.60
CA ASN B 219 8.30 15.52 -20.60
C ASN B 219 8.47 14.04 -20.93
N THR B 220 7.81 13.53 -21.96
CA THR B 220 8.02 12.15 -22.37
C THR B 220 9.43 11.97 -22.91
N ARG B 221 9.94 10.75 -22.77
CA ARG B 221 11.32 10.44 -23.16
C ARG B 221 11.63 10.94 -24.57
N GLU B 222 10.77 10.60 -25.53
CA GLU B 222 10.99 10.99 -26.91
C GLU B 222 11.04 12.50 -27.04
N ASN B 223 10.05 13.20 -26.49
CA ASN B 223 9.98 14.64 -26.59
C ASN B 223 10.97 15.34 -25.68
N THR B 224 11.90 14.59 -25.10
CA THR B 224 13.06 15.16 -24.46
C THR B 224 14.35 14.88 -25.20
N LYS B 225 14.52 13.67 -25.73
CA LYS B 225 15.79 13.28 -26.31
C LYS B 225 16.20 14.22 -27.44
N PHE B 226 15.40 14.28 -28.51
CA PHE B 226 15.81 15.03 -29.69
C PHE B 226 15.92 16.52 -29.38
N VAL B 227 14.97 17.06 -28.62
CA VAL B 227 14.95 18.49 -28.34
C VAL B 227 16.16 18.89 -27.52
N THR B 228 16.58 18.01 -26.59
CA THR B 228 17.77 18.27 -25.80
C THR B 228 18.95 18.64 -26.67
N LYS B 229 19.33 17.76 -27.57
CA LYS B 229 20.49 18.00 -28.41
C LYS B 229 20.23 19.03 -29.50
N MET B 230 19.00 19.17 -29.98
CA MET B 230 18.71 20.17 -30.99
C MET B 230 18.91 21.58 -30.42
N TYR B 231 18.49 21.78 -29.18
CA TYR B 231 18.71 23.06 -28.52
C TYR B 231 20.19 23.41 -28.50
N ASP B 232 21.01 22.47 -28.03
CA ASP B 232 22.45 22.72 -27.94
C ASP B 232 23.05 22.95 -29.32
N LEU B 233 22.59 22.19 -30.32
CA LEU B 233 23.07 22.38 -31.68
C LEU B 233 22.85 23.81 -32.15
N LEU B 234 21.60 24.26 -32.09
CA LEU B 234 21.31 25.60 -32.59
C LEU B 234 21.98 26.66 -31.73
N LEU B 235 22.12 26.41 -30.43
CA LEU B 235 22.81 27.36 -29.56
C LEU B 235 24.26 27.52 -29.99
N LEU B 236 24.96 26.41 -30.18
CA LEU B 236 26.34 26.48 -30.66
C LEU B 236 26.42 27.13 -32.03
N LYS B 237 25.42 26.89 -32.88
CA LYS B 237 25.40 27.54 -34.19
C LYS B 237 25.38 29.05 -34.04
N CYS B 238 24.38 29.57 -33.32
CA CYS B 238 24.32 31.01 -33.07
C CYS B 238 25.58 31.52 -32.40
N ALA B 239 26.18 30.72 -31.53
CA ALA B 239 27.41 31.11 -30.87
C ALA B 239 28.52 31.34 -31.88
N ARG B 240 28.88 30.28 -32.61
CA ARG B 240 29.98 30.37 -33.57
C ARG B 240 29.74 31.47 -34.59
N LEU B 241 28.56 31.49 -35.19
CA LEU B 241 28.32 32.45 -36.26
C LEU B 241 28.07 33.87 -35.75
N PHE B 242 27.83 34.03 -34.45
CA PHE B 242 27.66 35.36 -33.85
C PHE B 242 28.49 35.43 -32.57
N PRO B 243 29.80 35.23 -32.65
CA PRO B 243 30.63 35.06 -31.45
C PRO B 243 30.94 36.38 -30.75
N ASP B 244 29.93 37.23 -30.61
CA ASP B 244 30.03 38.45 -29.84
C ASP B 244 29.03 38.49 -28.70
N SER B 245 27.76 38.29 -29.01
CA SER B 245 26.68 38.20 -28.04
C SER B 245 26.21 36.74 -27.98
N ASN B 246 25.11 36.52 -27.26
CA ASN B 246 24.54 35.19 -27.14
C ASN B 246 23.05 35.26 -27.42
N LEU B 247 22.50 34.12 -27.83
CA LEU B 247 21.07 34.04 -28.11
C LEU B 247 20.26 33.97 -26.82
N GLU B 248 20.78 33.26 -25.81
CA GLU B 248 20.04 33.05 -24.57
C GLU B 248 19.56 34.35 -23.95
N ALA B 249 20.28 35.45 -24.19
CA ALA B 249 19.97 36.71 -23.52
C ALA B 249 18.69 37.34 -24.07
N VAL B 250 18.31 37.01 -25.30
CA VAL B 250 17.16 37.68 -25.93
C VAL B 250 15.88 37.23 -25.25
N LEU B 251 14.99 38.17 -25.00
CA LEU B 251 13.76 37.92 -24.26
C LEU B 251 12.53 38.04 -25.16
N ASN B 252 11.43 37.44 -24.71
CA ASN B 252 10.20 37.42 -25.47
C ASN B 252 9.46 38.75 -25.31
N ASN B 253 8.23 38.81 -25.84
CA ASN B 253 7.42 40.01 -25.66
C ASN B 253 7.12 40.24 -24.18
N ASP B 254 6.98 39.17 -23.41
CA ASP B 254 6.81 39.32 -21.97
C ASP B 254 8.14 39.54 -21.26
N GLY B 255 9.22 39.68 -22.00
CA GLY B 255 10.53 39.88 -21.41
C GLY B 255 11.09 38.68 -20.67
N LEU B 256 10.54 37.49 -20.90
CA LEU B 256 11.02 36.31 -20.20
C LEU B 256 12.20 35.71 -20.94
N SER B 257 13.09 35.10 -20.17
CA SER B 257 14.14 34.34 -20.85
C SER B 257 13.57 33.01 -21.32
N PRO B 258 14.19 32.38 -22.31
CA PRO B 258 13.76 31.02 -22.66
C PRO B 258 13.84 30.08 -21.48
N LEU B 259 14.85 30.26 -20.63
CA LEU B 259 14.89 29.54 -19.36
C LEU B 259 13.69 29.91 -18.50
N MET B 260 13.30 31.19 -18.49
CA MET B 260 12.15 31.60 -17.71
C MET B 260 10.89 30.90 -18.19
N MET B 261 10.59 31.01 -19.49
CA MET B 261 9.43 30.32 -20.04
C MET B 261 9.49 28.83 -19.80
N ALA B 262 10.69 28.25 -19.80
CA ALA B 262 10.84 26.86 -19.41
C ALA B 262 10.36 26.64 -17.98
N ALA B 263 10.70 27.56 -17.09
CA ALA B 263 10.31 27.43 -15.69
C ALA B 263 8.79 27.56 -15.54
N LYS B 264 8.21 28.61 -16.14
CA LYS B 264 6.81 28.94 -15.92
C LYS B 264 5.91 27.78 -16.29
N THR B 265 5.94 27.35 -17.55
CA THR B 265 5.11 26.24 -17.97
C THR B 265 5.57 24.91 -17.39
N GLY B 266 6.62 24.89 -16.58
CA GLY B 266 7.03 23.68 -15.89
C GLY B 266 7.59 22.58 -16.76
N LYS B 267 8.32 22.94 -17.80
CA LYS B 267 8.96 21.95 -18.67
C LYS B 267 10.18 21.41 -17.94
N ILE B 268 10.04 20.23 -17.33
CA ILE B 268 11.11 19.66 -16.51
C ILE B 268 12.35 19.39 -17.35
N GLY B 269 12.19 18.54 -18.36
CA GLY B 269 13.31 18.05 -19.15
C GLY B 269 14.26 19.11 -19.66
N ILE B 270 13.77 20.00 -20.52
CA ILE B 270 14.65 21.00 -21.12
C ILE B 270 15.28 21.87 -20.04
N PHE B 271 14.55 22.14 -18.96
CA PHE B 271 15.10 22.95 -17.89
C PHE B 271 16.19 22.19 -17.13
N GLN B 272 15.87 20.96 -16.72
CA GLN B 272 16.85 20.12 -16.05
C GLN B 272 18.13 19.99 -16.86
N HIS B 273 18.01 19.96 -18.18
CA HIS B 273 19.20 19.86 -19.00
C HIS B 273 19.93 21.18 -19.18
N ILE B 274 19.20 22.27 -19.41
CA ILE B 274 19.84 23.56 -19.61
C ILE B 274 20.53 24.03 -18.34
N ILE B 275 20.14 23.53 -17.18
CA ILE B 275 20.80 24.00 -15.96
C ILE B 275 22.15 23.32 -15.76
N ARG B 276 22.32 22.11 -16.30
CA ARG B 276 23.58 21.38 -16.09
C ARG B 276 24.56 21.62 -17.23
N ARG B 277 24.06 21.69 -18.47
CA ARG B 277 24.89 21.54 -19.67
C ARG B 277 26.14 22.41 -19.61
N GLU B 278 27.26 21.83 -20.03
CA GLU B 278 28.52 22.55 -20.15
C GLU B 278 29.16 22.24 -21.50
N VAL B 279 29.82 23.24 -22.06
CA VAL B 279 30.39 23.11 -23.40
C VAL B 279 31.76 22.45 -23.25
N THR B 280 31.89 21.25 -23.81
CA THR B 280 33.10 20.46 -23.60
C THR B 280 34.32 21.14 -24.21
N ASP B 281 34.32 21.33 -25.53
CA ASP B 281 35.43 21.99 -26.20
C ASP B 281 35.60 23.41 -25.68
N GLU B 282 36.75 23.66 -25.05
CA GLU B 282 37.02 24.95 -24.44
C GLU B 282 37.27 26.04 -25.47
N ASP B 283 37.32 25.72 -26.76
CA ASP B 283 37.43 26.73 -27.80
C ASP B 283 36.42 27.85 -27.58
N THR B 284 35.14 27.50 -27.53
CA THR B 284 34.09 28.40 -27.05
C THR B 284 33.27 27.61 -26.04
N ARG B 285 33.76 27.55 -24.80
CA ARG B 285 33.00 27.02 -23.68
C ARG B 285 32.43 28.14 -22.82
N HIS B 286 32.55 29.38 -23.27
CA HIS B 286 32.16 30.53 -22.48
C HIS B 286 30.66 30.74 -22.57
N LEU B 287 29.91 29.65 -22.44
CA LEU B 287 28.48 29.73 -22.20
C LEU B 287 28.01 28.59 -21.31
N SER B 288 28.92 27.79 -20.76
CA SER B 288 28.57 26.62 -20.00
C SER B 288 27.94 27.02 -18.67
N ARG B 289 27.26 26.06 -18.05
CA ARG B 289 26.57 26.27 -16.78
C ARG B 289 27.30 25.61 -15.63
N LYS B 290 27.56 24.30 -15.72
CA LYS B 290 28.32 23.60 -14.71
C LYS B 290 29.80 23.70 -15.02
N PHE B 291 30.61 23.83 -13.98
CA PHE B 291 32.05 23.95 -14.16
C PHE B 291 32.76 22.86 -13.37
N LYS B 292 34.09 22.93 -13.34
CA LYS B 292 34.90 22.04 -12.55
C LYS B 292 35.99 22.85 -11.86
N ASP B 293 36.29 22.49 -10.62
CA ASP B 293 37.34 23.16 -9.85
C ASP B 293 38.50 22.24 -9.52
N TRP B 294 38.23 21.07 -8.91
CA TRP B 294 39.26 20.09 -8.68
C TRP B 294 38.60 18.77 -8.28
N ALA B 295 39.27 17.68 -8.62
CA ALA B 295 38.81 16.33 -8.32
C ALA B 295 39.95 15.58 -7.66
N TYR B 296 39.88 15.45 -6.34
CA TYR B 296 40.94 14.76 -5.59
C TYR B 296 40.64 13.28 -5.44
N GLY B 297 40.37 12.61 -6.55
CA GLY B 297 40.01 11.22 -6.53
C GLY B 297 38.51 11.02 -6.65
N PRO B 298 37.86 10.73 -5.53
CA PRO B 298 36.42 10.48 -5.55
C PRO B 298 35.55 11.69 -5.26
N VAL B 299 36.13 12.87 -5.07
CA VAL B 299 35.38 14.07 -4.71
C VAL B 299 35.62 15.12 -5.79
N TYR B 300 34.54 15.56 -6.41
CA TYR B 300 34.58 16.63 -7.41
C TYR B 300 33.96 17.88 -6.82
N SER B 301 34.74 18.97 -6.77
CA SER B 301 34.22 20.24 -6.27
C SER B 301 33.52 20.95 -7.42
N SER B 302 32.36 20.42 -7.80
CA SER B 302 31.67 20.98 -8.93
C SER B 302 31.08 22.33 -8.57
N LEU B 303 30.88 23.16 -9.59
CA LEU B 303 30.60 24.58 -9.39
C LEU B 303 29.48 24.99 -10.34
N TYR B 304 28.29 25.19 -9.78
CA TYR B 304 27.12 25.55 -10.58
C TYR B 304 26.97 27.06 -10.66
N ASP B 305 26.75 27.55 -11.88
CA ASP B 305 26.56 28.96 -12.09
C ASP B 305 25.21 29.42 -11.55
N LEU B 306 25.14 30.69 -11.21
CA LEU B 306 23.87 31.32 -10.86
C LEU B 306 23.92 32.75 -11.39
N SER B 307 23.19 32.99 -12.48
CA SER B 307 23.15 34.32 -13.06
C SER B 307 21.74 34.82 -13.29
N SER B 308 20.76 33.94 -13.47
CA SER B 308 19.36 34.33 -13.50
C SER B 308 18.60 33.57 -12.42
N LEU B 309 19.32 32.98 -11.47
CA LEU B 309 18.71 32.22 -10.40
C LEU B 309 18.19 33.08 -9.27
N ASP B 310 18.88 34.15 -8.90
CA ASP B 310 18.44 34.96 -7.76
C ASP B 310 18.98 36.37 -7.87
N THR B 311 18.07 37.34 -8.05
CA THR B 311 18.39 38.75 -7.90
C THR B 311 17.33 39.52 -7.13
N CYS B 312 16.31 38.84 -6.57
CA CYS B 312 15.28 39.46 -5.74
C CYS B 312 14.48 40.50 -6.50
N GLY B 313 13.80 40.04 -7.56
CA GLY B 313 12.84 40.86 -8.26
C GLY B 313 13.40 41.95 -9.13
N GLU B 314 14.68 41.88 -9.49
CA GLU B 314 15.31 42.90 -10.32
C GLU B 314 15.32 42.56 -11.79
N GLU B 315 15.43 41.29 -12.15
CA GLU B 315 15.35 40.87 -13.54
C GLU B 315 14.47 39.64 -13.73
N ALA B 316 13.48 39.45 -12.85
CA ALA B 316 12.59 38.29 -12.87
C ALA B 316 13.40 37.00 -12.76
N SER B 317 14.07 36.88 -11.61
CA SER B 317 14.87 35.69 -11.34
C SER B 317 13.99 34.44 -11.30
N VAL B 318 14.56 33.33 -11.79
CA VAL B 318 13.76 32.13 -12.01
C VAL B 318 13.17 31.61 -10.70
N LEU B 319 13.95 31.68 -9.62
CA LEU B 319 13.47 31.17 -8.34
C LEU B 319 12.21 31.89 -7.90
N GLU B 320 12.09 33.17 -8.24
CA GLU B 320 10.89 33.93 -7.92
C GLU B 320 9.67 33.33 -8.59
N ILE B 321 9.73 33.14 -9.91
CA ILE B 321 8.63 32.53 -10.63
C ILE B 321 8.39 31.11 -10.15
N LEU B 322 9.42 30.46 -9.63
CA LEU B 322 9.24 29.12 -9.06
C LEU B 322 8.44 29.16 -7.76
N VAL B 323 8.64 30.20 -6.96
CA VAL B 323 8.04 30.22 -5.63
C VAL B 323 6.69 30.94 -5.61
N TYR B 324 6.63 32.18 -6.10
CA TYR B 324 5.41 32.96 -5.98
C TYR B 324 4.40 32.60 -7.06
N ASN B 325 4.74 32.85 -8.32
CA ASN B 325 3.77 32.82 -9.40
C ASN B 325 3.51 31.44 -9.95
N SER B 326 4.10 30.39 -9.36
CA SER B 326 3.97 29.05 -9.91
C SER B 326 2.79 28.32 -9.28
N LYS B 327 1.91 27.82 -10.14
CA LYS B 327 0.84 26.90 -9.76
C LYS B 327 0.93 25.64 -10.61
N ILE B 328 2.14 25.10 -10.72
CA ILE B 328 2.50 24.15 -11.76
C ILE B 328 2.42 22.73 -11.22
N GLU B 329 1.88 21.83 -12.04
CA GLU B 329 1.81 20.42 -11.69
C GLU B 329 3.18 19.86 -11.33
N ASN B 330 4.25 20.38 -11.94
CA ASN B 330 5.60 19.90 -11.70
C ASN B 330 6.41 20.87 -10.85
N ARG B 331 5.76 21.90 -10.30
CA ARG B 331 6.48 22.90 -9.49
C ARG B 331 7.32 22.22 -8.41
N HIS B 332 6.74 21.24 -7.73
CA HIS B 332 7.48 20.51 -6.69
C HIS B 332 8.70 19.81 -7.27
N GLU B 333 8.48 18.98 -8.31
CA GLU B 333 9.53 18.10 -8.79
C GLU B 333 10.71 18.89 -9.34
N MET B 334 10.45 20.00 -10.03
CA MET B 334 11.55 20.80 -10.58
C MET B 334 12.48 21.30 -9.49
N LEU B 335 11.95 21.53 -8.27
CA LEU B 335 12.80 22.00 -7.19
C LEU B 335 13.85 20.97 -6.80
N ALA B 336 13.64 19.70 -7.14
CA ALA B 336 14.58 18.66 -6.78
C ALA B 336 15.92 18.77 -7.50
N VAL B 337 16.08 19.73 -8.40
CA VAL B 337 17.36 19.88 -9.09
C VAL B 337 18.40 20.43 -8.12
N GLU B 338 19.64 19.98 -8.29
CA GLU B 338 20.75 20.20 -7.37
C GLU B 338 20.93 21.65 -6.95
N PRO B 339 21.19 22.59 -7.88
CA PRO B 339 21.61 23.93 -7.45
C PRO B 339 20.45 24.79 -6.97
N ILE B 340 19.30 24.18 -6.73
CA ILE B 340 18.15 24.87 -6.16
C ILE B 340 17.86 24.28 -4.79
N ASN B 341 17.74 22.95 -4.73
CA ASN B 341 17.58 22.27 -3.46
C ASN B 341 18.71 22.64 -2.51
N GLU B 342 19.94 22.69 -3.02
CA GLU B 342 21.06 23.13 -2.18
C GLU B 342 20.92 24.60 -1.80
N LEU B 343 20.44 25.43 -2.74
CA LEU B 343 20.36 26.85 -2.46
C LEU B 343 19.37 27.15 -1.35
N LEU B 344 18.36 26.29 -1.21
CA LEU B 344 17.46 26.39 -0.07
C LEU B 344 18.24 26.32 1.24
N ARG B 345 19.01 25.25 1.43
CA ARG B 345 19.82 25.11 2.64
C ARG B 345 20.80 26.26 2.78
N ASP B 346 21.38 26.71 1.65
CA ASP B 346 22.36 27.78 1.70
C ASP B 346 21.74 29.06 2.27
N LYS B 347 20.56 29.43 1.77
CA LYS B 347 19.85 30.58 2.31
C LYS B 347 19.21 30.28 3.65
N TRP B 348 19.18 29.02 4.09
CA TRP B 348 18.57 28.66 5.36
C TRP B 348 19.56 28.80 6.52
N ARG B 349 20.69 28.11 6.43
CA ARG B 349 21.67 28.12 7.52
C ARG B 349 22.29 29.49 7.70
N LYS B 350 21.97 30.42 6.81
CA LYS B 350 22.36 31.81 6.97
C LYS B 350 21.17 32.67 6.55
N PHE B 351 20.71 33.52 7.47
CA PHE B 351 19.63 34.46 7.21
C PHE B 351 18.31 33.74 6.99
N GLY B 352 18.29 32.42 7.17
CA GLY B 352 17.06 31.66 7.01
C GLY B 352 16.27 31.48 8.29
N ALA B 353 16.92 30.93 9.33
CA ALA B 353 16.24 30.70 10.59
C ALA B 353 16.33 31.88 11.54
N VAL B 354 17.38 32.70 11.43
CA VAL B 354 17.58 33.80 12.36
C VAL B 354 16.40 34.76 12.29
N SER B 355 16.16 35.35 11.11
CA SER B 355 15.09 36.32 10.99
C SER B 355 13.73 35.69 11.18
N PHE B 356 13.58 34.41 10.83
CA PHE B 356 12.31 33.72 11.05
C PHE B 356 11.98 33.67 12.53
N TYR B 357 12.95 33.25 13.36
CA TYR B 357 12.73 33.21 14.80
C TYR B 357 12.54 34.61 15.37
N ILE B 358 13.31 35.58 14.87
CA ILE B 358 13.14 36.95 15.32
C ILE B 358 11.70 37.42 15.08
N ASN B 359 11.19 37.19 13.88
CA ASN B 359 9.85 37.63 13.55
C ASN B 359 8.81 36.91 14.39
N VAL B 360 8.95 35.59 14.58
CA VAL B 360 7.92 34.87 15.32
C VAL B 360 7.92 35.31 16.79
N VAL B 361 9.10 35.51 17.37
CA VAL B 361 9.15 35.89 18.78
C VAL B 361 8.65 37.31 18.97
N SER B 362 8.99 38.22 18.05
CA SER B 362 8.48 39.58 18.17
C SER B 362 6.98 39.63 17.98
N TYR B 363 6.44 38.79 17.10
CA TYR B 363 5.00 38.77 16.87
C TYR B 363 4.27 38.23 18.11
N LEU B 364 4.75 37.12 18.67
CA LEU B 364 4.15 36.60 19.88
C LEU B 364 4.22 37.62 21.02
N CYS B 365 5.35 38.32 21.13
CA CYS B 365 5.49 39.33 22.18
C CYS B 365 4.49 40.47 21.98
N ALA B 366 4.36 40.94 20.74
CA ALA B 366 3.40 42.01 20.47
C ALA B 366 1.98 41.58 20.80
N MET B 367 1.63 40.34 20.47
CA MET B 367 0.27 39.88 20.75
C MET B 367 0.04 39.75 22.25
N VAL B 368 1.02 39.25 22.99
CA VAL B 368 0.85 39.16 24.43
C VAL B 368 0.79 40.55 25.05
N ILE B 369 1.48 41.53 24.45
CA ILE B 369 1.41 42.90 24.96
C ILE B 369 0.03 43.49 24.71
N PHE B 370 -0.55 43.20 23.55
CA PHE B 370 -1.91 43.67 23.28
C PHE B 370 -2.89 43.03 24.25
N THR B 371 -2.69 41.75 24.55
CA THR B 371 -3.50 41.09 25.59
C THR B 371 -3.35 41.80 26.93
N LEU B 372 -2.11 42.08 27.33
CA LEU B 372 -1.81 42.83 28.55
C LEU B 372 -2.62 44.12 28.62
N THR B 373 -2.43 44.99 27.63
CA THR B 373 -3.16 46.26 27.62
C THR B 373 -4.66 46.07 27.55
N ALA B 374 -5.14 44.94 27.05
CA ALA B 374 -6.57 44.69 27.04
C ALA B 374 -7.10 44.43 28.45
N TYR B 375 -6.51 43.47 29.16
CA TYR B 375 -7.10 43.01 30.43
C TYR B 375 -7.01 44.05 31.54
N TYR B 376 -6.03 44.95 31.50
CA TYR B 376 -5.80 45.89 32.60
C TYR B 376 -6.50 47.23 32.39
N GLN B 377 -7.64 47.25 31.71
CA GLN B 377 -8.32 48.49 31.38
C GLN B 377 -9.34 48.84 32.44
N PRO B 378 -9.75 50.12 32.52
CA PRO B 378 -10.85 50.50 33.41
C PRO B 378 -12.17 49.95 32.89
N LEU B 379 -12.83 49.13 33.71
CA LEU B 379 -14.00 48.40 33.28
C LEU B 379 -15.28 49.04 33.81
N GLU B 380 -16.40 48.32 33.60
CA GLU B 380 -17.73 48.74 34.05
C GLU B 380 -18.12 50.09 33.45
N GLY B 381 -18.27 50.08 32.13
CA GLY B 381 -18.70 51.25 31.38
C GLY B 381 -17.61 52.30 31.26
N THR B 382 -17.95 53.37 30.51
CA THR B 382 -17.13 54.57 30.41
C THR B 382 -15.72 54.28 29.89
N PRO B 383 -15.54 54.02 28.60
CA PRO B 383 -14.20 53.99 28.01
C PRO B 383 -13.81 55.30 27.34
N PRO B 384 -13.48 56.37 28.10
CA PRO B 384 -12.80 57.52 27.46
C PRO B 384 -11.30 57.30 27.43
N TYR B 385 -10.53 58.33 27.04
CA TYR B 385 -9.07 58.27 27.11
C TYR B 385 -8.59 58.77 28.48
N PRO B 386 -8.22 57.85 29.38
CA PRO B 386 -7.86 58.23 30.76
C PRO B 386 -6.38 58.46 31.03
N TYR B 387 -5.53 58.61 30.01
CA TYR B 387 -4.08 58.62 30.25
C TYR B 387 -3.67 59.90 30.97
N ARG B 388 -3.56 59.81 32.29
CA ARG B 388 -3.11 60.93 33.11
C ARG B 388 -2.20 60.52 34.27
N THR B 389 -1.84 59.25 34.40
CA THR B 389 -1.13 58.78 35.58
C THR B 389 -0.01 57.83 35.19
N THR B 390 0.79 57.47 36.19
CA THR B 390 1.95 56.62 35.95
C THR B 390 1.54 55.18 35.64
N VAL B 391 0.51 54.67 36.32
CA VAL B 391 0.11 53.29 36.10
C VAL B 391 -0.47 53.13 34.69
N ASP B 392 -0.91 54.22 34.07
CA ASP B 392 -1.46 54.13 32.72
C ASP B 392 -0.37 54.25 31.66
N TYR B 393 0.87 54.54 32.07
CA TYR B 393 1.99 54.49 31.13
C TYR B 393 2.13 53.10 30.53
N LEU B 394 1.80 52.06 31.29
CA LEU B 394 1.83 50.70 30.76
C LEU B 394 0.90 50.56 29.57
N ARG B 395 -0.37 50.96 29.73
CA ARG B 395 -1.32 50.88 28.63
C ARG B 395 -0.92 51.79 27.48
N LEU B 396 -0.36 52.95 27.78
CA LEU B 396 0.08 53.86 26.73
C LEU B 396 1.19 53.22 25.89
N ALA B 397 2.19 52.65 26.57
CA ALA B 397 3.31 52.03 25.87
C ALA B 397 2.88 50.77 25.14
N GLY B 398 1.85 50.11 25.60
CA GLY B 398 1.33 48.96 24.87
C GLY B 398 0.56 49.37 23.62
N GLU B 399 -0.27 50.41 23.74
CA GLU B 399 -1.09 50.81 22.60
C GLU B 399 -0.26 51.50 21.53
N VAL B 400 0.80 52.22 21.91
CA VAL B 400 1.63 52.85 20.91
C VAL B 400 2.33 51.80 20.05
N ILE B 401 2.82 50.72 20.68
CA ILE B 401 3.47 49.68 19.90
C ILE B 401 2.45 48.82 19.18
N THR B 402 1.22 48.76 19.68
CA THR B 402 0.15 48.13 18.91
C THR B 402 -0.08 48.87 17.60
N LEU B 403 -0.26 50.20 17.68
CA LEU B 403 -0.40 51.00 16.46
C LEU B 403 0.86 50.93 15.60
N PHE B 404 2.03 50.75 16.22
CA PHE B 404 3.25 50.61 15.45
C PHE B 404 3.26 49.32 14.65
N THR B 405 2.91 48.20 15.28
CA THR B 405 2.74 46.96 14.54
C THR B 405 1.70 47.12 13.44
N GLY B 406 0.64 47.88 13.72
CA GLY B 406 -0.36 48.15 12.69
C GLY B 406 0.23 48.85 11.48
N VAL B 407 0.93 49.96 11.70
CA VAL B 407 1.46 50.72 10.57
C VAL B 407 2.55 49.92 9.86
N LEU B 408 3.25 49.06 10.59
CA LEU B 408 4.27 48.22 9.95
C LEU B 408 3.63 47.20 9.02
N PHE B 409 2.63 46.45 9.52
CA PHE B 409 1.93 45.52 8.65
C PHE B 409 1.15 46.21 7.54
N PHE B 410 0.82 47.49 7.71
CA PHE B 410 0.24 48.28 6.64
C PHE B 410 1.27 48.55 5.54
N PHE B 411 2.44 49.05 5.93
CA PHE B 411 3.53 49.26 4.98
C PHE B 411 3.92 47.97 4.28
N THR B 412 3.78 46.84 4.96
CA THR B 412 4.13 45.55 4.35
C THR B 412 3.28 45.29 3.11
N ASN B 413 1.97 45.54 3.21
CA ASN B 413 1.10 45.22 2.08
C ASN B 413 1.01 46.36 1.07
N ILE B 414 1.26 47.61 1.48
CA ILE B 414 1.20 48.67 0.48
C ILE B 414 2.35 48.54 -0.50
N LYS B 415 3.45 47.92 -0.09
CA LYS B 415 4.54 47.65 -1.01
C LYS B 415 4.21 46.55 -2.01
N ASP B 416 3.13 45.79 -1.78
CA ASP B 416 2.69 44.80 -2.75
C ASP B 416 2.03 45.43 -3.97
N LEU B 417 1.81 46.74 -3.96
CA LEU B 417 1.24 47.45 -5.10
C LEU B 417 2.29 47.86 -6.12
N PHE B 434 -2.62 34.16 3.71
CA PHE B 434 -1.78 34.97 4.58
C PHE B 434 -1.02 36.01 3.77
N GLN B 435 -1.73 36.77 2.95
CA GLN B 435 -1.17 37.92 2.26
C GLN B 435 -1.97 39.19 2.50
N LEU B 436 -3.20 39.09 2.99
CA LEU B 436 -4.00 40.25 3.37
C LEU B 436 -4.49 40.19 4.80
N LEU B 437 -4.45 39.03 5.45
CA LEU B 437 -4.96 38.93 6.82
C LEU B 437 -4.17 39.83 7.76
N TYR B 438 -2.84 39.77 7.69
CA TYR B 438 -2.02 40.66 8.51
C TYR B 438 -2.22 42.12 8.12
N PHE B 439 -2.81 42.41 6.96
CA PHE B 439 -3.12 43.77 6.56
C PHE B 439 -4.48 44.22 7.10
N ILE B 440 -5.49 43.34 7.02
CA ILE B 440 -6.76 43.64 7.68
C ILE B 440 -6.54 43.81 9.17
N TYR B 441 -5.57 43.09 9.73
CA TYR B 441 -5.11 43.36 11.09
C TYR B 441 -4.83 44.84 11.27
N SER B 442 -3.94 45.38 10.43
CA SER B 442 -3.58 46.80 10.53
C SER B 442 -4.79 47.70 10.34
N VAL B 443 -5.67 47.35 9.40
CA VAL B 443 -6.87 48.15 9.18
C VAL B 443 -7.68 48.26 10.45
N LEU B 444 -7.89 47.12 11.12
CA LEU B 444 -8.68 47.14 12.34
C LEU B 444 -7.95 47.83 13.48
N VAL B 445 -6.61 47.72 13.52
CA VAL B 445 -5.85 48.47 14.52
C VAL B 445 -6.01 49.96 14.30
N ILE B 446 -6.09 50.40 13.04
CA ILE B 446 -6.29 51.82 12.78
C ILE B 446 -7.72 52.24 13.13
N VAL B 447 -8.69 51.36 12.89
CA VAL B 447 -10.05 51.60 13.40
C VAL B 447 -10.01 51.84 14.89
N SER B 448 -9.29 50.97 15.61
CA SER B 448 -9.18 51.11 17.05
C SER B 448 -8.50 52.42 17.43
N ALA B 449 -7.46 52.79 16.71
CA ALA B 449 -6.74 54.04 17.00
C ALA B 449 -7.69 55.24 16.85
N ALA B 450 -8.44 55.29 15.76
CA ALA B 450 -9.38 56.39 15.55
C ALA B 450 -10.46 56.39 16.63
N LEU B 451 -11.01 55.23 16.94
CA LEU B 451 -12.11 55.16 17.90
C LEU B 451 -11.64 55.56 19.29
N TYR B 452 -10.41 55.20 19.65
CA TYR B 452 -9.87 55.62 20.93
C TYR B 452 -9.47 57.09 20.94
N LEU B 453 -9.03 57.62 19.80
CA LEU B 453 -8.79 59.06 19.72
C LEU B 453 -10.09 59.83 19.93
N ALA B 454 -11.20 59.32 19.42
CA ALA B 454 -12.49 59.89 19.75
C ALA B 454 -12.78 59.73 21.25
N GLY B 455 -12.39 58.60 21.83
CA GLY B 455 -12.56 58.38 23.25
C GLY B 455 -14.01 58.33 23.70
N ILE B 456 -14.89 57.79 22.86
CA ILE B 456 -16.32 57.79 23.14
C ILE B 456 -16.74 56.33 23.38
N GLU B 457 -17.97 56.12 23.82
CA GLU B 457 -18.46 54.78 24.12
C GLU B 457 -18.63 53.97 22.84
N ALA B 458 -18.81 52.65 23.02
CA ALA B 458 -18.94 51.69 21.93
C ALA B 458 -17.77 51.72 20.97
N TYR B 459 -16.60 52.16 21.46
CA TYR B 459 -15.44 52.35 20.60
C TYR B 459 -14.28 51.42 20.93
N LEU B 460 -14.29 50.75 22.09
CA LEU B 460 -13.35 49.68 22.35
C LEU B 460 -13.77 48.38 21.69
N ALA B 461 -14.92 48.38 21.00
CA ALA B 461 -15.46 47.14 20.43
C ALA B 461 -14.54 46.55 19.38
N VAL B 462 -13.66 47.36 18.80
CA VAL B 462 -12.75 46.84 17.79
C VAL B 462 -11.43 46.35 18.36
N MET B 463 -11.10 46.73 19.60
CA MET B 463 -9.90 46.18 20.23
C MET B 463 -9.99 44.67 20.35
N VAL B 464 -11.19 44.15 20.66
CA VAL B 464 -11.36 42.71 20.77
C VAL B 464 -11.24 42.05 19.40
N PHE B 465 -11.79 42.67 18.36
CA PHE B 465 -11.62 42.13 17.01
C PHE B 465 -10.15 42.06 16.65
N ALA B 466 -9.40 43.12 16.98
CA ALA B 466 -7.97 43.14 16.69
C ALA B 466 -7.26 42.00 17.41
N LEU B 467 -7.52 41.84 18.71
CA LEU B 467 -6.86 40.79 19.47
C LEU B 467 -7.17 39.41 18.91
N VAL B 468 -8.45 39.14 18.64
CA VAL B 468 -8.82 37.80 18.20
C VAL B 468 -8.27 37.52 16.80
N LEU B 469 -8.28 38.53 15.92
CA LEU B 469 -7.79 38.30 14.57
C LEU B 469 -6.27 38.13 14.57
N GLY B 470 -5.57 38.86 15.44
CA GLY B 470 -4.13 38.67 15.56
C GLY B 470 -3.78 37.29 16.09
N TRP B 471 -4.53 36.81 17.07
CA TRP B 471 -4.25 35.45 17.55
C TRP B 471 -4.73 34.38 16.57
N MET B 472 -5.62 34.72 15.65
CA MET B 472 -5.85 33.85 14.50
C MET B 472 -4.65 33.83 13.57
N ASN B 473 -4.14 35.03 13.23
CA ASN B 473 -2.96 35.14 12.38
C ASN B 473 -1.73 34.50 13.00
N ALA B 474 -1.75 34.27 14.32
CA ALA B 474 -0.69 33.50 14.96
C ALA B 474 -0.43 32.17 14.29
N LEU B 475 -1.39 31.65 13.51
CA LEU B 475 -1.17 30.46 12.71
C LEU B 475 -0.19 30.71 11.56
N TYR B 476 -0.06 31.97 11.11
CA TYR B 476 0.82 32.29 10.00
C TYR B 476 2.27 31.90 10.32
N PHE B 477 2.71 32.17 11.55
CA PHE B 477 4.04 31.71 11.95
C PHE B 477 4.04 30.24 12.33
N THR B 478 2.88 29.70 12.75
CA THR B 478 2.79 28.33 13.22
C THR B 478 2.63 27.37 12.02
N ARG B 479 3.54 27.51 11.06
CA ARG B 479 3.59 26.60 9.93
C ARG B 479 5.02 26.28 9.53
N GLY B 480 5.98 26.44 10.44
CA GLY B 480 7.37 26.17 10.14
C GLY B 480 7.96 25.01 10.92
N LEU B 481 8.73 25.32 11.96
CA LEU B 481 9.41 24.31 12.74
C LEU B 481 8.42 23.39 13.44
N LYS B 482 8.93 22.23 13.87
CA LYS B 482 8.15 21.21 14.57
C LYS B 482 6.98 20.69 13.76
N LEU B 483 7.09 20.79 12.43
CA LEU B 483 6.05 20.33 11.51
C LEU B 483 4.72 21.01 11.78
N THR B 484 4.77 22.22 12.34
CA THR B 484 3.57 23.03 12.47
C THR B 484 3.04 23.38 11.08
N GLY B 485 1.74 23.65 11.02
CA GLY B 485 1.10 23.95 9.77
C GLY B 485 0.50 22.76 9.05
N THR B 486 0.59 21.55 9.63
CA THR B 486 -0.15 20.42 9.06
C THR B 486 -1.64 20.72 8.99
N TYR B 487 -2.18 21.38 10.02
CA TYR B 487 -3.56 21.85 9.96
C TYR B 487 -3.80 22.72 8.73
N SER B 488 -2.81 23.55 8.37
CA SER B 488 -2.97 24.43 7.22
C SER B 488 -3.16 23.64 5.93
N ILE B 489 -2.78 22.36 5.92
CA ILE B 489 -3.14 21.50 4.79
C ILE B 489 -4.59 21.08 4.88
N MET B 490 -4.99 20.52 6.03
CA MET B 490 -6.31 19.90 6.10
C MET B 490 -7.42 20.94 6.10
N ILE B 491 -7.15 22.14 6.62
CA ILE B 491 -8.10 23.23 6.54
C ILE B 491 -8.39 23.61 5.09
N GLN B 492 -7.48 23.26 4.16
CA GLN B 492 -7.73 23.50 2.75
C GLN B 492 -8.94 22.70 2.25
N LYS B 493 -9.27 21.60 2.93
CA LYS B 493 -10.36 20.73 2.49
C LYS B 493 -11.56 20.78 3.44
N ILE B 494 -11.32 20.86 4.75
CA ILE B 494 -12.42 20.74 5.70
C ILE B 494 -13.19 22.04 5.82
N LEU B 495 -12.49 23.18 5.91
CA LEU B 495 -13.17 24.44 6.14
C LEU B 495 -13.92 24.90 4.90
N PHE B 496 -13.28 24.82 3.74
CA PHE B 496 -13.87 25.35 2.51
C PHE B 496 -14.84 24.37 1.85
N LYS B 497 -14.59 23.07 1.91
CA LYS B 497 -15.37 22.11 1.14
C LYS B 497 -16.18 21.16 2.01
N ASP B 498 -15.53 20.41 2.92
CA ASP B 498 -16.21 19.27 3.53
C ASP B 498 -17.14 19.70 4.66
N LEU B 499 -16.57 20.27 5.73
CA LEU B 499 -17.40 20.74 6.84
C LEU B 499 -18.34 21.84 6.37
N PHE B 500 -17.89 22.68 5.43
CA PHE B 500 -18.73 23.74 4.90
C PHE B 500 -20.02 23.16 4.30
N ARG B 501 -19.89 22.36 3.26
CA ARG B 501 -21.08 21.83 2.60
C ARG B 501 -21.90 20.95 3.53
N PHE B 502 -21.23 20.25 4.46
CA PHE B 502 -21.98 19.42 5.40
C PHE B 502 -22.86 20.28 6.30
N LEU B 503 -22.30 21.35 6.86
CA LEU B 503 -23.09 22.21 7.73
C LEU B 503 -24.20 22.88 6.93
N LEU B 504 -23.93 23.26 5.68
CA LEU B 504 -24.98 23.82 4.86
C LEU B 504 -26.15 22.85 4.71
N VAL B 505 -25.87 21.64 4.23
CA VAL B 505 -26.95 20.70 3.95
C VAL B 505 -27.66 20.29 5.23
N TYR B 506 -26.91 20.18 6.33
CA TYR B 506 -27.54 19.77 7.58
C TYR B 506 -28.39 20.89 8.16
N LEU B 507 -27.94 22.14 8.04
CA LEU B 507 -28.75 23.28 8.47
C LEU B 507 -30.03 23.35 7.67
N LEU B 508 -29.94 23.12 6.35
CA LEU B 508 -31.14 23.12 5.52
C LEU B 508 -32.09 22.00 5.95
N PHE B 509 -31.55 20.80 6.18
CA PHE B 509 -32.35 19.69 6.69
C PHE B 509 -33.09 20.08 7.95
N MET B 510 -32.35 20.58 8.94
CA MET B 510 -32.94 20.82 10.25
C MET B 510 -33.93 21.97 10.21
N ILE B 511 -33.70 22.99 9.40
CA ILE B 511 -34.67 24.08 9.34
C ILE B 511 -35.95 23.62 8.63
N GLY B 512 -35.81 22.80 7.59
CA GLY B 512 -37.00 22.25 6.96
C GLY B 512 -37.80 21.40 7.94
N TYR B 513 -37.11 20.51 8.65
CA TYR B 513 -37.82 19.71 9.63
C TYR B 513 -38.35 20.53 10.79
N ALA B 514 -37.73 21.67 11.08
CA ALA B 514 -38.26 22.56 12.10
C ALA B 514 -39.60 23.15 11.66
N SER B 515 -39.65 23.65 10.43
CA SER B 515 -40.94 24.06 9.87
C SER B 515 -41.95 22.93 9.94
N ALA B 516 -41.51 21.71 9.62
CA ALA B 516 -42.38 20.54 9.69
C ALA B 516 -42.97 20.38 11.09
N LEU B 517 -42.11 20.34 12.11
CA LEU B 517 -42.58 20.08 13.46
C LEU B 517 -43.46 21.20 13.98
N VAL B 518 -43.06 22.45 13.74
CA VAL B 518 -43.89 23.57 14.19
C VAL B 518 -45.20 23.63 13.43
N SER B 519 -45.30 22.96 12.28
CA SER B 519 -46.59 22.80 11.64
C SER B 519 -47.32 21.53 12.07
N LEU B 520 -46.63 20.62 12.77
CA LEU B 520 -47.19 19.32 13.15
C LEU B 520 -47.64 19.28 14.60
N LEU B 521 -48.26 20.34 15.11
CA LEU B 521 -48.82 20.31 16.45
C LEU B 521 -50.34 20.38 16.49
N ASN B 522 -50.99 20.81 15.41
CA ASN B 522 -52.44 21.00 15.44
C ASN B 522 -53.20 19.67 15.41
N PRO B 523 -53.04 18.81 14.40
CA PRO B 523 -53.36 17.41 14.59
C PRO B 523 -52.15 16.74 15.21
N CYS B 524 -52.39 15.72 16.04
CA CYS B 524 -51.46 15.38 17.10
C CYS B 524 -51.32 16.59 18.03
N ALA B 525 -52.42 16.86 18.73
CA ALA B 525 -52.77 18.14 19.34
C ALA B 525 -51.61 18.78 20.10
N ASN B 526 -51.68 20.11 20.24
CA ASN B 526 -50.51 20.92 20.58
C ASN B 526 -49.85 20.40 21.85
N MET B 527 -48.67 19.81 21.68
CA MET B 527 -47.87 19.28 22.78
C MET B 527 -46.49 18.92 22.26
N LYS B 528 -45.45 19.32 22.97
CA LYS B 528 -44.07 19.15 22.58
C LYS B 528 -43.26 18.62 23.76
N VAL B 529 -43.75 17.53 24.35
CA VAL B 529 -43.56 17.18 25.76
C VAL B 529 -42.19 17.54 26.27
N CYS B 530 -42.15 18.12 27.47
CA CYS B 530 -40.95 18.73 28.03
C CYS B 530 -39.72 17.88 27.76
N ASN B 531 -38.64 18.54 27.36
CA ASN B 531 -37.43 17.86 26.94
C ASN B 531 -36.94 16.91 28.03
N GLU B 532 -35.99 16.07 27.66
CA GLU B 532 -35.33 15.17 28.59
C GLU B 532 -34.31 15.90 29.43
N SER B 544 -37.03 27.03 25.90
CA SER B 544 -38.08 26.38 26.68
C SER B 544 -39.46 26.86 26.23
N CYS B 545 -39.72 26.66 24.94
CA CYS B 545 -40.92 27.19 24.32
C CYS B 545 -42.12 26.30 24.59
N ARG B 546 -43.19 26.89 25.09
CA ARG B 546 -44.49 26.24 25.18
C ARG B 546 -45.31 26.62 23.95
N ASP B 547 -46.47 25.98 23.79
CA ASP B 547 -47.32 26.23 22.64
C ASP B 547 -47.54 27.72 22.43
N SER B 548 -47.02 28.24 21.33
CA SER B 548 -47.06 29.66 21.03
C SER B 548 -47.17 29.84 19.52
N GLU B 549 -47.24 31.09 19.08
CA GLU B 549 -47.37 31.41 17.66
C GLU B 549 -46.57 32.65 17.31
N THR B 550 -45.45 32.92 17.99
CA THR B 550 -44.95 34.28 17.92
C THR B 550 -44.13 34.58 16.67
N PHE B 551 -42.86 34.18 16.62
CA PHE B 551 -42.18 34.18 15.32
C PHE B 551 -41.19 33.04 15.14
N SER B 552 -40.30 32.84 16.12
CA SER B 552 -39.23 31.86 15.97
C SER B 552 -38.81 31.17 17.26
N THR B 553 -39.43 31.46 18.41
CA THR B 553 -39.05 30.79 19.65
C THR B 553 -39.08 29.28 19.48
N PHE B 554 -39.99 28.80 18.65
CA PHE B 554 -40.03 27.43 18.16
C PHE B 554 -38.64 26.97 17.76
N LEU B 555 -37.97 27.73 16.89
CA LEU B 555 -36.66 27.32 16.39
C LEU B 555 -35.67 27.19 17.53
N LEU B 556 -35.68 28.12 18.48
CA LEU B 556 -34.71 28.08 19.57
C LEU B 556 -34.87 26.81 20.40
N ASP B 557 -36.04 26.64 21.02
CA ASP B 557 -36.26 25.49 21.88
C ASP B 557 -36.15 24.18 21.09
N LEU B 558 -36.60 24.19 19.83
CA LEU B 558 -36.50 23.00 19.01
C LEU B 558 -35.06 22.63 18.74
N PHE B 559 -34.20 23.60 18.43
CA PHE B 559 -32.77 23.31 18.28
C PHE B 559 -32.20 22.77 19.57
N LYS B 560 -32.56 23.38 20.70
CA LYS B 560 -32.19 22.82 22.00
C LYS B 560 -32.56 21.34 22.08
N LEU B 561 -33.73 21.00 21.55
CA LEU B 561 -34.15 19.60 21.49
C LEU B 561 -33.23 18.81 20.55
N THR B 562 -32.88 19.40 19.40
CA THR B 562 -32.09 18.69 18.40
C THR B 562 -30.68 18.42 18.87
N ILE B 563 -30.24 19.07 19.93
CA ILE B 563 -28.92 18.80 20.49
C ILE B 563 -28.82 17.30 20.77
N GLY B 564 -27.80 16.65 20.22
CA GLY B 564 -27.61 15.23 20.47
C GLY B 564 -27.12 15.00 21.88
N MET B 565 -27.95 15.42 22.84
CA MET B 565 -27.53 15.55 24.22
C MET B 565 -27.88 14.36 25.11
N GLY B 566 -29.10 13.82 25.02
CA GLY B 566 -29.52 12.87 26.02
C GLY B 566 -30.38 11.71 25.62
N ASP B 567 -30.39 11.33 24.33
CA ASP B 567 -31.11 10.13 23.91
C ASP B 567 -32.58 10.21 24.28
N LEU B 568 -33.31 11.13 23.62
CA LEU B 568 -34.70 11.48 23.94
C LEU B 568 -35.59 10.30 24.26
N GLU B 569 -36.60 10.53 25.10
CA GLU B 569 -37.48 9.50 25.67
C GLU B 569 -38.09 8.57 24.63
N MET B 570 -38.45 7.36 25.06
CA MET B 570 -39.17 6.40 24.24
C MET B 570 -40.63 6.39 24.67
N LEU B 571 -41.50 5.92 23.77
CA LEU B 571 -42.94 5.99 23.99
C LEU B 571 -43.57 4.62 23.79
N SER B 572 -44.78 4.48 24.33
CA SER B 572 -45.63 3.31 24.12
C SER B 572 -46.99 3.62 24.73
N SER B 573 -48.06 3.23 24.03
CA SER B 573 -49.43 3.59 24.40
C SER B 573 -49.58 5.11 24.43
N THR B 574 -49.43 5.68 23.24
CA THR B 574 -49.38 7.12 23.06
C THR B 574 -50.65 7.82 23.54
N LYS B 575 -50.46 8.94 24.23
CA LYS B 575 -51.54 9.83 24.66
C LYS B 575 -51.44 11.22 24.07
N TYR B 576 -50.26 11.84 24.12
CA TYR B 576 -49.98 13.12 23.49
C TYR B 576 -49.71 12.85 22.01
N PRO B 577 -49.36 13.86 21.16
CA PRO B 577 -49.17 13.62 19.72
C PRO B 577 -48.58 12.27 19.33
N VAL B 578 -49.27 11.58 18.43
CA VAL B 578 -49.06 10.15 18.21
C VAL B 578 -48.08 9.92 17.06
N VAL B 579 -48.39 10.44 15.87
CA VAL B 579 -47.51 10.23 14.71
C VAL B 579 -46.38 11.25 14.67
N PHE B 580 -46.44 12.28 15.49
CA PHE B 580 -45.36 13.26 15.55
C PHE B 580 -44.08 12.64 16.11
N ILE B 581 -44.21 11.81 17.15
CA ILE B 581 -43.04 11.31 17.86
C ILE B 581 -42.24 10.35 17.00
N ILE B 582 -42.93 9.51 16.22
CA ILE B 582 -42.21 8.54 15.39
C ILE B 582 -41.43 9.26 14.30
N LEU B 583 -42.04 10.27 13.68
CA LEU B 583 -41.32 11.09 12.72
C LEU B 583 -40.12 11.76 13.37
N LEU B 584 -40.31 12.32 14.56
CA LEU B 584 -39.22 13.00 15.24
C LEU B 584 -38.05 12.05 15.48
N VAL B 585 -38.34 10.85 16.00
CA VAL B 585 -37.25 9.93 16.34
C VAL B 585 -36.56 9.43 15.08
N THR B 586 -37.32 9.07 14.04
CA THR B 586 -36.66 8.59 12.84
C THR B 586 -35.83 9.70 12.18
N TYR B 587 -36.31 10.94 12.20
CA TYR B 587 -35.53 12.03 11.64
C TYR B 587 -34.24 12.26 12.41
N ILE B 588 -34.32 12.33 13.74
CA ILE B 588 -33.12 12.60 14.53
C ILE B 588 -32.14 11.44 14.40
N ILE B 589 -32.65 10.21 14.25
CA ILE B 589 -31.75 9.09 13.98
C ILE B 589 -31.08 9.26 12.62
N LEU B 590 -31.84 9.66 11.61
CA LEU B 590 -31.25 9.88 10.29
C LEU B 590 -30.13 10.90 10.35
N THR B 591 -30.41 12.07 10.93
CA THR B 591 -29.45 13.17 10.87
C THR B 591 -28.35 13.05 11.92
N PHE B 592 -28.65 12.42 13.06
CA PHE B 592 -27.68 12.37 14.15
C PHE B 592 -27.08 11.00 14.41
N VAL B 593 -27.27 10.04 13.51
CA VAL B 593 -26.60 8.74 13.63
C VAL B 593 -25.94 8.39 12.31
N LEU B 594 -26.26 9.13 11.25
CA LEU B 594 -25.66 8.89 9.95
C LEU B 594 -24.86 10.06 9.42
N LEU B 595 -25.44 11.26 9.39
CA LEU B 595 -24.82 12.39 8.69
C LEU B 595 -23.45 12.73 9.26
N LEU B 596 -23.40 13.03 10.57
CA LEU B 596 -22.10 13.30 11.17
C LEU B 596 -21.22 12.07 11.11
N ASN B 597 -21.79 10.88 11.16
CA ASN B 597 -20.99 9.67 10.96
C ASN B 597 -20.52 9.54 9.51
N MET B 598 -21.36 9.96 8.56
CA MET B 598 -20.91 10.05 7.18
C MET B 598 -19.65 10.92 7.10
N LEU B 599 -19.69 12.07 7.76
CA LEU B 599 -18.56 12.99 7.72
C LEU B 599 -17.35 12.45 8.50
N ILE B 600 -17.58 11.69 9.57
CA ILE B 600 -16.47 11.10 10.31
C ILE B 600 -15.75 10.08 9.45
N ALA B 601 -16.50 9.23 8.75
CA ALA B 601 -15.90 8.29 7.82
C ALA B 601 -15.20 9.03 6.69
N LEU B 602 -15.78 10.15 6.24
CA LEU B 602 -15.15 10.96 5.19
C LEU B 602 -13.80 11.49 5.66
N MET B 603 -13.73 12.02 6.89
CA MET B 603 -12.45 12.39 7.47
C MET B 603 -11.48 11.21 7.47
N GLY B 604 -11.90 10.09 8.08
CA GLY B 604 -11.02 8.95 8.21
C GLY B 604 -10.47 8.43 6.89
N GLU B 605 -11.22 8.64 5.81
CA GLU B 605 -10.70 8.22 4.52
C GLU B 605 -9.86 9.30 3.84
N THR B 606 -10.19 10.58 4.04
CA THR B 606 -9.49 11.65 3.34
C THR B 606 -8.16 12.01 3.99
N VAL B 607 -7.92 11.63 5.24
CA VAL B 607 -6.68 11.99 5.91
C VAL B 607 -5.47 11.30 5.30
N GLY B 608 -5.66 10.17 4.62
CA GLY B 608 -4.53 9.44 4.05
C GLY B 608 -4.04 9.96 2.72
N GLN B 609 -4.17 11.26 2.45
CA GLN B 609 -3.76 11.79 1.16
C GLN B 609 -2.36 12.41 1.21
N VAL B 610 -1.83 12.66 2.41
CA VAL B 610 -0.51 13.26 2.53
C VAL B 610 0.56 12.26 2.09
N SER B 611 1.15 12.52 0.92
CA SER B 611 2.19 11.65 0.38
C SER B 611 3.52 12.38 0.27
N LYS B 612 3.56 13.51 -0.43
CA LYS B 612 4.77 14.31 -0.54
C LYS B 612 4.64 15.69 0.06
N GLU B 613 3.42 16.18 0.28
CA GLU B 613 3.16 17.55 0.72
C GLU B 613 3.43 17.76 2.20
N SER B 614 4.15 16.86 2.86
CA SER B 614 4.66 17.16 4.20
C SER B 614 6.03 17.81 4.11
N LYS B 615 7.01 17.06 3.60
CA LYS B 615 8.32 17.66 3.31
C LYS B 615 8.19 18.71 2.22
N HIS B 616 7.27 18.51 1.27
CA HIS B 616 7.09 19.45 0.18
C HIS B 616 6.54 20.77 0.65
N ILE B 617 5.46 20.77 1.43
CA ILE B 617 4.96 22.02 1.98
C ILE B 617 5.94 22.59 3.00
N TRP B 618 6.74 21.73 3.63
CA TRP B 618 7.77 22.23 4.54
C TRP B 618 8.79 23.09 3.80
N LYS B 619 9.36 22.55 2.72
CA LYS B 619 10.30 23.35 1.93
C LYS B 619 9.60 24.44 1.13
N LEU B 620 8.30 24.31 0.88
CA LEU B 620 7.56 25.39 0.25
C LEU B 620 7.42 26.57 1.20
N GLN B 621 7.14 26.28 2.47
CA GLN B 621 7.22 27.28 3.52
C GLN B 621 8.60 27.90 3.54
N TRP B 622 9.64 27.05 3.54
CA TRP B 622 11.00 27.54 3.41
C TRP B 622 11.10 28.58 2.30
N ALA B 623 10.72 28.19 1.09
CA ALA B 623 10.83 29.06 -0.07
C ALA B 623 10.09 30.37 0.16
N THR B 624 8.78 30.29 0.34
CA THR B 624 7.96 31.49 0.51
C THR B 624 8.57 32.41 1.56
N THR B 625 8.70 31.91 2.78
CA THR B 625 9.17 32.71 3.90
C THR B 625 10.55 33.28 3.61
N ILE B 626 11.56 32.43 3.50
CA ILE B 626 12.94 32.82 3.29
C ILE B 626 13.07 33.88 2.19
N LEU B 627 12.41 33.65 1.06
CA LEU B 627 12.58 34.58 -0.05
C LEU B 627 11.90 35.92 0.23
N ASP B 628 10.71 35.92 0.86
CA ASP B 628 10.15 37.23 1.20
C ASP B 628 10.96 37.91 2.29
N ILE B 629 11.58 37.12 3.17
CA ILE B 629 12.49 37.68 4.17
C ILE B 629 13.61 38.42 3.49
N GLU B 630 14.29 37.77 2.54
CA GLU B 630 15.28 38.45 1.73
C GLU B 630 14.68 39.68 1.07
N ARG B 631 13.47 39.56 0.55
CA ARG B 631 12.77 40.64 -0.13
C ARG B 631 12.39 41.79 0.80
N SER B 632 12.49 41.60 2.12
CA SER B 632 12.05 42.60 3.08
C SER B 632 13.14 43.60 3.45
N PHE B 633 14.38 43.17 3.50
CA PHE B 633 15.46 44.06 3.92
C PHE B 633 16.47 44.23 2.79
N PRO B 634 17.34 45.25 2.85
CA PRO B 634 18.34 45.45 1.80
C PRO B 634 19.14 44.20 1.47
N VAL B 635 18.98 43.69 0.24
CA VAL B 635 19.72 42.52 -0.18
C VAL B 635 21.14 42.85 -0.61
N PHE B 636 21.39 44.07 -1.08
CA PHE B 636 22.72 44.46 -1.49
C PHE B 636 23.74 44.31 -0.37
N LEU B 637 23.27 44.24 0.88
CA LEU B 637 24.15 44.00 2.02
C LEU B 637 24.86 42.67 1.85
N ARG B 638 25.89 42.41 2.67
CA ARG B 638 26.67 41.18 2.54
C ARG B 638 25.80 39.98 2.89
N LYS B 639 25.38 39.24 1.87
CA LYS B 639 24.40 38.18 2.02
C LYS B 639 24.98 36.86 1.52
N ALA B 640 24.09 35.89 1.33
CA ALA B 640 24.44 34.56 0.86
C ALA B 640 24.72 34.59 -0.64
N PHE B 641 24.71 33.42 -1.28
CA PHE B 641 25.05 33.25 -2.70
C PHE B 641 26.37 33.94 -3.01
N ARG B 642 27.42 33.36 -2.47
CA ARG B 642 28.75 33.97 -2.42
C ARG B 642 29.33 34.10 -3.83
N SER B 643 30.57 34.57 -3.90
CA SER B 643 31.21 34.91 -5.17
C SER B 643 31.67 33.64 -5.88
N GLY B 644 32.52 33.82 -6.89
CA GLY B 644 33.00 32.67 -7.64
C GLY B 644 34.32 32.98 -8.32
N GLU B 645 34.77 32.01 -9.10
CA GLU B 645 36.04 32.11 -9.81
C GLU B 645 36.02 33.28 -10.78
N MET B 646 37.22 33.75 -11.13
CA MET B 646 37.43 35.01 -11.84
C MET B 646 37.15 34.87 -13.34
N VAL B 647 37.60 35.85 -14.12
CA VAL B 647 37.25 35.99 -15.53
C VAL B 647 37.79 34.83 -16.35
N THR B 648 37.26 34.70 -17.58
CA THR B 648 37.68 33.76 -18.62
C THR B 648 37.25 32.34 -18.27
N VAL B 649 36.77 32.16 -17.04
CA VAL B 649 36.05 30.97 -16.64
C VAL B 649 34.84 31.50 -15.87
N GLY B 650 34.74 32.82 -15.80
CA GLY B 650 33.65 33.52 -15.14
C GLY B 650 33.15 34.72 -15.93
N LYS B 651 33.16 34.63 -17.26
CA LYS B 651 32.88 35.78 -18.11
C LYS B 651 31.89 35.35 -19.19
N SER B 652 31.78 36.18 -20.24
CA SER B 652 30.89 35.92 -21.39
C SER B 652 29.43 35.83 -20.92
N SER B 653 28.95 36.99 -20.49
CA SER B 653 27.75 37.08 -19.65
C SER B 653 26.50 36.40 -20.20
N ASP B 654 26.12 35.30 -19.56
CA ASP B 654 24.71 35.10 -19.22
C ASP B 654 24.43 35.86 -17.93
N GLY B 655 25.51 36.20 -17.21
CA GLY B 655 25.51 37.09 -16.06
C GLY B 655 26.98 37.41 -15.77
N THR B 656 27.33 38.72 -16.00
CA THR B 656 27.93 39.71 -15.05
C THR B 656 29.39 39.46 -14.55
N PRO B 657 29.96 39.59 -13.15
CA PRO B 657 31.16 40.01 -13.38
C PRO B 657 32.09 38.82 -13.51
N ASP B 658 33.41 39.08 -13.49
CA ASP B 658 34.41 38.03 -13.59
C ASP B 658 34.15 36.93 -12.57
N ARG B 659 33.79 37.30 -11.29
CA ARG B 659 33.38 36.33 -10.34
C ARG B 659 32.26 35.45 -10.88
N ARG B 660 31.29 36.06 -11.54
CA ARG B 660 30.14 35.34 -12.11
C ARG B 660 29.55 34.39 -11.06
N TRP B 661 29.03 35.00 -10.00
CA TRP B 661 28.72 34.33 -8.74
C TRP B 661 28.15 32.94 -8.96
N CYS B 662 28.79 31.95 -8.34
CA CYS B 662 28.37 30.57 -8.40
C CYS B 662 28.28 29.97 -7.01
N PHE B 663 27.80 28.74 -6.97
CA PHE B 663 27.84 27.92 -5.77
C PHE B 663 28.73 26.70 -6.04
N ARG B 664 29.32 26.15 -4.98
CA ARG B 664 30.17 24.98 -5.09
C ARG B 664 29.56 23.83 -4.29
N VAL B 665 29.22 22.75 -4.99
CA VAL B 665 28.75 21.52 -4.35
C VAL B 665 29.81 20.46 -4.53
N ASP B 666 30.06 19.70 -3.46
CA ASP B 666 31.10 18.67 -3.44
C ASP B 666 30.45 17.32 -3.65
N GLU B 667 30.51 16.81 -4.87
CA GLU B 667 29.94 15.51 -5.19
C GLU B 667 30.98 14.43 -4.95
N VAL B 668 30.49 13.20 -4.71
CA VAL B 668 31.36 12.05 -4.51
C VAL B 668 30.96 10.99 -5.52
N ASN B 669 31.94 10.50 -6.28
CA ASN B 669 31.69 9.47 -7.28
C ASN B 669 32.97 8.70 -7.52
N TRP B 670 32.82 7.45 -7.94
CA TRP B 670 33.95 6.54 -8.15
C TRP B 670 33.83 5.95 -9.55
N SER B 671 34.86 6.14 -10.36
CA SER B 671 34.88 5.65 -11.72
C SER B 671 36.27 5.78 -12.35
N VAL C 33 46.46 -53.61 14.35
CA VAL C 33 47.60 -54.50 14.30
C VAL C 33 48.41 -54.37 15.57
N PHE C 34 48.99 -53.19 15.78
CA PHE C 34 49.68 -52.90 17.03
C PHE C 34 48.77 -52.18 18.02
N ASN C 35 47.78 -51.45 17.54
CA ASN C 35 46.76 -50.83 18.37
C ASN C 35 45.69 -50.28 17.44
N ARG C 36 44.56 -49.86 18.04
CA ARG C 36 43.55 -49.16 17.25
C ARG C 36 44.10 -47.89 16.62
N PRO C 37 44.81 -47.01 17.35
CA PRO C 37 45.29 -45.77 16.72
C PRO C 37 46.13 -45.97 15.46
N ILE C 38 47.08 -46.91 15.46
CA ILE C 38 48.00 -47.00 14.33
C ILE C 38 47.24 -47.32 13.04
N LEU C 39 46.26 -48.21 13.11
CA LEU C 39 45.53 -48.56 11.91
C LEU C 39 44.62 -47.43 11.46
N PHE C 40 44.02 -46.72 12.42
CA PHE C 40 43.26 -45.53 12.08
C PHE C 40 44.13 -44.52 11.32
N ASP C 41 45.36 -44.32 11.80
CA ASP C 41 46.27 -43.42 11.11
C ASP C 41 46.59 -43.93 9.71
N ILE C 42 46.91 -45.22 9.61
CA ILE C 42 47.21 -45.85 8.32
C ILE C 42 46.09 -45.54 7.33
N VAL C 43 44.85 -45.81 7.72
CA VAL C 43 43.76 -45.70 6.76
C VAL C 43 43.42 -44.23 6.48
N SER C 44 43.41 -43.39 7.53
CA SER C 44 43.14 -41.97 7.32
C SER C 44 44.16 -41.34 6.40
N ARG C 45 45.38 -41.88 6.38
CA ARG C 45 46.35 -41.48 5.38
C ARG C 45 45.84 -41.77 3.98
N GLY C 46 45.38 -43.00 3.75
CA GLY C 46 44.82 -43.40 2.47
C GLY C 46 45.68 -44.35 1.66
N SER C 47 46.82 -44.80 2.18
CA SER C 47 47.70 -45.69 1.46
C SER C 47 48.00 -46.91 2.31
N THR C 48 47.88 -48.09 1.72
CA THR C 48 48.18 -49.35 2.41
C THR C 48 49.67 -49.57 2.60
N ALA C 49 50.52 -48.60 2.22
CA ALA C 49 51.96 -48.77 2.39
C ALA C 49 52.32 -49.19 3.81
N ASP C 50 51.63 -48.64 4.81
CA ASP C 50 51.81 -49.05 6.19
C ASP C 50 50.89 -50.20 6.59
N LEU C 51 50.04 -50.68 5.68
CA LEU C 51 49.15 -51.78 5.96
C LEU C 51 49.59 -53.08 5.29
N ASP C 52 50.36 -52.99 4.21
CA ASP C 52 50.86 -54.17 3.54
C ASP C 52 51.62 -55.07 4.52
N GLY C 53 51.40 -56.37 4.41
CA GLY C 53 52.05 -57.31 5.29
C GLY C 53 51.54 -57.33 6.71
N LEU C 54 50.43 -56.64 6.99
CA LEU C 54 49.87 -56.69 8.33
C LEU C 54 48.92 -57.87 8.50
N LEU C 55 48.24 -58.24 7.42
CA LEU C 55 47.35 -59.39 7.47
C LEU C 55 48.03 -60.71 7.83
N PRO C 56 49.28 -61.00 7.43
CA PRO C 56 49.90 -62.23 7.94
C PRO C 56 50.17 -62.17 9.43
N PHE C 57 50.38 -60.98 10.00
CA PHE C 57 50.44 -60.87 11.45
C PHE C 57 49.07 -61.11 12.06
N LEU C 58 48.03 -60.52 11.47
CA LEU C 58 46.66 -60.70 11.95
C LEU C 58 46.33 -62.17 12.04
N LEU C 59 46.61 -62.92 10.99
CA LEU C 59 46.38 -64.36 11.02
C LEU C 59 47.36 -65.08 11.93
N THR C 60 48.57 -64.53 12.08
CA THR C 60 49.61 -65.17 12.90
C THR C 60 49.17 -65.25 14.35
N HIS C 61 48.84 -64.11 14.95
CA HIS C 61 48.34 -64.05 16.32
C HIS C 61 46.82 -64.16 16.37
N LYS C 62 46.22 -64.85 15.40
CA LYS C 62 44.77 -65.07 15.27
C LYS C 62 43.98 -63.77 15.39
N LYS C 63 44.63 -62.64 15.17
CA LYS C 63 43.97 -61.35 15.30
C LYS C 63 42.90 -61.20 14.23
N ARG C 64 41.64 -61.35 14.63
CA ARG C 64 40.51 -61.17 13.72
C ARG C 64 40.13 -59.70 13.73
N LEU C 65 40.34 -59.02 12.59
CA LEU C 65 40.01 -57.60 12.50
C LEU C 65 38.58 -57.32 12.94
N THR C 66 37.72 -58.34 12.96
CA THR C 66 36.40 -58.21 13.54
C THR C 66 36.45 -57.82 15.01
N ASP C 67 37.58 -58.09 15.67
CA ASP C 67 37.68 -57.85 17.11
C ASP C 67 37.35 -56.40 17.45
N GLU C 68 36.80 -56.22 18.64
CA GLU C 68 36.19 -54.96 19.04
C GLU C 68 37.16 -54.00 19.71
N GLU C 69 38.23 -54.52 20.31
CA GLU C 69 39.19 -53.67 21.01
C GLU C 69 39.74 -52.58 20.08
N PHE C 70 39.80 -52.85 18.79
CA PHE C 70 40.24 -51.87 17.80
C PHE C 70 39.18 -50.84 17.49
N ARG C 71 38.12 -50.78 18.28
CA ARG C 71 37.09 -49.76 18.18
C ARG C 71 37.14 -48.89 19.42
N GLU C 72 37.18 -47.57 19.21
CA GLU C 72 37.11 -46.67 20.35
C GLU C 72 35.76 -46.85 21.03
N PRO C 73 35.74 -47.34 22.27
CA PRO C 73 34.48 -47.76 22.88
C PRO C 73 33.51 -46.62 23.16
N SER C 74 33.91 -45.39 22.84
CA SER C 74 33.01 -44.26 23.01
C SER C 74 31.74 -44.44 22.17
N THR C 75 31.88 -44.94 20.96
CA THR C 75 30.74 -45.20 20.11
C THR C 75 30.71 -46.62 19.56
N GLY C 76 31.87 -47.17 19.21
CA GLY C 76 31.93 -48.50 18.62
C GLY C 76 32.41 -48.53 17.18
N LYS C 77 32.68 -47.37 16.56
CA LYS C 77 33.12 -47.34 15.18
C LYS C 77 34.35 -48.22 14.99
N THR C 78 34.39 -48.92 13.87
CA THR C 78 35.39 -49.94 13.59
C THR C 78 36.26 -49.45 12.42
N CYS C 79 37.14 -50.34 11.94
CA CYS C 79 38.06 -49.98 10.88
C CYS C 79 37.31 -49.42 9.67
N LEU C 80 36.21 -50.05 9.30
CA LEU C 80 35.51 -49.72 8.06
C LEU C 80 34.80 -48.37 8.13
N PRO C 81 34.00 -48.08 9.16
CA PRO C 81 33.36 -46.75 9.19
C PRO C 81 34.36 -45.64 9.40
N LYS C 82 35.37 -45.85 10.25
CA LYS C 82 36.43 -44.86 10.39
C LYS C 82 37.13 -44.62 9.06
N ALA C 83 37.33 -45.68 8.29
CA ALA C 83 37.91 -45.58 6.95
C ALA C 83 37.04 -44.70 6.07
N LEU C 84 35.80 -45.13 5.88
CA LEU C 84 34.92 -44.45 4.93
C LEU C 84 34.62 -43.02 5.36
N LEU C 85 34.70 -42.74 6.66
CA LEU C 85 34.49 -41.37 7.13
C LEU C 85 35.48 -40.41 6.48
N ASN C 86 36.70 -40.87 6.23
CA ASN C 86 37.69 -40.11 5.50
C ASN C 86 37.62 -40.47 4.03
N LEU C 87 37.46 -39.46 3.18
CA LEU C 87 37.31 -39.72 1.75
C LEU C 87 37.96 -38.60 0.96
N SER C 88 38.91 -38.97 0.10
CA SER C 88 39.58 -38.03 -0.80
C SER C 88 39.15 -38.36 -2.22
N ASN C 89 38.45 -37.42 -2.86
CA ASN C 89 37.92 -37.54 -4.22
C ASN C 89 36.91 -38.67 -4.35
N GLY C 90 36.52 -39.32 -3.26
CA GLY C 90 35.69 -40.50 -3.32
C GLY C 90 36.44 -41.80 -3.42
N ARG C 91 37.74 -41.80 -3.16
CA ARG C 91 38.55 -43.02 -3.29
C ARG C 91 39.61 -43.03 -2.21
N ASN C 92 39.42 -43.89 -1.22
CA ASN C 92 40.45 -44.24 -0.24
C ASN C 92 40.76 -45.70 -0.50
N ASP C 93 41.70 -45.95 -1.40
CA ASP C 93 41.81 -47.23 -2.07
C ASP C 93 42.44 -48.32 -1.20
N THR C 94 42.54 -48.10 0.11
CA THR C 94 42.85 -49.19 1.02
C THR C 94 41.61 -49.97 1.44
N ILE C 95 40.42 -49.41 1.21
CA ILE C 95 39.19 -50.09 1.61
C ILE C 95 39.07 -51.48 1.01
N PRO C 96 39.19 -51.68 -0.31
CA PRO C 96 39.11 -53.04 -0.83
C PRO C 96 40.19 -53.94 -0.25
N VAL C 97 41.38 -53.40 0.02
CA VAL C 97 42.42 -54.17 0.68
C VAL C 97 41.96 -54.58 2.08
N LEU C 98 41.32 -53.66 2.80
CA LEU C 98 40.88 -53.98 4.15
C LEU C 98 39.81 -55.04 4.13
N LEU C 99 38.94 -55.02 3.12
CA LEU C 99 37.92 -56.07 3.00
C LEU C 99 38.55 -57.39 2.59
N ASP C 100 39.59 -57.34 1.76
CA ASP C 100 40.40 -58.53 1.49
C ASP C 100 40.95 -59.10 2.78
N ILE C 101 41.38 -58.23 3.70
CA ILE C 101 41.85 -58.70 5.00
C ILE C 101 40.70 -59.34 5.78
N ALA C 102 39.53 -58.70 5.74
CA ALA C 102 38.38 -59.23 6.44
C ALA C 102 38.04 -60.64 5.97
N GLU C 103 38.15 -60.89 4.66
CA GLU C 103 37.93 -62.23 4.16
C GLU C 103 39.12 -63.14 4.39
N ARG C 104 40.32 -62.59 4.58
CA ARG C 104 41.43 -63.40 5.06
C ARG C 104 41.11 -63.96 6.43
N THR C 105 40.47 -63.15 7.29
CA THR C 105 39.90 -63.70 8.51
C THR C 105 38.76 -64.65 8.19
N GLY C 106 38.16 -64.51 7.01
CA GLY C 106 37.00 -65.29 6.64
C GLY C 106 35.68 -64.66 7.02
N ASN C 107 35.70 -63.43 7.55
CA ASN C 107 34.51 -62.80 8.08
C ASN C 107 34.27 -61.48 7.37
N MET C 108 33.09 -61.36 6.75
CA MET C 108 32.54 -60.08 6.33
C MET C 108 31.27 -59.73 7.08
N ARG C 109 30.42 -60.73 7.36
CA ARG C 109 29.14 -60.48 8.00
C ARG C 109 29.31 -59.73 9.32
N GLU C 110 30.06 -60.31 10.26
CA GLU C 110 30.36 -59.59 11.49
C GLU C 110 31.06 -58.27 11.20
N PHE C 111 31.94 -58.27 10.21
CA PHE C 111 32.68 -57.05 9.89
C PHE C 111 31.77 -55.99 9.30
N ILE C 112 31.12 -56.29 8.18
CA ILE C 112 30.31 -55.28 7.49
C ILE C 112 29.07 -54.91 8.28
N ASN C 113 28.80 -55.61 9.38
CA ASN C 113 27.72 -55.24 10.30
C ASN C 113 28.35 -54.86 11.63
N SER C 114 28.74 -53.60 11.74
CA SER C 114 29.32 -53.03 12.96
C SER C 114 28.57 -51.73 13.25
N PRO C 115 27.37 -51.83 13.81
CA PRO C 115 26.56 -50.63 14.02
C PRO C 115 27.07 -49.81 15.19
N PHE C 116 26.96 -48.49 15.06
CA PHE C 116 27.36 -47.61 16.16
C PHE C 116 26.41 -47.78 17.34
N ARG C 117 26.97 -47.78 18.54
CA ARG C 117 26.20 -48.05 19.75
C ARG C 117 26.37 -46.89 20.73
N ASP C 118 25.39 -46.00 20.76
CA ASP C 118 25.27 -44.94 21.74
C ASP C 118 23.88 -44.33 21.59
N ILE C 119 23.62 -43.22 22.27
CA ILE C 119 22.34 -42.53 22.07
C ILE C 119 22.42 -41.53 20.94
N TYR C 120 23.60 -40.98 20.65
CA TYR C 120 23.76 -40.00 19.58
C TYR C 120 23.74 -40.67 18.22
N TYR C 121 24.67 -41.60 17.98
CA TYR C 121 24.71 -42.39 16.76
C TYR C 121 24.44 -43.83 17.13
N ARG C 122 23.20 -44.28 16.92
CA ARG C 122 22.81 -45.65 17.17
C ARG C 122 22.62 -46.38 15.84
N GLY C 123 23.07 -47.63 15.79
CA GLY C 123 23.00 -48.38 14.55
C GLY C 123 23.94 -47.82 13.51
N GLN C 124 23.39 -47.38 12.38
CA GLN C 124 24.14 -46.72 11.31
C GLN C 124 25.28 -47.61 10.81
N THR C 125 24.86 -48.70 10.16
CA THR C 125 25.83 -49.55 9.46
C THR C 125 26.57 -48.73 8.40
N ALA C 126 27.86 -49.04 8.24
CA ALA C 126 28.76 -48.29 7.38
C ALA C 126 28.14 -47.95 6.04
N LEU C 127 27.28 -48.85 5.54
CA LEU C 127 26.59 -48.62 4.28
C LEU C 127 25.88 -47.27 4.27
N HIS C 128 25.27 -46.90 5.40
CA HIS C 128 24.64 -45.59 5.50
C HIS C 128 25.64 -44.49 5.18
N ILE C 129 26.83 -44.56 5.78
CA ILE C 129 27.83 -43.53 5.58
C ILE C 129 28.31 -43.51 4.14
N ALA C 130 28.62 -44.68 3.59
CA ALA C 130 29.06 -44.76 2.20
C ALA C 130 28.04 -44.14 1.26
N ILE C 131 26.76 -44.45 1.48
CA ILE C 131 25.72 -43.88 0.63
C ILE C 131 25.64 -42.37 0.84
N GLU C 132 25.81 -41.92 2.09
CA GLU C 132 25.76 -40.50 2.37
C GLU C 132 26.84 -39.75 1.59
N ARG C 133 28.05 -40.28 1.57
CA ARG C 133 29.13 -39.65 0.83
C ARG C 133 29.03 -39.88 -0.67
N ARG C 134 28.17 -40.80 -1.10
CA ARG C 134 27.80 -40.95 -2.50
C ARG C 134 28.98 -41.29 -3.41
N CYS C 135 29.63 -42.43 -3.18
CA CYS C 135 30.56 -43.01 -4.13
C CYS C 135 29.98 -44.35 -4.56
N LYS C 136 29.20 -44.32 -5.65
CA LYS C 136 28.49 -45.50 -6.10
C LYS C 136 29.40 -46.71 -6.30
N HIS C 137 30.71 -46.50 -6.42
CA HIS C 137 31.63 -47.62 -6.56
C HIS C 137 31.71 -48.43 -5.27
N TYR C 138 32.02 -47.75 -4.17
CA TYR C 138 32.05 -48.42 -2.87
C TYR C 138 30.67 -48.94 -2.50
N VAL C 139 29.61 -48.24 -2.92
CA VAL C 139 28.26 -48.77 -2.75
C VAL C 139 28.14 -50.12 -3.44
N GLU C 140 28.51 -50.15 -4.73
CA GLU C 140 28.49 -51.40 -5.49
C GLU C 140 29.20 -52.50 -4.74
N LEU C 141 30.42 -52.23 -4.28
CA LEU C 141 31.20 -53.27 -3.62
C LEU C 141 30.48 -53.73 -2.35
N LEU C 142 30.31 -52.81 -1.40
CA LEU C 142 29.70 -53.15 -0.12
C LEU C 142 28.43 -53.96 -0.30
N VAL C 143 27.56 -53.54 -1.23
CA VAL C 143 26.32 -54.28 -1.45
C VAL C 143 26.61 -55.64 -2.06
N ALA C 144 27.62 -55.72 -2.93
CA ALA C 144 27.92 -56.97 -3.61
C ALA C 144 28.39 -58.03 -2.62
N GLN C 145 29.43 -57.71 -1.85
CA GLN C 145 29.83 -58.58 -0.75
C GLN C 145 28.65 -58.81 0.19
N GLY C 146 27.81 -57.80 0.35
CA GLY C 146 26.51 -57.93 0.98
C GLY C 146 26.53 -57.51 2.43
N ALA C 147 26.18 -56.26 2.69
CA ALA C 147 26.11 -55.82 4.07
C ALA C 147 24.74 -56.11 4.67
N ASP C 148 23.78 -55.30 4.24
CA ASP C 148 22.38 -55.39 4.61
C ASP C 148 21.69 -54.27 3.86
N VAL C 149 20.43 -54.45 3.50
CA VAL C 149 19.69 -53.36 2.90
C VAL C 149 18.71 -52.86 3.94
N HIS C 150 19.03 -53.10 5.21
CA HIS C 150 18.18 -52.68 6.31
C HIS C 150 19.06 -52.45 7.54
N ALA C 151 19.05 -51.21 8.04
CA ALA C 151 19.70 -50.89 9.31
C ALA C 151 19.03 -49.64 9.84
N GLN C 152 18.20 -49.81 10.87
CA GLN C 152 17.31 -48.75 11.34
C GLN C 152 18.07 -47.92 12.37
N ALA C 153 18.89 -47.01 11.87
CA ALA C 153 19.71 -46.17 12.73
C ALA C 153 18.82 -45.18 13.48
N ARG C 154 18.48 -45.50 14.73
CA ARG C 154 17.55 -44.72 15.52
C ARG C 154 18.26 -43.82 16.54
N GLY C 155 19.55 -43.54 16.32
CA GLY C 155 20.23 -42.58 17.18
C GLY C 155 19.52 -41.23 17.15
N ARG C 156 19.43 -40.60 18.31
CA ARG C 156 18.70 -39.34 18.43
C ARG C 156 19.14 -38.32 17.39
N PHE C 157 20.37 -38.43 16.90
CA PHE C 157 20.80 -37.58 15.79
C PHE C 157 19.89 -37.75 14.57
N PHE C 158 19.29 -38.92 14.40
CA PHE C 158 18.48 -39.22 13.23
C PHE C 158 16.99 -38.99 13.45
N GLN C 159 16.60 -38.44 14.59
CA GLN C 159 15.22 -38.08 14.81
C GLN C 159 14.89 -36.79 14.07
N PRO C 160 13.61 -36.47 13.92
CA PRO C 160 13.25 -35.16 13.36
C PRO C 160 13.74 -34.03 14.26
N LYS C 161 13.73 -32.83 13.69
CA LYS C 161 14.31 -31.67 14.36
C LYS C 161 13.45 -31.14 15.50
N ASP C 162 12.41 -31.89 15.91
CA ASP C 162 11.61 -31.51 17.06
C ASP C 162 11.72 -32.53 18.19
N GLU C 163 12.63 -33.49 18.09
CA GLU C 163 12.96 -34.41 19.16
C GLU C 163 14.45 -34.39 19.44
N GLY C 164 15.06 -33.21 19.30
CA GLY C 164 16.49 -33.08 19.38
C GLY C 164 17.25 -33.60 18.19
N GLY C 165 16.55 -34.20 17.23
CA GLY C 165 17.22 -34.75 16.07
C GLY C 165 17.77 -33.68 15.15
N TYR C 166 18.75 -34.10 14.35
CA TYR C 166 19.40 -33.22 13.39
C TYR C 166 18.96 -33.48 11.96
N PHE C 167 18.69 -34.74 11.61
CA PHE C 167 18.25 -35.08 10.26
C PHE C 167 17.57 -36.43 10.30
N TYR C 168 16.32 -36.47 9.86
CA TYR C 168 15.53 -37.70 9.85
C TYR C 168 15.23 -38.07 8.41
N PHE C 169 15.88 -39.12 7.92
CA PHE C 169 15.70 -39.57 6.55
C PHE C 169 14.82 -40.79 6.39
N GLY C 170 14.69 -41.61 7.44
CA GLY C 170 13.81 -42.76 7.36
C GLY C 170 14.42 -44.07 7.82
N GLU C 171 15.62 -44.00 8.41
CA GLU C 171 16.25 -45.15 9.04
C GLU C 171 16.38 -46.35 8.09
N LEU C 172 16.44 -46.08 6.80
CA LEU C 172 16.58 -47.17 5.84
C LEU C 172 17.52 -46.74 4.72
N PRO C 173 18.53 -47.55 4.40
CA PRO C 173 19.47 -47.16 3.34
C PRO C 173 18.79 -46.73 2.06
N LEU C 174 17.76 -47.45 1.66
CA LEU C 174 17.02 -47.09 0.46
C LEU C 174 16.43 -45.69 0.58
N SER C 175 15.69 -45.43 1.65
CA SER C 175 15.18 -44.09 1.88
C SER C 175 16.32 -43.10 2.05
N LEU C 176 17.44 -43.54 2.58
CA LEU C 176 18.58 -42.64 2.75
C LEU C 176 19.08 -42.15 1.39
N ALA C 177 19.14 -43.03 0.41
CA ALA C 177 19.47 -42.58 -0.93
C ALA C 177 18.35 -41.76 -1.53
N ALA C 178 17.10 -42.11 -1.21
CA ALA C 178 15.96 -41.39 -1.77
C ALA C 178 15.97 -39.92 -1.36
N CYS C 179 15.91 -39.67 -0.06
CA CYS C 179 15.91 -38.30 0.44
C CYS C 179 17.11 -37.52 -0.08
N THR C 180 18.28 -38.16 -0.10
CA THR C 180 19.51 -37.50 -0.52
C THR C 180 19.62 -37.33 -2.03
N ASN C 181 18.61 -37.75 -2.79
CA ASN C 181 18.54 -37.54 -4.23
C ASN C 181 19.74 -38.18 -4.95
N GLN C 182 19.78 -39.51 -4.88
CA GLN C 182 20.75 -40.32 -5.60
C GLN C 182 20.02 -41.39 -6.40
N PRO C 183 19.39 -40.99 -7.52
CA PRO C 183 18.55 -41.95 -8.26
C PRO C 183 19.24 -43.24 -8.65
N HIS C 184 20.46 -43.15 -9.17
CA HIS C 184 21.17 -44.36 -9.59
C HIS C 184 21.29 -45.36 -8.43
N ILE C 185 21.58 -44.84 -7.24
CA ILE C 185 21.65 -45.71 -6.06
C ILE C 185 20.31 -46.37 -5.82
N VAL C 186 19.22 -45.65 -6.08
CA VAL C 186 17.89 -46.23 -5.91
C VAL C 186 17.69 -47.37 -6.89
N ASN C 187 17.99 -47.14 -8.16
CA ASN C 187 17.87 -48.20 -9.15
C ASN C 187 18.71 -49.41 -8.77
N TYR C 188 19.89 -49.18 -8.21
CA TYR C 188 20.74 -50.30 -7.83
C TYR C 188 20.16 -51.07 -6.66
N LEU C 189 19.75 -50.36 -5.61
CA LEU C 189 19.33 -51.04 -4.39
C LEU C 189 17.97 -51.72 -4.57
N THR C 190 17.06 -51.09 -5.32
CA THR C 190 15.79 -51.73 -5.64
C THR C 190 16.00 -53.07 -6.32
N GLU C 191 16.84 -53.09 -7.36
CA GLU C 191 17.10 -54.31 -8.10
C GLU C 191 18.56 -54.35 -8.54
N ASN C 192 19.18 -55.52 -8.37
CA ASN C 192 20.55 -55.77 -8.75
C ASN C 192 20.82 -57.27 -8.59
N PRO C 193 21.74 -57.83 -9.37
CA PRO C 193 22.00 -59.27 -9.26
C PRO C 193 22.66 -59.67 -7.96
N HIS C 194 22.06 -59.25 -6.85
CA HIS C 194 22.51 -59.54 -5.51
C HIS C 194 21.32 -59.35 -4.58
N LYS C 195 21.57 -59.26 -3.28
CA LYS C 195 20.54 -58.79 -2.36
C LYS C 195 19.95 -57.49 -2.88
N LYS C 196 18.64 -57.34 -2.72
CA LYS C 196 17.97 -56.12 -3.10
C LYS C 196 16.82 -55.88 -2.14
N ALA C 197 16.51 -54.62 -1.88
CA ALA C 197 15.49 -54.25 -0.92
C ALA C 197 14.20 -53.90 -1.62
N ASP C 198 13.09 -54.18 -0.93
CA ASP C 198 11.78 -53.74 -1.37
C ASP C 198 11.36 -52.54 -0.53
N MET C 199 10.76 -51.58 -1.18
CA MET C 199 10.22 -50.45 -0.44
C MET C 199 9.07 -50.83 0.47
N ARG C 200 8.75 -52.13 0.50
CA ARG C 200 7.73 -52.63 1.40
C ARG C 200 8.06 -52.31 2.85
N ARG C 201 9.20 -52.80 3.34
CA ARG C 201 9.53 -52.76 4.75
C ARG C 201 9.50 -51.34 5.30
N GLN C 202 8.56 -51.08 6.20
CA GLN C 202 8.46 -49.78 6.85
C GLN C 202 9.57 -49.65 7.89
N ASP C 203 9.63 -48.48 8.52
CA ASP C 203 10.73 -48.12 9.40
C ASP C 203 10.41 -48.50 10.84
N SER C 204 11.23 -48.02 11.77
CA SER C 204 10.93 -48.10 13.19
C SER C 204 9.95 -47.02 13.63
N ARG C 205 9.38 -46.28 12.69
CA ARG C 205 8.36 -45.30 12.98
C ARG C 205 7.09 -45.50 12.16
N GLY C 206 6.92 -46.66 11.54
CA GLY C 206 5.74 -46.97 10.76
C GLY C 206 5.82 -46.53 9.31
N ASN C 207 6.80 -45.72 8.96
CA ASN C 207 6.88 -45.11 7.63
C ASN C 207 7.67 -45.99 6.67
N THR C 208 7.25 -45.98 5.41
CA THR C 208 8.04 -46.44 4.30
C THR C 208 8.61 -45.25 3.55
N VAL C 209 9.37 -45.54 2.50
CA VAL C 209 10.18 -44.52 1.84
C VAL C 209 9.34 -43.34 1.36
N LEU C 210 8.08 -43.57 0.99
CA LEU C 210 7.25 -42.46 0.54
C LEU C 210 6.99 -41.47 1.67
N HIS C 211 6.60 -41.97 2.83
CA HIS C 211 6.31 -41.08 3.95
C HIS C 211 7.52 -40.26 4.33
N ALA C 212 8.68 -40.91 4.44
CA ALA C 212 9.92 -40.18 4.66
C ALA C 212 10.12 -39.11 3.60
N LEU C 213 9.99 -39.52 2.33
CA LEU C 213 10.14 -38.59 1.21
C LEU C 213 9.26 -37.37 1.36
N VAL C 214 8.09 -37.54 1.96
CA VAL C 214 7.24 -36.39 2.26
C VAL C 214 7.75 -35.62 3.47
N ALA C 215 8.34 -36.32 4.46
CA ALA C 215 8.75 -35.66 5.69
C ALA C 215 9.75 -34.55 5.41
N ILE C 216 10.85 -34.88 4.73
CA ILE C 216 11.91 -33.91 4.50
C ILE C 216 11.60 -33.08 3.27
N ALA C 217 10.41 -33.23 2.72
CA ALA C 217 10.00 -32.33 1.65
C ALA C 217 9.88 -30.92 2.20
N ASP C 218 10.01 -29.95 1.30
CA ASP C 218 9.91 -28.56 1.70
C ASP C 218 9.13 -27.82 0.60
N ASN C 219 9.06 -26.50 0.72
CA ASN C 219 8.28 -25.69 -0.21
C ASN C 219 9.14 -24.84 -1.14
N THR C 220 10.45 -24.76 -0.91
CA THR C 220 11.30 -24.04 -1.83
C THR C 220 11.38 -24.76 -3.16
N ARG C 221 11.61 -23.98 -4.23
CA ARG C 221 11.62 -24.53 -5.58
C ARG C 221 12.49 -25.77 -5.69
N GLU C 222 13.73 -25.68 -5.20
CA GLU C 222 14.65 -26.81 -5.29
C GLU C 222 14.11 -28.02 -4.55
N ASN C 223 13.67 -27.83 -3.31
CA ASN C 223 13.15 -28.93 -2.51
C ASN C 223 11.77 -29.37 -2.93
N THR C 224 11.29 -28.87 -4.06
CA THR C 224 10.13 -29.42 -4.71
C THR C 224 10.45 -30.14 -6.01
N LYS C 225 11.36 -29.59 -6.82
CA LYS C 225 11.60 -30.13 -8.15
C LYS C 225 12.01 -31.60 -8.09
N PHE C 226 13.15 -31.88 -7.46
CA PHE C 226 13.68 -33.23 -7.49
C PHE C 226 12.76 -34.22 -6.80
N VAL C 227 12.20 -33.83 -5.65
CA VAL C 227 11.36 -34.74 -4.88
C VAL C 227 10.10 -35.08 -5.64
N THR C 228 9.56 -34.11 -6.39
CA THR C 228 8.38 -34.36 -7.22
C THR C 228 8.57 -35.59 -8.08
N LYS C 229 9.59 -35.56 -8.93
CA LYS C 229 9.80 -36.67 -9.86
C LYS C 229 10.36 -37.90 -9.18
N MET C 230 11.13 -37.75 -8.09
CA MET C 230 11.63 -38.93 -7.40
C MET C 230 10.50 -39.74 -6.81
N TYR C 231 9.50 -39.06 -6.25
CA TYR C 231 8.32 -39.75 -5.73
C TYR C 231 7.67 -40.59 -6.81
N ASP C 232 7.40 -39.98 -7.97
CA ASP C 232 6.76 -40.71 -9.05
C ASP C 232 7.62 -41.86 -9.54
N LEU C 233 8.94 -41.64 -9.61
CA LEU C 233 9.85 -42.70 -10.02
C LEU C 233 9.70 -43.91 -9.13
N LEU C 234 9.87 -43.71 -7.82
CA LEU C 234 9.82 -44.85 -6.92
C LEU C 234 8.42 -45.46 -6.88
N LEU C 235 7.38 -44.64 -7.04
CA LEU C 235 6.03 -45.15 -7.08
C LEU C 235 5.83 -46.10 -8.25
N LEU C 236 6.24 -45.66 -9.45
CA LEU C 236 6.17 -46.52 -10.62
C LEU C 236 7.01 -47.77 -10.44
N LYS C 237 8.16 -47.64 -9.78
CA LYS C 237 8.99 -48.82 -9.51
C LYS C 237 8.23 -49.85 -8.70
N CYS C 238 7.73 -49.44 -7.54
CA CYS C 238 6.93 -50.35 -6.72
C CYS C 238 5.73 -50.88 -7.48
N ALA C 239 5.13 -50.06 -8.35
CA ALA C 239 4.00 -50.51 -9.14
C ALA C 239 4.40 -51.66 -10.05
N ARG C 240 5.35 -51.42 -10.95
CA ARG C 240 5.75 -52.44 -11.91
C ARG C 240 6.23 -53.70 -11.21
N LEU C 241 7.11 -53.56 -10.23
CA LEU C 241 7.68 -54.74 -9.60
C LEU C 241 6.74 -55.42 -8.63
N PHE C 242 5.65 -54.75 -8.24
CA PHE C 242 4.63 -55.35 -7.37
C PHE C 242 3.24 -55.05 -7.94
N PRO C 243 2.97 -55.49 -9.17
CA PRO C 243 1.77 -55.06 -9.88
C PRO C 243 0.50 -55.78 -9.42
N ASP C 244 0.35 -55.93 -8.11
CA ASP C 244 -0.86 -56.46 -7.52
C ASP C 244 -1.49 -55.48 -6.55
N SER C 245 -0.73 -54.98 -5.59
CA SER C 245 -1.15 -53.95 -4.65
C SER C 245 -0.44 -52.65 -5.01
N ASN C 246 -0.59 -51.65 -4.14
CA ASN C 246 0.07 -50.37 -4.32
C ASN C 246 0.76 -49.97 -3.03
N LEU C 247 1.78 -49.11 -3.18
CA LEU C 247 2.52 -48.62 -2.02
C LEU C 247 1.73 -47.56 -1.28
N GLU C 248 1.00 -46.71 -2.02
CA GLU C 248 0.30 -45.59 -1.42
C GLU C 248 -0.63 -46.03 -0.29
N ALA C 249 -1.13 -47.26 -0.36
CA ALA C 249 -2.12 -47.71 0.61
C ALA C 249 -1.51 -47.95 1.99
N VAL C 250 -0.21 -48.21 2.06
CA VAL C 250 0.41 -48.57 3.33
C VAL C 250 0.45 -47.35 4.24
N LEU C 251 0.13 -47.56 5.52
CA LEU C 251 0.01 -46.48 6.48
C LEU C 251 1.13 -46.55 7.52
N ASN C 252 1.36 -45.42 8.18
CA ASN C 252 2.43 -45.30 9.17
C ASN C 252 1.97 -45.91 10.50
N ASN C 253 2.79 -45.75 11.54
CA ASN C 253 2.39 -46.19 12.88
C ASN C 253 1.13 -45.46 13.35
N ASP C 254 0.99 -44.19 12.97
CA ASP C 254 -0.23 -43.47 13.30
C ASP C 254 -1.36 -43.79 12.33
N GLY C 255 -1.14 -44.73 11.42
CA GLY C 255 -2.16 -45.09 10.44
C GLY C 255 -2.45 -44.04 9.41
N LEU C 256 -1.57 -43.06 9.24
CA LEU C 256 -1.82 -42.01 8.27
C LEU C 256 -1.32 -42.42 6.89
N SER C 257 -2.00 -41.93 5.87
CA SER C 257 -1.45 -42.16 4.55
C SER C 257 -0.30 -41.19 4.30
N PRO C 258 0.61 -41.50 3.38
CA PRO C 258 1.62 -40.51 3.01
C PRO C 258 0.99 -39.21 2.55
N LEU C 259 -0.13 -39.31 1.84
CA LEU C 259 -0.91 -38.11 1.52
C LEU C 259 -1.40 -37.43 2.79
N MET C 260 -1.83 -38.22 3.79
CA MET C 260 -2.28 -37.64 5.05
C MET C 260 -1.16 -36.86 5.72
N MET C 261 -0.01 -37.51 5.93
CA MET C 261 1.13 -36.82 6.53
C MET C 261 1.54 -35.61 5.72
N ALA C 262 1.39 -35.68 4.40
CA ALA C 262 1.61 -34.49 3.58
C ALA C 262 0.66 -33.38 3.98
N ALA C 263 -0.60 -33.72 4.22
CA ALA C 263 -1.59 -32.72 4.60
C ALA C 263 -1.28 -32.13 5.97
N LYS C 264 -1.03 -32.98 6.96
CA LYS C 264 -0.90 -32.54 8.34
C LYS C 264 0.21 -31.50 8.48
N THR C 265 1.44 -31.88 8.14
CA THR C 265 2.54 -30.94 8.25
C THR C 265 2.47 -29.83 7.21
N GLY C 266 1.45 -29.82 6.36
CA GLY C 266 1.25 -28.71 5.43
C GLY C 266 2.27 -28.60 4.33
N LYS C 267 2.76 -29.72 3.81
CA LYS C 267 3.69 -29.71 2.69
C LYS C 267 2.91 -29.41 1.43
N ILE C 268 2.95 -28.14 0.98
CA ILE C 268 2.15 -27.72 -0.16
C ILE C 268 2.57 -28.48 -1.41
N GLY C 269 3.83 -28.33 -1.81
CA GLY C 269 4.34 -28.83 -3.07
C GLY C 269 4.00 -30.28 -3.37
N ILE C 270 4.51 -31.20 -2.55
CA ILE C 270 4.30 -32.62 -2.82
C ILE C 270 2.81 -32.94 -2.83
N PHE C 271 2.03 -32.27 -1.99
CA PHE C 271 0.60 -32.52 -1.97
C PHE C 271 -0.06 -32.00 -3.24
N GLN C 272 0.21 -30.74 -3.57
CA GLN C 272 -0.33 -30.15 -4.79
C GLN C 272 0.00 -31.01 -6.00
N HIS C 273 1.16 -31.64 -6.02
CA HIS C 273 1.52 -32.50 -7.14
C HIS C 273 0.86 -33.86 -7.09
N ILE C 274 0.83 -34.49 -5.92
CA ILE C 274 0.22 -35.82 -5.81
C ILE C 274 -1.27 -35.77 -6.08
N ILE C 275 -1.90 -34.61 -5.92
CA ILE C 275 -3.34 -34.57 -6.15
C ILE C 275 -3.66 -34.52 -7.63
N ARG C 276 -2.76 -33.98 -8.45
CA ARG C 276 -3.02 -33.85 -9.88
C ARG C 276 -2.49 -35.04 -10.67
N ARG C 277 -1.31 -35.54 -10.30
CA ARG C 277 -0.52 -36.40 -11.16
C ARG C 277 -1.34 -37.53 -11.78
N GLU C 278 -1.11 -37.78 -13.06
CA GLU C 278 -1.73 -38.88 -13.78
C GLU C 278 -0.67 -39.63 -14.57
N VAL C 279 -0.84 -40.95 -14.66
CA VAL C 279 0.15 -41.79 -15.31
C VAL C 279 -0.13 -41.78 -16.81
N THR C 280 0.81 -41.24 -17.58
CA THR C 280 0.57 -41.04 -19.01
C THR C 280 0.38 -42.37 -19.73
N ASP C 281 1.42 -43.21 -19.72
CA ASP C 281 1.34 -44.50 -20.38
C ASP C 281 0.24 -45.35 -19.76
N GLU C 282 -0.77 -45.67 -20.56
CA GLU C 282 -1.93 -46.41 -20.08
C GLU C 282 -1.61 -47.88 -19.80
N ASP C 283 -0.40 -48.34 -20.10
CA ASP C 283 0.00 -49.70 -19.74
C ASP C 283 -0.32 -49.99 -18.28
N THR C 284 0.21 -49.18 -17.36
CA THR C 284 -0.25 -49.17 -15.98
C THR C 284 -0.48 -47.71 -15.62
N ARG C 285 -1.67 -47.20 -15.98
CA ARG C 285 -2.14 -45.91 -15.53
C ARG C 285 -3.15 -46.05 -14.40
N HIS C 286 -3.34 -47.26 -13.89
CA HIS C 286 -4.37 -47.53 -12.91
C HIS C 286 -3.89 -47.12 -11.53
N LEU C 287 -3.29 -45.94 -11.45
CA LEU C 287 -3.05 -45.29 -10.17
C LEU C 287 -3.16 -43.77 -10.29
N SER C 288 -3.58 -43.26 -11.44
CA SER C 288 -3.60 -41.84 -11.70
C SER C 288 -4.70 -41.17 -10.87
N ARG C 289 -4.58 -39.85 -10.75
CA ARG C 289 -5.51 -39.06 -9.95
C ARG C 289 -6.45 -38.24 -10.82
N LYS C 290 -5.89 -37.43 -11.73
CA LYS C 290 -6.69 -36.67 -12.68
C LYS C 290 -6.96 -37.52 -13.90
N PHE C 291 -8.16 -37.39 -14.46
CA PHE C 291 -8.53 -38.16 -15.64
C PHE C 291 -8.96 -37.21 -16.75
N LYS C 292 -9.46 -37.79 -17.84
CA LYS C 292 -10.02 -37.04 -18.95
C LYS C 292 -11.30 -37.71 -19.40
N ASP C 293 -12.29 -36.91 -19.76
CA ASP C 293 -13.56 -37.41 -20.25
C ASP C 293 -13.82 -37.03 -21.70
N TRP C 294 -13.75 -35.74 -22.02
CA TRP C 294 -13.87 -35.29 -23.40
C TRP C 294 -13.43 -33.84 -23.50
N ALA C 295 -12.89 -33.48 -24.65
CA ALA C 295 -12.41 -32.14 -24.93
C ALA C 295 -13.04 -31.69 -26.25
N TYR C 296 -14.07 -30.87 -26.18
CA TYR C 296 -14.75 -30.39 -27.37
C TYR C 296 -14.15 -29.07 -27.87
N GLY C 297 -12.84 -29.07 -28.07
CA GLY C 297 -12.14 -27.88 -28.49
C GLY C 297 -11.47 -27.19 -27.31
N PRO C 298 -12.08 -26.10 -26.83
CA PRO C 298 -11.49 -25.35 -25.73
C PRO C 298 -11.96 -25.75 -24.34
N VAL C 299 -12.80 -26.75 -24.21
CA VAL C 299 -13.37 -27.14 -22.93
C VAL C 299 -13.00 -28.59 -22.66
N TYR C 300 -12.29 -28.82 -21.56
CA TYR C 300 -11.93 -30.15 -21.11
C TYR C 300 -12.76 -30.51 -19.90
N SER C 301 -13.52 -31.60 -19.98
CA SER C 301 -14.32 -32.08 -18.86
C SER C 301 -13.41 -32.93 -17.98
N SER C 302 -12.49 -32.27 -17.29
CA SER C 302 -11.54 -33.01 -16.49
C SER C 302 -12.23 -33.58 -15.25
N LEU C 303 -11.67 -34.66 -14.74
CA LEU C 303 -12.35 -35.49 -13.75
C LEU C 303 -11.36 -35.84 -12.64
N TYR C 304 -11.52 -35.22 -11.48
CA TYR C 304 -10.62 -35.44 -10.36
C TYR C 304 -11.14 -36.53 -9.45
N ASP C 305 -10.25 -37.46 -9.10
CA ASP C 305 -10.62 -38.55 -8.22
C ASP C 305 -10.82 -38.04 -6.80
N LEU C 306 -11.64 -38.78 -6.05
CA LEU C 306 -11.77 -38.54 -4.62
C LEU C 306 -11.96 -39.90 -3.96
N SER C 307 -10.91 -40.36 -3.29
CA SER C 307 -10.97 -41.64 -2.61
C SER C 307 -10.53 -41.56 -1.16
N SER C 308 -9.68 -40.61 -0.79
CA SER C 308 -9.35 -40.34 0.59
C SER C 308 -9.70 -38.90 0.93
N LEU C 309 -10.48 -38.25 0.07
CA LEU C 309 -10.85 -36.86 0.28
C LEU C 309 -12.00 -36.68 1.24
N ASP C 310 -13.00 -37.57 1.24
CA ASP C 310 -14.16 -37.37 2.11
C ASP C 310 -14.84 -38.69 2.38
N THR C 311 -14.81 -39.14 3.63
CA THR C 311 -15.65 -40.23 4.11
C THR C 311 -16.27 -39.96 5.47
N CYS C 312 -16.11 -38.76 6.02
CA CYS C 312 -16.74 -38.34 7.27
C CYS C 312 -16.28 -39.20 8.46
N GLY C 313 -14.98 -39.15 8.70
CA GLY C 313 -14.42 -39.74 9.91
C GLY C 313 -14.33 -41.24 9.93
N GLU C 314 -14.42 -41.90 8.78
CA GLU C 314 -14.37 -43.35 8.71
C GLU C 314 -12.98 -43.90 8.42
N GLU C 315 -12.17 -43.18 7.64
CA GLU C 315 -10.79 -43.59 7.39
C GLU C 315 -9.82 -42.42 7.50
N ALA C 316 -10.15 -41.41 8.31
CA ALA C 316 -9.36 -40.20 8.46
C ALA C 316 -9.17 -39.50 7.11
N SER C 317 -10.29 -39.07 6.56
CA SER C 317 -10.28 -38.37 5.28
C SER C 317 -9.50 -37.08 5.38
N VAL C 318 -8.79 -36.74 4.30
CA VAL C 318 -7.82 -35.64 4.34
C VAL C 318 -8.52 -34.33 4.66
N LEU C 319 -9.72 -34.12 4.12
CA LEU C 319 -10.42 -32.86 4.34
C LEU C 319 -10.68 -32.63 5.82
N GLU C 320 -10.91 -33.72 6.56
CA GLU C 320 -11.11 -33.63 8.00
C GLU C 320 -9.88 -33.04 8.69
N ILE C 321 -8.71 -33.64 8.44
CA ILE C 321 -7.47 -33.12 9.02
C ILE C 321 -7.19 -31.72 8.52
N LEU C 322 -7.71 -31.36 7.34
CA LEU C 322 -7.55 -30.00 6.83
C LEU C 322 -8.39 -29.01 7.63
N VAL C 323 -9.58 -29.43 8.06
CA VAL C 323 -10.52 -28.49 8.68
C VAL C 323 -10.39 -28.48 10.20
N TYR C 324 -10.50 -29.63 10.85
CA TYR C 324 -10.53 -29.65 12.31
C TYR C 324 -9.13 -29.54 12.91
N ASN C 325 -8.29 -30.54 12.66
CA ASN C 325 -7.05 -30.71 13.40
C ASN C 325 -5.90 -29.86 12.87
N SER C 326 -6.15 -29.02 11.86
CA SER C 326 -5.08 -28.26 11.24
C SER C 326 -4.90 -26.91 11.91
N LYS C 327 -3.68 -26.63 12.35
CA LYS C 327 -3.25 -25.32 12.82
C LYS C 327 -2.04 -24.88 12.02
N ILE C 328 -2.11 -25.02 10.70
CA ILE C 328 -0.94 -25.01 9.83
C ILE C 328 -0.77 -23.64 9.21
N GLU C 329 0.49 -23.19 9.14
CA GLU C 329 0.82 -21.93 8.48
C GLU C 329 0.31 -21.88 7.05
N ASN C 330 0.25 -23.03 6.38
CA ASN C 330 -0.20 -23.10 4.99
C ASN C 330 -1.59 -23.70 4.86
N ARG C 331 -2.28 -23.90 5.99
CA ARG C 331 -3.62 -24.49 5.94
C ARG C 331 -4.52 -23.76 4.96
N HIS C 332 -4.49 -22.43 4.98
CA HIS C 332 -5.29 -21.64 4.06
C HIS C 332 -4.90 -21.93 2.61
N GLU C 333 -3.61 -21.78 2.30
CA GLU C 333 -3.17 -21.81 0.91
C GLU C 333 -3.43 -23.16 0.27
N MET C 334 -3.24 -24.25 1.02
CA MET C 334 -3.47 -25.58 0.47
C MET C 334 -4.92 -25.74 0.01
N LEU C 335 -5.86 -25.05 0.66
CA LEU C 335 -7.25 -25.17 0.25
C LEU C 335 -7.50 -24.62 -1.14
N ALA C 336 -6.60 -23.78 -1.65
CA ALA C 336 -6.76 -23.20 -2.97
C ALA C 336 -6.64 -24.21 -4.10
N VAL C 337 -6.35 -25.47 -3.81
CA VAL C 337 -6.25 -26.47 -4.86
C VAL C 337 -7.64 -26.78 -5.40
N GLU C 338 -7.71 -27.05 -6.70
CA GLU C 338 -8.95 -27.16 -7.47
C GLU C 338 -9.98 -28.09 -6.84
N PRO C 339 -9.68 -29.38 -6.65
CA PRO C 339 -10.75 -30.32 -6.27
C PRO C 339 -11.15 -30.22 -4.81
N ILE C 340 -10.70 -29.18 -4.12
CA ILE C 340 -11.11 -28.92 -2.75
C ILE C 340 -11.91 -27.64 -2.71
N ASN C 341 -11.36 -26.58 -3.29
CA ASN C 341 -12.09 -25.32 -3.42
C ASN C 341 -13.41 -25.55 -4.13
N GLU C 342 -13.41 -26.36 -5.19
CA GLU C 342 -14.67 -26.68 -5.85
C GLU C 342 -15.57 -27.52 -4.95
N LEU C 343 -14.98 -28.43 -4.17
CA LEU C 343 -15.80 -29.32 -3.35
C LEU C 343 -16.53 -28.53 -2.28
N LEU C 344 -15.95 -27.41 -1.85
CA LEU C 344 -16.67 -26.53 -0.95
C LEU C 344 -17.99 -26.08 -1.56
N ARG C 345 -17.94 -25.50 -2.76
CA ARG C 345 -19.17 -25.08 -3.43
C ARG C 345 -20.10 -26.25 -3.67
N ASP C 346 -19.53 -27.41 -4.00
CA ASP C 346 -20.35 -28.59 -4.28
C ASP C 346 -21.16 -28.98 -3.05
N LYS C 347 -20.52 -29.05 -1.90
CA LYS C 347 -21.23 -29.32 -0.65
C LYS C 347 -22.03 -28.12 -0.16
N TRP C 348 -21.84 -26.95 -0.77
CA TRP C 348 -22.57 -25.75 -0.35
C TRP C 348 -23.92 -25.64 -1.03
N ARG C 349 -23.94 -25.64 -2.37
CA ARG C 349 -25.16 -25.45 -3.11
C ARG C 349 -26.12 -26.62 -2.92
N LYS C 350 -25.66 -27.66 -2.22
CA LYS C 350 -26.51 -28.77 -1.83
C LYS C 350 -26.15 -29.15 -0.40
N PHE C 351 -27.13 -29.10 0.49
CA PHE C 351 -26.95 -29.50 1.89
C PHE C 351 -26.02 -28.54 2.62
N GLY C 352 -25.60 -27.46 1.97
CA GLY C 352 -24.74 -26.49 2.61
C GLY C 352 -25.48 -25.34 3.28
N ALA C 353 -26.33 -24.65 2.52
CA ALA C 353 -27.08 -23.52 3.07
C ALA C 353 -28.42 -23.93 3.67
N VAL C 354 -29.01 -25.02 3.18
CA VAL C 354 -30.33 -25.42 3.65
C VAL C 354 -30.30 -25.69 5.15
N SER C 355 -29.48 -26.65 5.57
CA SER C 355 -29.45 -27.02 6.98
C SER C 355 -28.89 -25.89 7.83
N PHE C 356 -27.99 -25.07 7.28
CA PHE C 356 -27.47 -23.92 8.01
C PHE C 356 -28.59 -22.96 8.37
N TYR C 357 -29.42 -22.60 7.38
CA TYR C 357 -30.54 -21.71 7.65
C TYR C 357 -31.55 -22.37 8.57
N ILE C 358 -31.81 -23.67 8.40
CA ILE C 358 -32.72 -24.38 9.29
C ILE C 358 -32.24 -24.26 10.73
N ASN C 359 -30.96 -24.53 10.95
CA ASN C 359 -30.43 -24.48 12.31
C ASN C 359 -30.50 -23.07 12.88
N VAL C 360 -30.13 -22.06 12.10
CA VAL C 360 -30.12 -20.71 12.65
C VAL C 360 -31.54 -20.25 12.97
N VAL C 361 -32.50 -20.57 12.11
CA VAL C 361 -33.87 -20.12 12.37
C VAL C 361 -34.47 -20.87 13.55
N SER C 362 -34.20 -22.17 13.66
CA SER C 362 -34.70 -22.91 14.81
C SER C 362 -34.08 -22.43 16.11
N TYR C 363 -32.79 -22.06 16.07
CA TYR C 363 -32.12 -21.58 17.26
C TYR C 363 -32.69 -20.23 17.71
N LEU C 364 -32.85 -19.31 16.76
CA LEU C 364 -33.46 -18.02 17.08
C LEU C 364 -34.87 -18.20 17.62
N CYS C 365 -35.64 -19.12 17.04
CA CYS C 365 -37.00 -19.36 17.51
C CYS C 365 -36.99 -19.91 18.93
N ALA C 366 -36.10 -20.88 19.22
CA ALA C 366 -36.00 -21.42 20.56
C ALA C 366 -35.64 -20.34 21.57
N MET C 367 -34.72 -19.45 21.20
CA MET C 367 -34.32 -18.42 22.14
C MET C 367 -35.45 -17.43 22.39
N VAL C 368 -36.19 -17.06 21.33
CA VAL C 368 -37.31 -16.15 21.53
C VAL C 368 -38.40 -16.82 22.35
N ILE C 369 -38.53 -18.15 22.23
CA ILE C 369 -39.52 -18.87 23.03
C ILE C 369 -39.11 -18.88 24.49
N PHE C 370 -37.82 -19.06 24.76
CA PHE C 370 -37.35 -18.99 26.14
C PHE C 370 -37.58 -17.60 26.72
N THR C 371 -37.34 -16.56 25.90
CA THR C 371 -37.67 -15.20 26.32
C THR C 371 -39.16 -15.07 26.67
N LEU C 372 -40.02 -15.56 25.79
CA LEU C 372 -41.47 -15.59 26.00
C LEU C 372 -41.81 -16.18 27.35
N THR C 373 -41.41 -17.43 27.58
CA THR C 373 -41.70 -18.09 28.85
C THR C 373 -41.07 -17.38 30.03
N ALA C 374 -40.01 -16.61 29.82
CA ALA C 374 -39.42 -15.84 30.91
C ALA C 374 -40.33 -14.68 31.33
N TYR C 375 -40.71 -13.83 30.38
CA TYR C 375 -41.39 -12.58 30.72
C TYR C 375 -42.80 -12.80 31.27
N TYR C 376 -43.48 -13.87 30.90
CA TYR C 376 -44.87 -14.09 31.27
C TYR C 376 -45.04 -14.90 32.55
N GLN C 377 -44.10 -14.81 33.47
CA GLN C 377 -44.13 -15.63 34.68
C GLN C 377 -44.84 -14.90 35.81
N PRO C 378 -45.32 -15.65 36.81
CA PRO C 378 -45.87 -15.01 38.01
C PRO C 378 -44.76 -14.35 38.82
N LEU C 379 -44.88 -13.04 39.00
CA LEU C 379 -43.82 -12.24 39.59
C LEU C 379 -44.12 -11.91 41.06
N GLU C 380 -43.28 -11.04 41.62
CA GLU C 380 -43.39 -10.57 43.00
C GLU C 380 -43.33 -11.74 44.00
N GLY C 381 -42.17 -12.37 44.02
CA GLY C 381 -41.90 -13.46 44.95
C GLY C 381 -42.60 -14.75 44.56
N THR C 382 -42.32 -15.80 45.35
CA THR C 382 -43.01 -17.09 45.26
C THR C 382 -42.91 -17.72 43.88
N PRO C 383 -41.77 -18.28 43.50
CA PRO C 383 -41.71 -19.13 42.28
C PRO C 383 -41.83 -20.62 42.59
N PRO C 384 -43.04 -21.14 42.92
CA PRO C 384 -43.21 -22.59 42.89
C PRO C 384 -43.59 -23.06 41.50
N TYR C 385 -43.94 -24.35 41.34
CA TYR C 385 -44.46 -24.85 40.08
C TYR C 385 -45.98 -24.68 40.01
N PRO C 386 -46.47 -23.68 39.29
CA PRO C 386 -47.91 -23.38 39.28
C PRO C 386 -48.73 -24.01 38.15
N TYR C 387 -48.22 -25.00 37.43
CA TYR C 387 -48.89 -25.47 36.22
C TYR C 387 -50.17 -26.21 36.58
N ARG C 388 -51.30 -25.48 36.54
CA ARG C 388 -52.61 -26.05 36.80
C ARG C 388 -53.70 -25.50 35.89
N THR C 389 -53.39 -24.63 34.93
CA THR C 389 -54.42 -23.94 34.16
C THR C 389 -54.04 -23.90 32.69
N THR C 390 -55.00 -23.43 31.88
CA THR C 390 -54.82 -23.38 30.43
C THR C 390 -53.81 -22.33 30.03
N VAL C 391 -53.83 -21.16 30.69
CA VAL C 391 -52.92 -20.09 30.30
C VAL C 391 -51.47 -20.49 30.61
N ASP C 392 -51.27 -21.44 31.52
CA ASP C 392 -49.92 -21.89 31.83
C ASP C 392 -49.43 -22.99 30.89
N TYR C 393 -50.31 -23.50 30.02
CA TYR C 393 -49.86 -24.40 28.97
C TYR C 393 -48.82 -23.75 28.08
N LEU C 394 -48.91 -22.44 27.89
CA LEU C 394 -47.88 -21.72 27.13
C LEU C 394 -46.50 -21.88 27.76
N ARG C 395 -46.40 -21.58 29.05
CA ARG C 395 -45.13 -21.71 29.76
C ARG C 395 -44.68 -23.17 29.79
N LEU C 396 -45.62 -24.10 29.94
CA LEU C 396 -45.26 -25.52 29.96
C LEU C 396 -44.65 -25.94 28.62
N ALA C 397 -45.30 -25.56 27.52
CA ALA C 397 -44.81 -25.93 26.20
C ALA C 397 -43.52 -25.21 25.86
N GLY C 398 -43.28 -24.05 26.44
CA GLY C 398 -42.01 -23.39 26.24
C GLY C 398 -40.89 -24.04 27.01
N GLU C 399 -41.15 -24.41 28.27
CA GLU C 399 -40.09 -24.98 29.09
C GLU C 399 -39.76 -26.40 28.67
N VAL C 400 -40.74 -27.16 28.17
CA VAL C 400 -40.43 -28.51 27.71
C VAL C 400 -39.49 -28.46 26.52
N ILE C 401 -39.72 -27.52 25.59
CA ILE C 401 -38.84 -27.44 24.43
C ILE C 401 -37.53 -26.77 24.81
N THR C 402 -37.52 -25.96 25.86
CA THR C 402 -36.25 -25.47 26.39
C THR C 402 -35.39 -26.63 26.89
N LEU C 403 -35.96 -27.49 27.72
CA LEU C 403 -35.23 -28.67 28.18
C LEU C 403 -34.89 -29.60 27.01
N PHE C 404 -35.71 -29.60 25.97
CA PHE C 404 -35.41 -30.41 24.79
C PHE C 404 -34.18 -29.89 24.05
N THR C 405 -34.12 -28.57 23.82
CA THR C 405 -32.91 -27.98 23.26
C THR C 405 -31.71 -28.26 24.16
N GLY C 406 -31.92 -28.25 25.48
CA GLY C 406 -30.85 -28.59 26.39
C GLY C 406 -30.31 -30.00 26.17
N VAL C 407 -31.21 -30.99 26.17
CA VAL C 407 -30.76 -32.37 26.03
C VAL C 407 -30.17 -32.60 24.64
N LEU C 408 -30.65 -31.85 23.64
CA LEU C 408 -30.09 -31.99 22.30
C LEU C 408 -28.66 -31.47 22.25
N PHE C 409 -28.43 -30.25 22.74
CA PHE C 409 -27.07 -29.74 22.80
C PHE C 409 -26.18 -30.52 23.75
N PHE C 410 -26.76 -31.24 24.70
CA PHE C 410 -26.01 -32.17 25.53
C PHE C 410 -25.52 -33.36 24.71
N PHE C 411 -26.46 -34.01 24.00
CA PHE C 411 -26.10 -35.12 23.12
C PHE C 411 -25.09 -34.69 22.08
N THR C 412 -25.14 -33.43 21.65
CA THR C 412 -24.18 -32.94 20.64
C THR C 412 -22.75 -33.06 21.15
N ASN C 413 -22.51 -32.67 22.40
CA ASN C 413 -21.14 -32.68 22.90
C ASN C 413 -20.74 -34.03 23.50
N ILE C 414 -21.70 -34.83 23.96
CA ILE C 414 -21.29 -36.14 24.48
C ILE C 414 -20.79 -37.03 23.37
N LYS C 415 -21.24 -36.80 22.13
CA LYS C 415 -20.70 -37.54 21.00
C LYS C 415 -19.28 -37.12 20.65
N ASP C 416 -18.80 -36.00 21.19
CA ASP C 416 -17.41 -35.59 20.99
C ASP C 416 -16.43 -36.44 21.79
N LEU C 417 -16.93 -37.33 22.66
CA LEU C 417 -16.09 -38.22 23.43
C LEU C 417 -15.74 -39.50 22.67
N PHE C 434 -16.57 -22.11 20.45
CA PHE C 434 -17.91 -22.58 20.22
C PHE C 434 -17.94 -24.10 20.05
N GLN C 435 -17.33 -24.80 21.00
CA GLN C 435 -17.42 -26.25 21.07
C GLN C 435 -17.90 -26.74 22.42
N LEU C 436 -17.87 -25.91 23.45
CA LEU C 436 -18.43 -26.24 24.76
C LEU C 436 -19.45 -25.23 25.25
N LEU C 437 -19.51 -24.04 24.67
CA LEU C 437 -20.45 -23.03 25.15
C LEU C 437 -21.89 -23.50 25.00
N TYR C 438 -22.24 -24.04 23.82
CA TYR C 438 -23.57 -24.60 23.66
C TYR C 438 -23.81 -25.81 24.54
N PHE C 439 -22.76 -26.40 25.11
CA PHE C 439 -22.92 -27.50 26.06
C PHE C 439 -23.11 -26.99 27.49
N ILE C 440 -22.34 -25.98 27.88
CA ILE C 440 -22.59 -25.33 29.17
C ILE C 440 -24.00 -24.75 29.18
N TYR C 441 -24.48 -24.31 28.02
CA TYR C 441 -25.89 -23.97 27.85
C TYR C 441 -26.78 -25.09 28.38
N SER C 442 -26.58 -26.30 27.86
CA SER C 442 -27.39 -27.43 28.29
C SER C 442 -27.23 -27.72 29.78
N VAL C 443 -26.00 -27.60 30.28
CA VAL C 443 -25.75 -27.83 31.70
C VAL C 443 -26.60 -26.89 32.54
N LEU C 444 -26.62 -25.61 32.18
CA LEU C 444 -27.39 -24.65 32.95
C LEU C 444 -28.89 -24.85 32.76
N VAL C 445 -29.32 -25.29 31.56
CA VAL C 445 -30.72 -25.62 31.38
C VAL C 445 -31.13 -26.79 32.27
N ILE C 446 -30.22 -27.75 32.46
CA ILE C 446 -30.54 -28.86 33.37
C ILE C 446 -30.55 -28.41 34.81
N VAL C 447 -29.65 -27.48 35.18
CA VAL C 447 -29.73 -26.85 36.50
C VAL C 447 -31.11 -26.23 36.69
N SER C 448 -31.58 -25.50 35.68
CA SER C 448 -32.90 -24.87 35.75
C SER C 448 -34.00 -25.92 35.88
N ALA C 449 -33.89 -27.02 35.13
CA ALA C 449 -34.89 -28.07 35.20
C ALA C 449 -34.97 -28.65 36.60
N ALA C 450 -33.82 -28.97 37.19
CA ALA C 450 -33.82 -29.52 38.55
C ALA C 450 -34.37 -28.50 39.55
N LEU C 451 -33.95 -27.25 39.44
CA LEU C 451 -34.37 -26.24 40.40
C LEU C 451 -35.87 -25.98 40.32
N TYR C 452 -36.42 -26.03 39.10
CA TYR C 452 -37.86 -25.86 38.95
C TYR C 452 -38.63 -27.11 39.37
N LEU C 453 -38.03 -28.30 39.20
CA LEU C 453 -38.66 -29.51 39.73
C LEU C 453 -38.74 -29.44 41.24
N ALA C 454 -37.72 -28.88 41.90
CA ALA C 454 -37.84 -28.59 43.32
C ALA C 454 -38.92 -27.56 43.58
N GLY C 455 -39.06 -26.58 42.70
CA GLY C 455 -40.11 -25.58 42.84
C GLY C 455 -39.99 -24.72 44.09
N ILE C 456 -38.76 -24.41 44.49
CA ILE C 456 -38.52 -23.67 45.72
C ILE C 456 -37.97 -22.30 45.34
N GLU C 457 -37.86 -21.40 46.31
CA GLU C 457 -37.37 -20.05 46.06
C GLU C 457 -35.89 -20.07 45.69
N ALA C 458 -35.42 -18.92 45.19
CA ALA C 458 -34.05 -18.73 44.73
C ALA C 458 -33.64 -19.75 43.67
N TYR C 459 -34.62 -20.29 42.94
CA TYR C 459 -34.36 -21.36 41.99
C TYR C 459 -34.62 -20.96 40.54
N LEU C 460 -35.31 -19.85 40.28
CA LEU C 460 -35.37 -19.30 38.94
C LEU C 460 -34.12 -18.51 38.58
N ALA C 461 -33.16 -18.41 39.52
CA ALA C 461 -31.98 -17.58 39.30
C ALA C 461 -31.15 -18.07 38.13
N VAL C 462 -31.29 -19.34 37.75
CA VAL C 462 -30.51 -19.87 36.64
C VAL C 462 -31.23 -19.74 35.31
N MET C 463 -32.54 -19.48 35.31
CA MET C 463 -33.23 -19.23 34.05
C MET C 463 -32.65 -18.01 33.34
N VAL C 464 -32.31 -16.98 34.12
CA VAL C 464 -31.72 -15.78 33.53
C VAL C 464 -30.32 -16.07 32.98
N PHE C 465 -29.53 -16.87 33.71
CA PHE C 465 -28.22 -17.25 33.19
C PHE C 465 -28.38 -17.99 31.88
N ALA C 466 -29.34 -18.91 31.81
CA ALA C 466 -29.58 -19.65 30.58
C ALA C 466 -29.94 -18.72 29.43
N LEU C 467 -30.87 -17.80 29.66
CA LEU C 467 -31.28 -16.88 28.61
C LEU C 467 -30.12 -16.02 28.12
N VAL C 468 -29.36 -15.45 29.06
CA VAL C 468 -28.29 -14.54 28.64
C VAL C 468 -27.18 -15.31 27.93
N LEU C 469 -26.86 -16.51 28.39
CA LEU C 469 -25.79 -17.27 27.77
C LEU C 469 -26.22 -17.76 26.39
N GLY C 470 -27.50 -18.12 26.23
CA GLY C 470 -27.98 -18.49 24.91
C GLY C 470 -27.95 -17.34 23.93
N TRP C 471 -28.33 -16.15 24.38
CA TRP C 471 -28.24 -15.01 23.49
C TRP C 471 -26.82 -14.54 23.27
N MET C 472 -25.88 -14.92 24.14
CA MET C 472 -24.47 -14.79 23.81
C MET C 472 -24.08 -15.76 22.71
N ASN C 473 -24.47 -17.04 22.87
CA ASN C 473 -24.18 -18.06 21.86
C ASN C 473 -24.84 -17.75 20.52
N ALA C 474 -25.85 -16.88 20.51
CA ALA C 474 -26.40 -16.40 19.26
C ALA C 474 -25.34 -15.87 18.30
N LEU C 475 -24.16 -15.50 18.81
CA LEU C 475 -23.05 -15.15 17.93
C LEU C 475 -22.51 -16.34 17.16
N TYR C 476 -22.72 -17.56 17.66
CA TYR C 476 -22.20 -18.75 16.99
C TYR C 476 -22.78 -18.89 15.59
N PHE C 477 -24.07 -18.60 15.43
CA PHE C 477 -24.65 -18.59 14.09
C PHE C 477 -24.34 -17.29 13.35
N THR C 478 -24.08 -16.21 14.09
CA THR C 478 -23.86 -14.90 13.49
C THR C 478 -22.40 -14.75 13.05
N ARG C 479 -21.95 -15.75 12.28
CA ARG C 479 -20.62 -15.70 11.69
C ARG C 479 -20.61 -16.25 10.27
N GLY C 480 -21.76 -16.29 9.60
CA GLY C 480 -21.86 -16.81 8.25
C GLY C 480 -22.21 -15.77 7.21
N LEU C 481 -23.47 -15.75 6.78
CA LEU C 481 -23.93 -14.86 5.73
C LEU C 481 -23.79 -13.40 6.15
N LYS C 482 -23.82 -12.52 5.15
CA LYS C 482 -23.73 -11.08 5.33
C LYS C 482 -22.43 -10.65 6.01
N LEU C 483 -21.39 -11.47 5.87
CA LEU C 483 -20.08 -11.21 6.45
C LEU C 483 -20.17 -11.02 7.97
N THR C 484 -21.17 -11.64 8.58
CA THR C 484 -21.23 -11.69 10.03
C THR C 484 -20.04 -12.47 10.56
N GLY C 485 -19.68 -12.17 11.81
CA GLY C 485 -18.53 -12.81 12.42
C GLY C 485 -17.22 -12.06 12.27
N THR C 486 -17.23 -10.89 11.62
CA THR C 486 -16.03 -10.06 11.61
C THR C 486 -15.60 -9.72 13.03
N TYR C 487 -16.58 -9.43 13.92
CA TYR C 487 -16.26 -9.25 15.33
C TYR C 487 -15.53 -10.46 15.88
N SER C 488 -15.91 -11.67 15.46
CA SER C 488 -15.26 -12.87 15.97
C SER C 488 -13.77 -12.89 15.63
N ILE C 489 -13.34 -12.10 14.64
CA ILE C 489 -11.91 -11.93 14.41
C ILE C 489 -11.32 -10.98 15.45
N MET C 490 -11.92 -9.79 15.58
CA MET C 490 -11.29 -8.75 16.39
C MET C 490 -11.37 -9.07 17.87
N ILE C 491 -12.41 -9.79 18.29
CA ILE C 491 -12.49 -10.26 19.67
C ILE C 491 -11.33 -11.19 20.01
N GLN C 492 -10.71 -11.80 18.98
CA GLN C 492 -9.53 -12.63 19.23
C GLN C 492 -8.39 -11.81 19.81
N LYS C 493 -8.37 -10.50 19.57
CA LYS C 493 -7.27 -9.64 20.03
C LYS C 493 -7.69 -8.70 21.13
N ILE C 494 -8.91 -8.16 21.06
CA ILE C 494 -9.30 -7.11 22.00
C ILE C 494 -9.71 -7.70 23.35
N LEU C 495 -10.50 -8.77 23.34
CA LEU C 495 -11.01 -9.31 24.59
C LEU C 495 -9.91 -10.01 25.38
N PHE C 496 -9.10 -10.83 24.71
CA PHE C 496 -8.10 -11.63 25.40
C PHE C 496 -6.81 -10.88 25.68
N LYS C 497 -6.40 -9.98 24.79
CA LYS C 497 -5.08 -9.35 24.90
C LYS C 497 -5.15 -7.86 25.17
N ASP C 498 -5.79 -7.08 24.29
CA ASP C 498 -5.60 -5.63 24.33
C ASP C 498 -6.43 -4.98 25.42
N LEU C 499 -7.76 -5.05 25.30
CA LEU C 499 -8.62 -4.48 26.33
C LEU C 499 -8.40 -5.16 27.67
N PHE C 500 -8.11 -6.46 27.65
CA PHE C 500 -7.84 -7.19 28.89
C PHE C 500 -6.67 -6.57 29.64
N ARG C 501 -5.48 -6.57 29.04
CA ARG C 501 -4.31 -6.05 29.73
C ARG C 501 -4.46 -4.57 30.03
N PHE C 502 -5.15 -3.82 29.17
CA PHE C 502 -5.35 -2.41 29.45
C PHE C 502 -6.19 -2.20 30.70
N LEU C 503 -7.30 -2.93 30.82
CA LEU C 503 -8.14 -2.77 32.00
C LEU C 503 -7.40 -3.24 33.25
N LEU C 504 -6.58 -4.30 33.11
CA LEU C 504 -5.78 -4.74 34.26
C LEU C 504 -4.86 -3.62 34.73
N VAL C 505 -4.03 -3.10 33.84
CA VAL C 505 -3.03 -2.12 34.25
C VAL C 505 -3.72 -0.84 34.73
N TYR C 506 -4.84 -0.47 34.12
CA TYR C 506 -5.52 0.76 34.53
C TYR C 506 -6.20 0.59 35.88
N LEU C 507 -6.78 -0.59 36.13
CA LEU C 507 -7.36 -0.87 37.43
C LEU C 507 -6.28 -0.83 38.51
N LEU C 508 -5.12 -1.41 38.22
CA LEU C 508 -4.02 -1.35 39.19
C LEU C 508 -3.60 0.09 39.45
N PHE C 509 -3.45 0.87 38.39
CA PHE C 509 -3.15 2.30 38.52
C PHE C 509 -4.14 2.98 39.44
N MET C 510 -5.43 2.83 39.14
CA MET C 510 -6.44 3.60 39.86
C MET C 510 -6.57 3.14 41.30
N ILE C 511 -6.40 1.84 41.58
CA ILE C 511 -6.48 1.40 42.96
C ILE C 511 -5.27 1.88 43.76
N GLY C 512 -4.09 1.88 43.15
CA GLY C 512 -2.94 2.44 43.82
C GLY C 512 -3.14 3.91 44.14
N TYR C 513 -3.58 4.67 43.15
CA TYR C 513 -3.84 6.08 43.39
C TYR C 513 -4.99 6.30 44.36
N ALA C 514 -5.92 5.36 44.44
CA ALA C 514 -6.99 5.47 45.43
C ALA C 514 -6.44 5.33 46.83
N SER C 515 -5.59 4.33 47.05
CA SER C 515 -4.88 4.24 48.33
C SER C 515 -4.12 5.54 48.61
N ALA C 516 -3.47 6.08 47.58
CA ALA C 516 -2.75 7.34 47.72
C ALA C 516 -3.66 8.45 48.23
N LEU C 517 -4.78 8.68 47.56
CA LEU C 517 -5.65 9.78 47.92
C LEU C 517 -6.29 9.58 49.28
N VAL C 518 -6.75 8.37 49.58
CA VAL C 518 -7.33 8.11 50.89
C VAL C 518 -6.29 8.20 51.99
N SER C 519 -5.01 8.12 51.65
CA SER C 519 -3.97 8.43 52.62
C SER C 519 -3.55 9.89 52.61
N LEU C 520 -3.98 10.66 51.61
CA LEU C 520 -3.56 12.05 51.43
C LEU C 520 -4.62 13.05 51.89
N LEU C 521 -5.30 12.77 53.01
CA LEU C 521 -6.23 13.74 53.57
C LEU C 521 -5.79 14.33 54.90
N ASN C 522 -4.85 13.69 55.61
CA ASN C 522 -4.49 14.16 56.95
C ASN C 522 -3.63 15.44 56.89
N PRO C 523 -2.47 15.46 56.25
CA PRO C 523 -1.94 16.75 55.80
C PRO C 523 -2.56 17.08 54.46
N CYS C 524 -2.74 18.38 54.21
CA CYS C 524 -3.80 18.82 53.31
C CYS C 524 -5.15 18.36 53.88
N ALA C 525 -5.50 18.98 55.01
CA ALA C 525 -6.45 18.51 56.01
C ALA C 525 -7.74 17.95 55.41
N ASN C 526 -8.40 17.07 56.17
CA ASN C 526 -9.41 16.19 55.62
C ASN C 526 -10.49 16.97 54.88
N MET C 527 -10.47 16.84 53.55
CA MET C 527 -11.44 17.49 52.67
C MET C 527 -11.29 16.93 51.26
N LYS C 528 -12.40 16.59 50.64
CA LYS C 528 -12.45 15.95 49.34
C LYS C 528 -13.50 16.64 48.46
N VAL C 529 -13.37 17.97 48.36
CA VAL C 529 -14.46 18.91 48.12
C VAL C 529 -15.50 18.35 47.16
N CYS C 530 -16.77 18.54 47.53
CA CYS C 530 -17.89 17.89 46.85
C CYS C 530 -17.70 17.89 45.35
N ASN C 531 -18.01 16.75 44.74
CA ASN C 531 -17.76 16.54 43.32
C ASN C 531 -18.45 17.61 42.49
N GLU C 532 -18.08 17.65 41.22
CA GLU C 532 -18.70 18.55 40.25
C GLU C 532 -20.04 18.05 39.82
N SER C 544 -20.94 9.02 47.66
CA SER C 544 -20.96 10.35 48.27
C SER C 544 -20.34 10.30 49.66
N CYS C 545 -19.08 9.87 49.69
CA CYS C 545 -18.39 9.63 50.95
C CYS C 545 -17.84 10.93 51.52
N ARG C 546 -18.16 11.19 52.78
CA ARG C 546 -17.54 12.25 53.56
C ARG C 546 -16.40 11.64 54.37
N ASP C 547 -15.61 12.50 55.01
CA ASP C 547 -14.46 12.05 55.78
C ASP C 547 -14.85 10.93 56.73
N SER C 548 -14.31 9.74 56.48
CA SER C 548 -14.66 8.55 57.23
C SER C 548 -13.43 7.65 57.30
N GLU C 549 -13.57 6.52 57.99
CA GLU C 549 -12.46 5.57 58.16
C GLU C 549 -12.96 4.13 58.09
N THR C 550 -14.01 3.85 57.33
CA THR C 550 -14.70 2.60 57.61
C THR C 550 -14.04 1.37 56.97
N PHE C 551 -14.24 1.12 55.68
CA PHE C 551 -13.37 0.16 55.01
C PHE C 551 -13.06 0.51 53.56
N SER C 552 -14.10 0.82 52.76
CA SER C 552 -13.90 1.03 51.33
C SER C 552 -14.82 2.05 50.71
N THR C 553 -15.72 2.71 51.47
CA THR C 553 -16.60 3.71 50.88
C THR C 553 -15.81 4.75 50.12
N PHE C 554 -14.60 5.03 50.59
CA PHE C 554 -13.59 5.80 49.88
C PHE C 554 -13.52 5.37 48.43
N LEU C 555 -13.32 4.07 48.19
CA LEU C 555 -13.16 3.58 46.83
C LEU C 555 -14.39 3.88 45.99
N LEU C 556 -15.58 3.70 46.56
CA LEU C 556 -16.81 3.92 45.78
C LEU C 556 -16.91 5.36 45.32
N ASP C 557 -16.98 6.30 46.28
CA ASP C 557 -17.13 7.70 45.92
C ASP C 557 -15.95 8.20 45.10
N LEU C 558 -14.75 7.70 45.39
CA LEU C 558 -13.58 8.11 44.64
C LEU C 558 -13.67 7.65 43.19
N PHE C 559 -14.10 6.41 42.94
CA PHE C 559 -14.32 5.98 41.57
C PHE C 559 -15.37 6.83 40.89
N LYS C 560 -16.46 7.14 41.60
CA LYS C 560 -17.44 8.09 41.07
C LYS C 560 -16.74 9.37 40.63
N LEU C 561 -15.77 9.83 41.42
CA LEU C 561 -14.99 11.00 41.04
C LEU C 561 -14.16 10.71 39.80
N THR C 562 -13.57 9.52 39.72
CA THR C 562 -12.67 9.19 38.61
C THR C 562 -13.41 9.06 37.30
N ILE C 563 -14.74 8.97 37.33
CA ILE C 563 -15.51 8.93 36.10
C ILE C 563 -15.14 10.16 35.27
N GLY C 564 -14.76 9.93 34.02
CA GLY C 564 -14.41 11.03 33.14
C GLY C 564 -15.66 11.76 32.70
N MET C 565 -16.38 12.31 33.68
CA MET C 565 -17.74 12.78 33.50
C MET C 565 -17.85 14.27 33.24
N GLY C 566 -17.14 15.11 33.99
CA GLY C 566 -17.46 16.52 33.94
C GLY C 566 -16.34 17.53 34.04
N ASP C 567 -15.09 17.12 33.77
CA ASP C 567 -13.98 18.07 33.72
C ASP C 567 -13.85 18.80 35.05
N LEU C 568 -13.44 18.08 36.10
CA LEU C 568 -13.41 18.55 37.49
C LEU C 568 -12.88 19.97 37.66
N GLU C 569 -13.36 20.65 38.69
CA GLU C 569 -13.10 22.06 38.94
C GLU C 569 -11.63 22.45 38.92
N MET C 570 -11.36 23.73 38.63
CA MET C 570 -10.03 24.30 38.69
C MET C 570 -9.90 25.12 39.96
N LEU C 571 -8.66 25.34 40.39
CA LEU C 571 -8.40 26.00 41.67
C LEU C 571 -7.43 27.15 41.48
N SER C 572 -7.43 28.04 42.48
CA SER C 572 -6.49 29.14 42.58
C SER C 572 -6.68 29.79 43.95
N SER C 573 -5.58 30.15 44.61
CA SER C 573 -5.59 30.63 45.99
C SER C 573 -6.21 29.58 46.91
N THR C 574 -5.50 28.46 46.99
CA THR C 574 -5.99 27.27 47.69
C THR C 574 -6.27 27.53 49.16
N LYS C 575 -7.40 26.99 49.63
CA LYS C 575 -7.78 27.01 51.03
C LYS C 575 -7.91 25.61 51.63
N TYR C 576 -8.60 24.70 50.94
CA TYR C 576 -8.70 23.29 51.34
C TYR C 576 -7.43 22.61 50.85
N PRO C 577 -7.27 21.26 51.03
CA PRO C 577 -6.02 20.59 50.63
C PRO C 577 -5.31 21.14 49.41
N VAL C 578 -4.02 21.45 49.58
CA VAL C 578 -3.29 22.31 48.64
C VAL C 578 -2.55 21.48 47.60
N VAL C 579 -1.66 20.57 48.04
CA VAL C 579 -0.90 19.76 47.11
C VAL C 579 -1.66 18.52 46.67
N PHE C 580 -2.79 18.22 47.31
CA PHE C 580 -3.59 17.08 46.90
C PHE C 580 -4.23 17.32 45.53
N ILE C 581 -4.70 18.55 45.29
CA ILE C 581 -5.48 18.82 44.08
C ILE C 581 -4.60 18.75 42.84
N ILE C 582 -3.37 19.23 42.94
CA ILE C 582 -2.48 19.22 41.77
C ILE C 582 -2.12 17.79 41.40
N LEU C 583 -1.83 16.96 42.40
CA LEU C 583 -1.62 15.54 42.14
C LEU C 583 -2.84 14.90 41.50
N LEU C 584 -4.02 15.20 42.05
CA LEU C 584 -5.24 14.62 41.51
C LEU C 584 -5.41 14.97 40.04
N VAL C 585 -5.25 16.25 39.70
CA VAL C 585 -5.51 16.67 38.33
C VAL C 585 -4.45 16.10 37.39
N THR C 586 -3.18 16.12 37.78
CA THR C 586 -2.18 15.55 36.88
C THR C 586 -2.36 14.06 36.70
N TYR C 587 -2.76 13.34 37.76
CA TYR C 587 -3.01 11.91 37.61
C TYR C 587 -4.17 11.63 36.68
N ILE C 588 -5.30 12.32 36.89
CA ILE C 588 -6.47 12.05 36.06
C ILE C 588 -6.19 12.45 34.62
N ILE C 589 -5.36 13.47 34.40
CA ILE C 589 -4.96 13.81 33.03
C ILE C 589 -4.12 12.68 32.45
N LEU C 590 -3.18 12.15 33.23
CA LEU C 590 -2.35 11.05 32.76
C LEU C 590 -3.22 9.87 32.33
N THR C 591 -4.10 9.42 33.22
CA THR C 591 -4.84 8.19 32.98
C THR C 591 -6.03 8.39 32.05
N PHE C 592 -6.64 9.58 32.05
CA PHE C 592 -7.85 9.81 31.28
C PHE C 592 -7.67 10.72 30.07
N VAL C 593 -6.44 11.03 29.67
CA VAL C 593 -6.21 11.79 28.44
C VAL C 593 -5.17 11.07 27.60
N LEU C 594 -4.49 10.08 28.18
CA LEU C 594 -3.48 9.33 27.45
C LEU C 594 -3.79 7.85 27.35
N LEU C 595 -4.09 7.18 28.46
CA LEU C 595 -4.18 5.73 28.47
C LEU C 595 -5.26 5.22 27.51
N LEU C 596 -6.51 5.66 27.72
CA LEU C 596 -7.57 5.27 26.79
C LEU C 596 -7.27 5.78 25.39
N ASN C 597 -6.62 6.93 25.27
CA ASN C 597 -6.20 7.39 23.94
C ASN C 597 -5.08 6.52 23.38
N MET C 598 -4.18 6.05 24.25
CA MET C 598 -3.20 5.05 23.81
C MET C 598 -3.92 3.87 23.19
N LEU C 599 -4.96 3.37 23.87
CA LEU C 599 -5.68 2.21 23.36
C LEU C 599 -6.50 2.54 22.12
N ILE C 600 -7.00 3.77 21.99
CA ILE C 600 -7.74 4.16 20.79
C ILE C 600 -6.81 4.15 19.59
N ALA C 601 -5.63 4.72 19.74
CA ALA C 601 -4.63 4.66 18.67
C ALA C 601 -4.23 3.23 18.38
N LEU C 602 -4.14 2.39 19.43
CA LEU C 602 -3.81 0.98 19.23
C LEU C 602 -4.87 0.29 18.39
N MET C 603 -6.15 0.53 18.69
CA MET C 603 -7.22 0.04 17.83
C MET C 603 -7.03 0.53 16.40
N GLY C 604 -6.93 1.85 16.22
CA GLY C 604 -6.85 2.41 14.88
C GLY C 604 -5.69 1.86 14.07
N GLU C 605 -4.63 1.43 14.72
CA GLU C 605 -3.52 0.84 13.97
C GLU C 605 -3.69 -0.66 13.77
N THR C 606 -4.30 -1.37 14.73
CA THR C 606 -4.40 -2.82 14.63
C THR C 606 -5.53 -3.29 13.74
N VAL C 607 -6.49 -2.42 13.43
CA VAL C 607 -7.62 -2.84 12.59
C VAL C 607 -7.22 -3.14 11.16
N GLY C 608 -6.10 -2.60 10.69
CA GLY C 608 -5.67 -2.81 9.32
C GLY C 608 -4.94 -4.11 9.07
N GLN C 609 -5.23 -5.16 9.84
CA GLN C 609 -4.50 -6.41 9.67
C GLN C 609 -5.26 -7.41 8.80
N VAL C 610 -6.55 -7.17 8.57
CA VAL C 610 -7.35 -8.09 7.76
C VAL C 610 -6.90 -8.02 6.30
N SER C 611 -6.22 -9.07 5.85
CA SER C 611 -5.73 -9.14 4.48
C SER C 611 -6.38 -10.29 3.71
N LYS C 612 -6.30 -11.51 4.21
CA LYS C 612 -6.94 -12.65 3.59
C LYS C 612 -8.00 -13.31 4.45
N GLU C 613 -7.99 -13.05 5.76
CA GLU C 613 -8.85 -13.73 6.72
C GLU C 613 -10.28 -13.20 6.71
N SER C 614 -10.69 -12.48 5.67
CA SER C 614 -12.11 -12.19 5.49
C SER C 614 -12.77 -13.28 4.64
N LYS C 615 -12.34 -13.40 3.38
CA LYS C 615 -12.77 -14.53 2.56
C LYS C 615 -12.27 -15.84 3.14
N HIS C 616 -11.09 -15.82 3.75
CA HIS C 616 -10.51 -17.03 4.31
C HIS C 616 -11.29 -17.54 5.50
N ILE C 617 -11.59 -16.67 6.47
CA ILE C 617 -12.42 -17.10 7.59
C ILE C 617 -13.84 -17.38 7.12
N TRP C 618 -14.28 -16.73 6.04
CA TRP C 618 -15.59 -17.04 5.48
C TRP C 618 -15.66 -18.49 5.01
N LYS C 619 -14.72 -18.90 4.17
CA LYS C 619 -14.70 -20.28 3.73
C LYS C 619 -14.25 -21.23 4.82
N LEU C 620 -13.56 -20.75 5.85
CA LEU C 620 -13.26 -21.59 6.99
C LEU C 620 -14.51 -21.89 7.80
N GLN C 621 -15.36 -20.88 7.96
CA GLN C 621 -16.70 -21.10 8.49
C GLN C 621 -17.43 -22.12 7.63
N TRP C 622 -17.42 -21.91 6.32
CA TRP C 622 -17.97 -22.89 5.40
C TRP C 622 -17.51 -24.30 5.78
N ALA C 623 -16.19 -24.49 5.81
CA ALA C 623 -15.62 -25.80 6.08
C ALA C 623 -16.14 -26.34 7.41
N THR C 624 -15.81 -25.66 8.50
CA THR C 624 -16.21 -26.13 9.83
C THR C 624 -17.68 -26.50 9.87
N THR C 625 -18.55 -25.52 9.57
CA THR C 625 -19.98 -25.71 9.66
C THR C 625 -20.43 -26.86 8.77
N ILE C 626 -20.30 -26.68 7.46
CA ILE C 626 -20.76 -27.66 6.46
C ILE C 626 -20.32 -29.07 6.82
N LEU C 627 -19.05 -29.25 7.20
CA LEU C 627 -18.57 -30.59 7.46
C LEU C 627 -19.16 -31.16 8.74
N ASP C 628 -19.29 -30.35 9.80
CA ASP C 628 -19.95 -30.90 10.99
C ASP C 628 -21.43 -31.15 10.72
N ILE C 629 -22.04 -30.35 9.85
CA ILE C 629 -23.42 -30.59 9.43
C ILE C 629 -23.53 -31.97 8.80
N GLU C 630 -22.67 -32.26 7.83
CA GLU C 630 -22.61 -33.61 7.28
C GLU C 630 -22.38 -34.64 8.38
N ARG C 631 -21.49 -34.32 9.32
CA ARG C 631 -21.15 -35.21 10.43
C ARG C 631 -22.31 -35.40 11.40
N SER C 632 -23.37 -34.61 11.32
CA SER C 632 -24.46 -34.65 12.28
C SER C 632 -25.55 -35.64 11.90
N PHE C 633 -25.82 -35.81 10.61
CA PHE C 633 -26.90 -36.68 10.18
C PHE C 633 -26.36 -37.81 9.32
N PRO C 634 -27.13 -38.89 9.11
CA PRO C 634 -26.65 -40.00 8.29
C PRO C 634 -26.11 -39.58 6.94
N VAL C 635 -24.81 -39.80 6.74
CA VAL C 635 -24.19 -39.44 5.46
C VAL C 635 -24.44 -40.50 4.40
N PHE C 636 -24.64 -41.76 4.79
CA PHE C 636 -24.90 -42.81 3.82
C PHE C 636 -26.12 -42.51 2.95
N LEU C 637 -26.99 -41.61 3.40
CA LEU C 637 -28.13 -41.16 2.62
C LEU C 637 -27.65 -40.57 1.29
N ARG C 638 -28.57 -40.36 0.35
CA ARG C 638 -28.20 -39.83 -0.96
C ARG C 638 -27.69 -38.41 -0.82
N LYS C 639 -26.38 -38.22 -0.92
CA LYS C 639 -25.74 -36.96 -0.61
C LYS C 639 -24.93 -36.48 -1.83
N ALA C 640 -24.07 -35.51 -1.58
CA ALA C 640 -23.22 -34.91 -2.61
C ALA C 640 -22.06 -35.84 -2.93
N PHE C 641 -21.01 -35.32 -3.58
CA PHE C 641 -19.86 -36.08 -4.06
C PHE C 641 -20.33 -37.31 -4.84
N ARG C 642 -20.88 -37.01 -6.00
CA ARG C 642 -21.61 -37.97 -6.82
C ARG C 642 -20.68 -39.06 -7.34
N SER C 643 -21.23 -39.95 -8.16
CA SER C 643 -20.52 -41.14 -8.62
C SER C 643 -19.52 -40.78 -9.72
N GLY C 644 -19.02 -41.78 -10.42
CA GLY C 644 -18.06 -41.53 -11.48
C GLY C 644 -18.06 -42.65 -12.48
N GLU C 645 -17.13 -42.54 -13.43
CA GLU C 645 -16.99 -43.50 -14.51
C GLU C 645 -16.66 -44.89 -13.96
N MET C 646 -16.96 -45.91 -14.76
CA MET C 646 -16.98 -47.30 -14.34
C MET C 646 -15.56 -47.88 -14.28
N VAL C 647 -15.47 -49.22 -14.21
CA VAL C 647 -14.23 -49.93 -13.93
C VAL C 647 -13.21 -49.73 -15.06
N THR C 648 -11.95 -50.07 -14.75
CA THR C 648 -10.81 -50.09 -15.67
C THR C 648 -10.36 -48.68 -16.02
N VAL C 649 -11.16 -47.70 -15.62
CA VAL C 649 -10.75 -46.30 -15.58
C VAL C 649 -11.23 -45.80 -14.23
N GLY C 650 -11.83 -46.71 -13.46
CA GLY C 650 -12.31 -46.43 -12.12
C GLY C 650 -12.00 -47.53 -11.13
N LYS C 651 -10.84 -48.18 -11.27
CA LYS C 651 -10.53 -49.37 -10.50
C LYS C 651 -9.11 -49.24 -9.96
N SER C 652 -8.54 -50.36 -9.50
CA SER C 652 -7.18 -50.41 -8.95
C SER C 652 -7.05 -49.51 -7.73
N SER C 653 -7.76 -49.96 -6.70
CA SER C 653 -8.10 -49.08 -5.56
C SER C 653 -6.94 -48.36 -4.89
N ASP C 654 -6.88 -47.04 -5.09
CA ASP C 654 -6.62 -46.15 -3.97
C ASP C 654 -7.94 -45.90 -3.25
N GLY C 655 -9.04 -46.21 -3.93
CA GLY C 655 -10.39 -46.26 -3.40
C GLY C 655 -11.18 -46.98 -4.51
N THR C 656 -11.74 -48.16 -4.19
CA THR C 656 -13.21 -48.49 -3.95
C THR C 656 -14.08 -48.84 -5.16
N PRO C 657 -15.42 -48.38 -5.47
CA PRO C 657 -15.75 -49.30 -6.50
C PRO C 657 -15.45 -48.84 -7.93
N ASP C 658 -16.00 -49.57 -8.91
CA ASP C 658 -15.80 -49.25 -10.32
C ASP C 658 -16.11 -47.78 -10.60
N ARG C 659 -17.20 -47.24 -10.01
CA ARG C 659 -17.47 -45.84 -10.09
C ARG C 659 -16.27 -45.02 -9.64
N ARG C 660 -15.65 -45.43 -8.53
CA ARG C 660 -14.50 -44.73 -7.97
C ARG C 660 -14.78 -43.23 -7.89
N TRP C 661 -15.76 -42.91 -7.05
CA TRP C 661 -16.43 -41.61 -7.04
C TRP C 661 -15.48 -40.46 -7.30
N CYS C 662 -15.79 -39.66 -8.30
CA CYS C 662 -15.01 -38.50 -8.67
C CYS C 662 -15.89 -37.27 -8.82
N PHE C 663 -15.24 -36.13 -9.03
CA PHE C 663 -15.92 -34.91 -9.42
C PHE C 663 -15.47 -34.51 -10.82
N ARG C 664 -16.32 -33.77 -11.52
CA ARG C 664 -16.00 -33.31 -12.87
C ARG C 664 -15.98 -31.79 -12.89
N VAL C 665 -14.82 -31.22 -13.20
CA VAL C 665 -14.68 -29.78 -13.38
C VAL C 665 -14.42 -29.52 -14.86
N ASP C 666 -15.07 -28.49 -15.40
CA ASP C 666 -15.00 -28.14 -16.80
C ASP C 666 -14.03 -26.98 -16.97
N GLU C 667 -12.80 -27.28 -17.37
CA GLU C 667 -11.80 -26.26 -17.57
C GLU C 667 -11.87 -25.74 -19.01
N VAL C 668 -11.40 -24.52 -19.21
CA VAL C 668 -11.36 -23.90 -20.53
C VAL C 668 -9.92 -23.50 -20.81
N ASN C 669 -9.39 -23.94 -21.95
CA ASN C 669 -8.03 -23.60 -22.34
C ASN C 669 -7.93 -23.69 -23.86
N TRP C 670 -6.99 -22.91 -24.40
CA TRP C 670 -6.79 -22.81 -25.84
C TRP C 670 -5.32 -23.07 -26.15
N SER C 671 -5.06 -24.07 -26.98
CA SER C 671 -3.70 -24.44 -27.36
C SER C 671 -3.69 -25.43 -28.51
N VAL D 33 -23.75 -55.18 -40.22
CA VAL D 33 -23.80 -56.35 -41.07
C VAL D 33 -24.46 -57.50 -40.32
N PHE D 34 -23.82 -57.94 -39.26
CA PHE D 34 -24.43 -58.94 -38.39
C PHE D 34 -25.13 -58.32 -37.19
N ASN D 35 -24.70 -57.14 -36.77
CA ASN D 35 -25.38 -56.35 -35.75
C ASN D 35 -24.72 -54.97 -35.72
N ARG D 36 -25.35 -54.06 -34.97
CA ARG D 36 -24.70 -52.77 -34.75
C ARG D 36 -23.36 -52.92 -34.05
N PRO D 37 -23.24 -53.70 -32.95
CA PRO D 37 -21.94 -53.80 -32.28
C PRO D 37 -20.78 -54.22 -33.16
N ILE D 38 -20.94 -55.23 -34.01
CA ILE D 38 -19.79 -55.75 -34.74
C ILE D 38 -19.20 -54.69 -35.65
N LEU D 39 -20.05 -53.90 -36.31
CA LEU D 39 -19.53 -52.88 -37.21
C LEU D 39 -18.90 -51.73 -36.44
N PHE D 40 -19.48 -51.38 -35.30
CA PHE D 40 -18.84 -50.40 -34.42
C PHE D 40 -17.44 -50.85 -34.02
N ASP D 41 -17.29 -52.13 -33.68
CA ASP D 41 -15.97 -52.65 -33.34
C ASP D 41 -15.03 -52.58 -34.53
N ILE D 42 -15.52 -53.03 -35.69
CA ILE D 42 -14.73 -52.97 -36.93
C ILE D 42 -14.16 -51.58 -37.14
N VAL D 43 -15.03 -50.57 -37.07
CA VAL D 43 -14.58 -49.22 -37.43
C VAL D 43 -13.72 -48.63 -36.31
N SER D 44 -14.10 -48.84 -35.05
CA SER D 44 -13.30 -48.34 -33.94
C SER D 44 -11.90 -48.92 -33.97
N ARG D 45 -11.76 -50.14 -34.50
CA ARG D 45 -10.43 -50.69 -34.76
C ARG D 45 -9.66 -49.80 -35.72
N GLY D 46 -10.27 -49.47 -36.86
CA GLY D 46 -9.66 -48.59 -37.84
C GLY D 46 -9.23 -49.25 -39.12
N SER D 47 -9.49 -50.55 -39.30
CA SER D 47 -9.09 -51.28 -40.49
C SER D 47 -10.29 -51.99 -41.08
N THR D 48 -10.49 -51.84 -42.39
CA THR D 48 -11.57 -52.52 -43.09
C THR D 48 -11.35 -54.00 -43.27
N ALA D 49 -10.27 -54.56 -42.71
CA ALA D 49 -10.01 -55.98 -42.84
C ALA D 49 -11.22 -56.82 -42.46
N ASP D 50 -11.95 -56.41 -41.43
CA ASP D 50 -13.19 -57.07 -41.04
C ASP D 50 -14.40 -56.48 -41.74
N LEU D 51 -14.22 -55.46 -42.58
CA LEU D 51 -15.32 -54.84 -43.31
C LEU D 51 -15.31 -55.22 -44.78
N ASP D 52 -14.16 -55.61 -45.33
CA ASP D 52 -14.09 -56.02 -46.72
C ASP D 52 -15.07 -57.15 -47.00
N GLY D 53 -15.73 -57.08 -48.15
CA GLY D 53 -16.69 -58.09 -48.52
C GLY D 53 -17.99 -58.06 -47.74
N LEU D 54 -18.23 -57.02 -46.93
CA LEU D 54 -19.50 -56.92 -46.23
C LEU D 54 -20.55 -56.22 -47.08
N LEU D 55 -20.12 -55.30 -47.94
CA LEU D 55 -21.07 -54.62 -48.82
C LEU D 55 -21.81 -55.55 -49.78
N PRO D 56 -21.23 -56.64 -50.31
CA PRO D 56 -22.06 -57.55 -51.11
C PRO D 56 -23.11 -58.25 -50.29
N PHE D 57 -22.86 -58.48 -49.00
CA PHE D 57 -23.92 -58.97 -48.13
C PHE D 57 -24.99 -57.90 -47.93
N LEU D 58 -24.56 -56.66 -47.68
CA LEU D 58 -25.50 -55.56 -47.49
C LEU D 58 -26.45 -55.45 -48.67
N LEU D 59 -25.91 -55.50 -49.89
CA LEU D 59 -26.76 -55.47 -51.07
C LEU D 59 -27.52 -56.78 -51.24
N THR D 60 -26.95 -57.90 -50.77
CA THR D 60 -27.58 -59.20 -50.94
C THR D 60 -28.92 -59.25 -50.21
N HIS D 61 -28.90 -58.99 -48.90
CA HIS D 61 -30.11 -58.94 -48.09
C HIS D 61 -30.71 -57.54 -48.07
N LYS D 62 -30.51 -56.77 -49.14
CA LYS D 62 -31.01 -55.38 -49.30
C LYS D 62 -30.70 -54.50 -48.10
N LYS D 63 -29.71 -54.90 -47.29
CA LYS D 63 -29.37 -54.15 -46.10
C LYS D 63 -28.80 -52.79 -46.47
N ARG D 64 -29.62 -51.74 -46.32
CA ARG D 64 -29.20 -50.38 -46.58
C ARG D 64 -28.54 -49.83 -45.31
N LEU D 65 -27.24 -49.58 -45.36
CA LEU D 65 -26.54 -49.05 -44.20
C LEU D 65 -27.20 -47.81 -43.64
N THR D 66 -28.04 -47.15 -44.43
CA THR D 66 -28.87 -46.06 -43.93
C THR D 66 -29.80 -46.52 -42.83
N ASP D 67 -30.10 -47.82 -42.77
CA ASP D 67 -31.07 -48.34 -41.81
C ASP D 67 -30.69 -47.95 -40.38
N GLU D 68 -31.72 -47.78 -39.56
CA GLU D 68 -31.58 -47.16 -38.25
C GLU D 68 -31.29 -48.16 -37.14
N GLU D 69 -31.67 -49.43 -37.32
CA GLU D 69 -31.44 -50.43 -36.29
C GLU D 69 -29.98 -50.51 -35.89
N PHE D 70 -29.08 -50.20 -36.82
CA PHE D 70 -27.65 -50.17 -36.54
C PHE D 70 -27.22 -48.94 -35.78
N ARG D 71 -28.17 -48.19 -35.24
CA ARG D 71 -27.90 -47.05 -34.38
C ARG D 71 -28.40 -47.38 -32.98
N GLU D 72 -27.54 -47.17 -31.99
CA GLU D 72 -27.99 -47.36 -30.61
C GLU D 72 -29.07 -46.31 -30.32
N PRO D 73 -30.31 -46.75 -30.07
CA PRO D 73 -31.44 -45.81 -30.02
C PRO D 73 -31.37 -44.82 -28.86
N SER D 74 -30.35 -44.96 -28.01
CA SER D 74 -30.19 -44.00 -26.91
C SER D 74 -30.05 -42.58 -27.43
N THR D 75 -29.31 -42.40 -28.51
CA THR D 75 -29.16 -41.08 -29.12
C THR D 75 -29.48 -41.07 -30.61
N GLY D 76 -29.11 -42.13 -31.34
CA GLY D 76 -29.30 -42.18 -32.77
C GLY D 76 -28.03 -42.18 -33.58
N LYS D 77 -26.85 -42.09 -32.96
CA LYS D 77 -25.61 -42.06 -33.70
C LYS D 77 -25.51 -43.28 -34.61
N THR D 78 -24.97 -43.05 -35.81
CA THR D 78 -24.95 -44.04 -36.87
C THR D 78 -23.50 -44.43 -37.14
N CYS D 79 -23.28 -45.23 -38.18
CA CYS D 79 -21.94 -45.71 -38.51
C CYS D 79 -20.95 -44.56 -38.64
N LEU D 80 -21.36 -43.49 -39.30
CA LEU D 80 -20.44 -42.40 -39.64
C LEU D 80 -20.03 -41.58 -38.42
N PRO D 81 -20.96 -41.11 -37.58
CA PRO D 81 -20.51 -40.35 -36.41
C PRO D 81 -19.76 -41.20 -35.41
N LYS D 82 -20.20 -42.44 -35.20
CA LYS D 82 -19.44 -43.36 -34.35
C LYS D 82 -18.04 -43.57 -34.90
N ALA D 83 -17.92 -43.66 -36.22
CA ALA D 83 -16.62 -43.77 -36.88
C ALA D 83 -15.76 -42.57 -36.56
N LEU D 84 -16.24 -41.38 -36.95
CA LEU D 84 -15.43 -40.18 -36.83
C LEU D 84 -15.13 -39.84 -35.38
N LEU D 85 -15.98 -40.29 -34.45
CA LEU D 85 -15.72 -40.07 -33.03
C LEU D 85 -14.38 -40.65 -32.63
N ASN D 86 -14.02 -41.78 -33.22
CA ASN D 86 -12.71 -42.39 -33.01
C ASN D 86 -11.76 -41.91 -34.11
N LEU D 87 -10.62 -41.37 -33.71
CA LEU D 87 -9.68 -40.81 -34.67
C LEU D 87 -8.26 -41.04 -34.18
N SER D 88 -7.46 -41.71 -35.01
CA SER D 88 -6.05 -41.93 -34.74
C SER D 88 -5.24 -41.12 -35.75
N ASN D 89 -4.48 -40.14 -35.26
CA ASN D 89 -3.65 -39.24 -36.05
C ASN D 89 -4.48 -38.40 -37.02
N GLY D 90 -5.80 -38.46 -36.95
CA GLY D 90 -6.65 -37.81 -37.93
C GLY D 90 -6.99 -38.65 -39.13
N ARG D 91 -6.76 -39.96 -39.08
CA ARG D 91 -7.02 -40.83 -40.21
C ARG D 91 -7.53 -42.17 -39.71
N ASN D 92 -8.82 -42.42 -39.91
CA ASN D 92 -9.43 -43.74 -39.73
C ASN D 92 -9.87 -44.14 -41.12
N ASP D 93 -8.98 -44.77 -41.87
CA ASP D 93 -9.09 -44.85 -43.32
C ASP D 93 -10.12 -45.85 -43.80
N THR D 94 -11.00 -46.32 -42.93
CA THR D 94 -12.19 -47.04 -43.38
C THR D 94 -13.33 -46.10 -43.74
N ILE D 95 -13.26 -44.84 -43.32
CA ILE D 95 -14.34 -43.90 -43.60
C ILE D 95 -14.64 -43.78 -45.09
N PRO D 96 -13.66 -43.51 -45.97
CA PRO D 96 -13.98 -43.46 -47.40
C PRO D 96 -14.54 -44.76 -47.91
N VAL D 97 -14.08 -45.89 -47.37
CA VAL D 97 -14.66 -47.17 -47.74
C VAL D 97 -16.11 -47.24 -47.31
N LEU D 98 -16.42 -46.75 -46.12
CA LEU D 98 -17.79 -46.79 -45.63
C LEU D 98 -18.70 -45.91 -46.48
N LEU D 99 -18.17 -44.78 -46.95
CA LEU D 99 -18.97 -43.93 -47.84
C LEU D 99 -19.12 -44.56 -49.22
N ASP D 100 -18.09 -45.28 -49.68
CA ASP D 100 -18.23 -46.10 -50.87
C ASP D 100 -19.36 -47.11 -50.69
N ILE D 101 -19.49 -47.68 -49.50
CA ILE D 101 -20.59 -48.58 -49.23
C ILE D 101 -21.92 -47.84 -49.28
N ALA D 102 -21.95 -46.64 -48.70
CA ALA D 102 -23.17 -45.84 -48.71
C ALA D 102 -23.64 -45.56 -50.13
N GLU D 103 -22.70 -45.29 -51.04
CA GLU D 103 -23.08 -45.09 -52.43
C GLU D 103 -23.33 -46.41 -53.15
N ARG D 104 -22.79 -47.53 -52.64
CA ARG D 104 -23.23 -48.82 -53.14
C ARG D 104 -24.71 -49.04 -52.86
N THR D 105 -25.17 -48.60 -51.68
CA THR D 105 -26.60 -48.50 -51.46
C THR D 105 -27.23 -47.46 -52.38
N GLY D 106 -26.43 -46.51 -52.85
CA GLY D 106 -26.93 -45.40 -53.62
C GLY D 106 -27.33 -44.20 -52.81
N ASN D 107 -27.10 -44.22 -51.50
CA ASN D 107 -27.60 -43.19 -50.60
C ASN D 107 -26.44 -42.56 -49.85
N MET D 108 -26.27 -41.25 -50.02
CA MET D 108 -25.46 -40.43 -49.13
C MET D 108 -26.30 -39.42 -48.36
N ARG D 109 -27.32 -38.84 -49.01
CA ARG D 109 -28.12 -37.81 -48.37
C ARG D 109 -28.72 -38.28 -47.05
N GLU D 110 -29.50 -39.35 -47.08
CA GLU D 110 -30.01 -39.92 -45.83
C GLU D 110 -28.84 -40.32 -44.92
N PHE D 111 -27.77 -40.84 -45.50
CA PHE D 111 -26.64 -41.28 -44.68
C PHE D 111 -25.93 -40.09 -44.05
N ILE D 112 -25.42 -39.17 -44.86
CA ILE D 112 -24.62 -38.07 -44.32
C ILE D 112 -25.47 -37.10 -43.52
N ASN D 113 -26.78 -37.27 -43.50
CA ASN D 113 -27.68 -36.49 -42.65
C ASN D 113 -28.32 -37.45 -41.65
N SER D 114 -27.62 -37.69 -40.55
CA SER D 114 -28.08 -38.54 -39.45
C SER D 114 -27.88 -37.75 -38.16
N PRO D 115 -28.77 -36.81 -37.88
CA PRO D 115 -28.59 -35.96 -36.71
C PRO D 115 -28.92 -36.70 -35.41
N PHE D 116 -28.17 -36.38 -34.37
CA PHE D 116 -28.43 -36.99 -33.06
C PHE D 116 -29.76 -36.49 -32.51
N ARG D 117 -30.52 -37.39 -31.91
CA ARG D 117 -31.87 -37.08 -31.44
C ARG D 117 -31.98 -37.39 -29.96
N ASP D 118 -31.88 -36.36 -29.13
CA ASP D 118 -32.13 -36.41 -27.70
C ASP D 118 -32.17 -34.98 -27.20
N ILE D 119 -32.20 -34.80 -25.88
CA ILE D 119 -32.11 -33.45 -25.32
C ILE D 119 -30.68 -33.04 -25.07
N TYR D 120 -29.77 -33.98 -24.86
CA TYR D 120 -28.37 -33.67 -24.59
C TYR D 120 -27.65 -33.31 -25.88
N TYR D 121 -27.65 -34.24 -26.85
CA TYR D 121 -27.07 -34.00 -28.18
C TYR D 121 -28.22 -34.05 -29.18
N ARG D 122 -28.69 -32.88 -29.60
CA ARG D 122 -29.74 -32.77 -30.60
C ARG D 122 -29.13 -32.27 -31.90
N GLY D 123 -29.59 -32.83 -33.02
CA GLY D 123 -29.03 -32.49 -34.30
C GLY D 123 -27.60 -32.97 -34.45
N GLN D 124 -26.67 -32.04 -34.64
CA GLN D 124 -25.24 -32.33 -34.70
C GLN D 124 -24.92 -33.36 -35.79
N THR D 125 -25.12 -32.92 -37.03
CA THR D 125 -24.69 -33.70 -38.18
C THR D 125 -23.19 -33.96 -38.09
N ALA D 126 -22.79 -35.17 -38.51
CA ALA D 126 -21.42 -35.66 -38.40
C ALA D 126 -20.40 -34.60 -38.79
N LEU D 127 -20.76 -33.76 -39.76
CA LEU D 127 -19.87 -32.69 -40.20
C LEU D 127 -19.41 -31.85 -39.02
N HIS D 128 -20.30 -31.57 -38.07
CA HIS D 128 -19.91 -30.83 -36.87
C HIS D 128 -18.75 -31.53 -36.18
N ILE D 129 -18.86 -32.85 -35.99
CA ILE D 129 -17.83 -33.59 -35.28
C ILE D 129 -16.53 -33.58 -36.06
N ALA D 130 -16.61 -33.85 -37.37
CA ALA D 130 -15.42 -33.85 -38.20
C ALA D 130 -14.69 -32.52 -38.11
N ILE D 131 -15.44 -31.43 -38.19
CA ILE D 131 -14.84 -30.10 -38.09
C ILE D 131 -14.25 -29.90 -36.70
N GLU D 132 -14.93 -30.39 -35.67
CA GLU D 132 -14.42 -30.25 -34.31
C GLU D 132 -13.06 -30.92 -34.16
N ARG D 133 -12.93 -32.12 -34.69
CA ARG D 133 -11.65 -32.83 -34.62
C ARG D 133 -10.63 -32.29 -35.61
N ARG D 134 -11.06 -31.47 -36.57
CA ARG D 134 -10.15 -30.70 -37.42
C ARG D 134 -9.22 -31.56 -38.26
N CYS D 135 -9.79 -32.39 -39.13
CA CYS D 135 -9.02 -33.06 -40.18
C CYS D 135 -9.58 -32.55 -41.51
N LYS D 136 -8.97 -31.48 -42.02
CA LYS D 136 -9.46 -30.82 -43.22
C LYS D 136 -9.63 -31.77 -44.39
N HIS D 137 -8.99 -32.94 -44.36
CA HIS D 137 -9.15 -33.91 -45.44
C HIS D 137 -10.56 -34.49 -45.43
N TYR D 138 -10.98 -35.04 -44.29
CA TYR D 138 -12.33 -35.56 -44.17
C TYR D 138 -13.35 -34.45 -44.34
N VAL D 139 -13.01 -33.23 -43.89
CA VAL D 139 -13.87 -32.09 -44.18
C VAL D 139 -14.06 -31.93 -45.67
N GLU D 140 -12.96 -31.89 -46.41
CA GLU D 140 -13.01 -31.78 -47.86
C GLU D 140 -13.94 -32.84 -48.44
N LEU D 141 -13.74 -34.09 -48.05
CA LEU D 141 -14.55 -35.16 -48.61
C LEU D 141 -16.02 -34.94 -48.27
N LEU D 142 -16.35 -34.96 -46.98
CA LEU D 142 -17.73 -34.83 -46.55
C LEU D 142 -18.44 -33.68 -47.25
N VAL D 143 -17.78 -32.53 -47.35
CA VAL D 143 -18.41 -31.38 -48.00
C VAL D 143 -18.54 -31.64 -49.51
N ALA D 144 -17.56 -32.33 -50.09
CA ALA D 144 -17.58 -32.56 -51.54
C ALA D 144 -18.75 -33.46 -51.92
N GLN D 145 -18.83 -34.64 -51.31
CA GLN D 145 -20.03 -35.46 -51.48
C GLN D 145 -21.27 -34.68 -51.10
N GLY D 146 -21.16 -33.81 -50.11
CA GLY D 146 -22.16 -32.80 -49.81
C GLY D 146 -23.07 -33.22 -48.68
N ALA D 147 -22.74 -32.80 -47.46
CA ALA D 147 -23.63 -33.11 -46.35
C ALA D 147 -24.69 -32.05 -46.20
N ASP D 148 -24.26 -30.91 -45.70
CA ASP D 148 -25.06 -29.72 -45.48
C ASP D 148 -24.13 -28.68 -44.90
N VAL D 149 -24.36 -27.41 -45.18
CA VAL D 149 -23.56 -26.38 -44.52
C VAL D 149 -24.45 -25.72 -43.48
N HIS D 150 -25.46 -26.45 -43.03
CA HIS D 150 -26.39 -25.95 -42.04
C HIS D 150 -26.94 -27.11 -41.24
N ALA D 151 -26.70 -27.10 -39.94
CA ALA D 151 -27.32 -28.07 -39.03
C ALA D 151 -27.31 -27.44 -37.65
N GLN D 152 -28.48 -27.01 -37.20
CA GLN D 152 -28.58 -26.19 -35.99
C GLN D 152 -28.72 -27.10 -34.78
N ALA D 153 -27.58 -27.59 -34.33
CA ALA D 153 -27.55 -28.53 -33.21
C ALA D 153 -27.92 -27.80 -31.93
N ARG D 154 -29.17 -27.92 -31.52
CA ARG D 154 -29.70 -27.18 -30.37
C ARG D 154 -29.80 -28.06 -29.12
N GLY D 155 -29.05 -29.15 -29.07
CA GLY D 155 -29.00 -29.93 -27.85
C GLY D 155 -28.51 -29.08 -26.68
N ARG D 156 -29.12 -29.28 -25.52
CA ARG D 156 -28.81 -28.46 -24.35
C ARG D 156 -27.32 -28.42 -24.08
N PHE D 157 -26.57 -29.44 -24.49
CA PHE D 157 -25.11 -29.39 -24.41
C PHE D 157 -24.55 -28.17 -25.13
N PHE D 158 -25.22 -27.71 -26.19
CA PHE D 158 -24.73 -26.62 -27.01
C PHE D 158 -25.27 -25.26 -26.61
N GLN D 159 -26.01 -25.18 -25.52
CA GLN D 159 -26.46 -23.89 -25.01
C GLN D 159 -25.33 -23.19 -24.29
N PRO D 160 -25.47 -21.89 -24.03
CA PRO D 160 -24.47 -21.21 -23.21
C PRO D 160 -24.42 -21.79 -21.80
N LYS D 161 -23.35 -21.46 -21.08
CA LYS D 161 -23.09 -22.06 -19.79
C LYS D 161 -24.00 -21.54 -18.69
N ASP D 162 -25.05 -20.79 -19.04
CA ASP D 162 -26.03 -20.34 -18.06
C ASP D 162 -27.41 -20.94 -18.32
N GLU D 163 -27.51 -21.89 -19.24
CA GLU D 163 -28.73 -22.65 -19.47
C GLU D 163 -28.45 -24.13 -19.39
N GLY D 164 -27.52 -24.51 -18.50
CA GLY D 164 -27.04 -25.87 -18.42
C GLY D 164 -26.13 -26.27 -19.55
N GLY D 165 -25.90 -25.40 -20.53
CA GLY D 165 -25.06 -25.73 -21.65
C GLY D 165 -23.59 -25.83 -21.28
N TYR D 166 -22.86 -26.55 -22.11
CA TYR D 166 -21.43 -26.73 -21.92
C TYR D 166 -20.59 -25.91 -22.87
N PHE D 167 -21.06 -25.72 -24.10
CA PHE D 167 -20.32 -24.94 -25.09
C PHE D 167 -21.28 -24.48 -26.17
N TYR D 168 -21.38 -23.18 -26.37
CA TYR D 168 -22.28 -22.58 -27.36
C TYR D 168 -21.43 -21.91 -28.42
N PHE D 169 -21.38 -22.50 -29.61
CA PHE D 169 -20.58 -21.96 -30.71
C PHE D 169 -21.40 -21.25 -31.76
N GLY D 170 -22.69 -21.55 -31.89
CA GLY D 170 -23.52 -20.85 -32.86
C GLY D 170 -24.35 -21.75 -33.74
N GLU D 171 -24.38 -23.05 -33.44
CA GLU D 171 -25.27 -23.99 -34.12
C GLU D 171 -25.11 -23.97 -35.64
N LEU D 172 -23.92 -23.59 -36.12
CA LEU D 172 -23.69 -23.56 -37.55
C LEU D 172 -22.28 -24.05 -37.84
N PRO D 173 -22.12 -25.00 -38.75
CA PRO D 173 -20.76 -25.50 -39.05
C PRO D 173 -19.76 -24.41 -39.32
N LEU D 174 -20.15 -23.39 -40.08
CA LEU D 174 -19.27 -22.28 -40.38
C LEU D 174 -18.83 -21.59 -39.10
N SER D 175 -19.80 -21.20 -38.27
CA SER D 175 -19.44 -20.61 -36.98
C SER D 175 -18.68 -21.59 -36.11
N LEU D 176 -18.95 -22.89 -36.27
CA LEU D 176 -18.23 -23.88 -35.50
C LEU D 176 -16.75 -23.87 -35.83
N ALA D 177 -16.41 -23.73 -37.11
CA ALA D 177 -15.02 -23.56 -37.47
C ALA D 177 -14.49 -22.21 -37.01
N ALA D 178 -15.34 -21.19 -37.06
CA ALA D 178 -14.91 -19.85 -36.69
C ALA D 178 -14.46 -19.80 -35.24
N CYS D 179 -15.38 -20.11 -34.32
CA CYS D 179 -15.05 -20.09 -32.90
C CYS D 179 -13.84 -20.96 -32.60
N THR D 180 -13.76 -22.13 -33.21
CA THR D 180 -12.69 -23.06 -32.96
C THR D 180 -11.37 -22.67 -33.61
N ASN D 181 -11.32 -21.54 -34.32
CA ASN D 181 -10.10 -21.00 -34.91
C ASN D 181 -9.48 -21.99 -35.90
N GLN D 182 -10.21 -22.22 -36.99
CA GLN D 182 -9.74 -23.02 -38.12
C GLN D 182 -9.91 -22.21 -39.40
N PRO D 183 -9.03 -21.23 -39.62
CA PRO D 183 -9.23 -20.33 -40.77
C PRO D 183 -9.37 -21.02 -42.11
N HIS D 184 -8.50 -22.00 -42.40
CA HIS D 184 -8.56 -22.69 -43.68
C HIS D 184 -9.95 -23.29 -43.90
N ILE D 185 -10.52 -23.87 -42.85
CA ILE D 185 -11.88 -24.42 -42.96
C ILE D 185 -12.86 -23.33 -43.31
N VAL D 186 -12.64 -22.12 -42.78
CA VAL D 186 -13.52 -21.00 -43.10
C VAL D 186 -13.42 -20.65 -44.57
N ASN D 187 -12.19 -20.51 -45.07
CA ASN D 187 -12.01 -20.23 -46.49
C ASN D 187 -12.66 -21.29 -47.36
N TYR D 188 -12.58 -22.55 -46.93
CA TYR D 188 -13.18 -23.62 -47.73
C TYR D 188 -14.70 -23.53 -47.72
N LEU D 189 -15.29 -23.39 -46.53
CA LEU D 189 -16.74 -23.46 -46.43
C LEU D 189 -17.41 -22.21 -47.01
N THR D 190 -16.80 -21.05 -46.84
CA THR D 190 -17.30 -19.84 -47.47
C THR D 190 -17.39 -20.00 -48.97
N GLU D 191 -16.31 -20.46 -49.60
CA GLU D 191 -16.27 -20.64 -51.04
C GLU D 191 -15.46 -21.88 -51.39
N ASN D 192 -16.00 -22.67 -52.33
CA ASN D 192 -15.36 -23.87 -52.83
C ASN D 192 -16.18 -24.37 -54.02
N PRO D 193 -15.56 -25.08 -54.95
CA PRO D 193 -16.30 -25.53 -56.14
C PRO D 193 -17.31 -26.62 -55.81
N HIS D 194 -18.16 -26.33 -54.83
CA HIS D 194 -19.23 -27.23 -54.38
C HIS D 194 -20.25 -26.36 -53.67
N LYS D 195 -21.14 -26.99 -52.91
CA LYS D 195 -21.96 -26.26 -51.97
C LYS D 195 -21.08 -25.37 -51.11
N LYS D 196 -21.57 -24.16 -50.82
CA LYS D 196 -20.85 -23.25 -49.93
C LYS D 196 -21.87 -22.42 -49.17
N ALA D 197 -21.52 -22.06 -47.95
CA ALA D 197 -22.43 -21.36 -47.07
C ALA D 197 -22.13 -19.88 -47.06
N ASP D 198 -23.17 -19.09 -46.87
CA ASP D 198 -23.04 -17.66 -46.65
C ASP D 198 -23.23 -17.37 -45.17
N MET D 199 -22.41 -16.47 -44.66
CA MET D 199 -22.58 -16.05 -43.28
C MET D 199 -23.88 -15.31 -43.05
N ARG D 200 -24.68 -15.17 -44.11
CA ARG D 200 -26.00 -14.57 -44.00
C ARG D 200 -26.85 -15.29 -42.97
N ARG D 201 -27.10 -16.58 -43.20
CA ARG D 201 -28.10 -17.32 -42.43
C ARG D 201 -27.80 -17.28 -40.93
N GLN D 202 -28.68 -16.64 -40.18
CA GLN D 202 -28.55 -16.59 -38.74
C GLN D 202 -28.93 -17.94 -38.13
N ASP D 203 -28.80 -18.04 -36.81
CA ASP D 203 -28.93 -19.29 -36.11
C ASP D 203 -30.37 -19.50 -35.64
N SER D 204 -30.58 -20.49 -34.79
CA SER D 204 -31.83 -20.66 -34.08
C SER D 204 -31.94 -19.75 -32.87
N ARG D 205 -31.01 -18.82 -32.72
CA ARG D 205 -31.07 -17.81 -31.67
C ARG D 205 -30.96 -16.39 -32.20
N GLY D 206 -31.13 -16.19 -33.50
CA GLY D 206 -31.07 -14.88 -34.11
C GLY D 206 -29.67 -14.44 -34.53
N ASN D 207 -28.64 -15.15 -34.07
CA ASN D 207 -27.27 -14.73 -34.28
C ASN D 207 -26.70 -15.29 -35.58
N THR D 208 -25.85 -14.49 -36.21
CA THR D 208 -24.95 -14.95 -37.25
C THR D 208 -23.55 -15.09 -36.66
N VAL D 209 -22.62 -15.52 -37.52
CA VAL D 209 -21.30 -15.94 -37.06
C VAL D 209 -20.59 -14.85 -36.27
N LEU D 210 -20.83 -13.58 -36.59
CA LEU D 210 -20.19 -12.51 -35.84
C LEU D 210 -20.64 -12.50 -34.40
N HIS D 211 -21.95 -12.55 -34.17
CA HIS D 211 -22.47 -12.51 -32.81
C HIS D 211 -21.92 -13.67 -31.99
N ALA D 212 -21.97 -14.87 -32.54
CA ALA D 212 -21.35 -16.01 -31.87
C ALA D 212 -19.89 -15.74 -31.57
N LEU D 213 -19.15 -15.26 -32.57
CA LEU D 213 -17.74 -14.94 -32.39
C LEU D 213 -17.52 -14.00 -31.22
N VAL D 214 -18.46 -13.10 -30.99
CA VAL D 214 -18.39 -12.25 -29.81
C VAL D 214 -18.77 -13.00 -28.54
N ALA D 215 -19.71 -13.95 -28.64
CA ALA D 215 -20.20 -14.64 -27.45
C ALA D 215 -19.07 -15.35 -26.73
N ILE D 216 -18.34 -16.21 -27.43
CA ILE D 216 -17.29 -17.01 -26.80
C ILE D 216 -15.99 -16.24 -26.73
N ALA D 217 -16.04 -14.96 -27.08
CA ALA D 217 -14.88 -14.12 -26.87
C ALA D 217 -14.61 -13.99 -25.38
N ASP D 218 -13.36 -13.71 -25.04
CA ASP D 218 -12.97 -13.55 -23.65
C ASP D 218 -12.00 -12.38 -23.57
N ASN D 219 -11.42 -12.17 -22.39
CA ASN D 219 -10.53 -11.05 -22.15
C ASN D 219 -9.07 -11.45 -21.98
N THR D 220 -8.78 -12.74 -21.86
CA THR D 220 -7.39 -13.17 -21.80
C THR D 220 -6.69 -12.91 -23.12
N ARG D 221 -5.38 -12.70 -23.05
CA ARG D 221 -4.58 -12.36 -24.23
C ARG D 221 -4.85 -13.31 -25.40
N GLU D 222 -4.78 -14.61 -25.14
CA GLU D 222 -4.99 -15.60 -26.18
C GLU D 222 -6.39 -15.47 -26.78
N ASN D 223 -7.41 -15.43 -25.93
CA ASN D 223 -8.78 -15.34 -26.40
C ASN D 223 -9.14 -13.97 -26.91
N THR D 224 -8.15 -13.10 -27.08
CA THR D 224 -8.31 -11.86 -27.81
C THR D 224 -7.56 -11.87 -29.13
N LYS D 225 -6.33 -12.39 -29.15
CA LYS D 225 -5.49 -12.28 -30.33
C LYS D 225 -6.16 -12.87 -31.56
N PHE D 226 -6.43 -14.18 -31.54
CA PHE D 226 -6.92 -14.85 -32.73
C PHE D 226 -8.30 -14.32 -33.13
N VAL D 227 -9.17 -14.10 -32.16
CA VAL D 227 -10.54 -13.67 -32.46
C VAL D 227 -10.53 -12.29 -33.08
N THR D 228 -9.62 -11.42 -32.63
CA THR D 228 -9.50 -10.09 -33.21
C THR D 228 -9.39 -10.16 -34.72
N LYS D 229 -8.37 -10.85 -35.21
CA LYS D 229 -8.14 -10.91 -36.65
C LYS D 229 -9.14 -11.81 -37.37
N MET D 230 -9.65 -12.84 -36.71
CA MET D 230 -10.64 -13.70 -37.35
C MET D 230 -11.91 -12.92 -37.66
N TYR D 231 -12.33 -12.06 -36.73
CA TYR D 231 -13.49 -11.20 -36.96
C TYR D 231 -13.30 -10.36 -38.20
N ASP D 232 -12.16 -9.68 -38.30
CA ASP D 232 -11.90 -8.82 -39.45
C ASP D 232 -11.82 -9.64 -40.73
N LEU D 233 -11.21 -10.82 -40.66
CA LEU D 233 -11.13 -11.68 -41.83
C LEU D 233 -12.52 -11.99 -42.37
N LEU D 234 -13.39 -12.53 -41.51
CA LEU D 234 -14.71 -12.92 -42.00
C LEU D 234 -15.52 -11.69 -42.40
N LEU D 235 -15.31 -10.56 -41.73
CA LEU D 235 -16.01 -9.33 -42.11
C LEU D 235 -15.63 -8.91 -43.52
N LEU D 236 -14.34 -8.86 -43.81
CA LEU D 236 -13.89 -8.54 -45.16
C LEU D 236 -14.39 -9.55 -46.17
N LYS D 237 -14.48 -10.83 -45.77
CA LYS D 237 -15.01 -11.84 -46.67
C LYS D 237 -16.44 -11.51 -47.06
N CYS D 238 -17.31 -11.34 -46.07
CA CYS D 238 -18.70 -10.98 -46.35
C CYS D 238 -18.76 -9.68 -47.14
N ALA D 239 -17.85 -8.75 -46.88
CA ALA D 239 -17.84 -7.49 -47.61
C ALA D 239 -17.59 -7.73 -49.09
N ARG D 240 -16.44 -8.31 -49.42
CA ARG D 240 -16.09 -8.52 -50.81
C ARG D 240 -17.14 -9.35 -51.54
N LEU D 241 -17.54 -10.47 -50.95
CA LEU D 241 -18.46 -11.37 -51.65
C LEU D 241 -19.89 -10.87 -51.63
N PHE D 242 -20.22 -9.88 -50.81
CA PHE D 242 -21.54 -9.26 -50.78
C PHE D 242 -21.40 -7.74 -50.76
N PRO D 243 -20.76 -7.16 -51.77
CA PRO D 243 -20.37 -5.75 -51.71
C PRO D 243 -21.53 -4.80 -52.00
N ASP D 244 -22.69 -5.09 -51.41
CA ASP D 244 -23.84 -4.21 -51.48
C ASP D 244 -24.30 -3.77 -50.10
N SER D 245 -24.54 -4.72 -49.21
CA SER D 245 -24.88 -4.50 -47.81
C SER D 245 -23.69 -4.88 -46.94
N ASN D 246 -23.91 -4.89 -45.64
CA ASN D 246 -22.87 -5.28 -44.69
C ASN D 246 -23.44 -6.28 -43.70
N LEU D 247 -22.54 -7.08 -43.12
CA LEU D 247 -22.96 -8.06 -42.13
C LEU D 247 -23.25 -7.41 -40.79
N GLU D 248 -22.46 -6.39 -40.42
CA GLU D 248 -22.59 -5.77 -39.11
C GLU D 248 -24.02 -5.31 -38.84
N ALA D 249 -24.77 -4.98 -39.88
CA ALA D 249 -26.10 -4.41 -39.68
C ALA D 249 -27.11 -5.44 -39.19
N VAL D 250 -26.87 -6.73 -39.44
CA VAL D 250 -27.84 -7.76 -39.10
C VAL D 250 -27.91 -7.91 -37.60
N LEU D 251 -29.13 -8.04 -37.07
CA LEU D 251 -29.36 -8.09 -35.63
C LEU D 251 -29.84 -9.47 -35.21
N ASN D 252 -29.70 -9.75 -33.92
CA ASN D 252 -30.07 -11.04 -33.35
C ASN D 252 -31.57 -11.11 -33.13
N ASN D 253 -32.03 -12.18 -32.49
CA ASN D 253 -33.44 -12.28 -32.13
C ASN D 253 -33.85 -11.16 -31.19
N ASP D 254 -32.95 -10.73 -30.31
CA ASP D 254 -33.23 -9.59 -29.45
C ASP D 254 -33.02 -8.27 -30.17
N GLY D 255 -32.72 -8.30 -31.47
CA GLY D 255 -32.48 -7.10 -32.23
C GLY D 255 -31.21 -6.37 -31.88
N LEU D 256 -30.28 -7.01 -31.19
CA LEU D 256 -29.06 -6.33 -30.81
C LEU D 256 -28.02 -6.43 -31.92
N SER D 257 -27.19 -5.41 -32.01
CA SER D 257 -26.08 -5.54 -32.94
C SER D 257 -25.00 -6.42 -32.32
N PRO D 258 -24.13 -7.02 -33.13
CA PRO D 258 -23.00 -7.73 -32.54
C PRO D 258 -22.16 -6.82 -31.66
N LEU D 259 -22.02 -5.56 -32.05
CA LEU D 259 -21.42 -4.58 -31.17
C LEU D 259 -22.23 -4.43 -29.89
N MET D 260 -23.56 -4.43 -29.99
CA MET D 260 -24.40 -4.33 -28.81
C MET D 260 -24.15 -5.49 -27.86
N MET D 261 -24.28 -6.72 -28.36
CA MET D 261 -24.01 -7.89 -27.53
C MET D 261 -22.61 -7.86 -26.97
N ALA D 262 -21.65 -7.32 -27.72
CA ALA D 262 -20.31 -7.11 -27.16
C ALA D 262 -20.37 -6.20 -25.95
N ALA D 263 -21.16 -5.13 -26.05
CA ALA D 263 -21.26 -4.19 -24.94
C ALA D 263 -21.92 -4.84 -23.72
N LYS D 264 -23.07 -5.49 -23.93
CA LYS D 264 -23.87 -5.98 -22.83
C LYS D 264 -23.08 -6.93 -21.95
N THR D 265 -22.60 -8.03 -22.52
CA THR D 265 -21.82 -8.98 -21.74
C THR D 265 -20.45 -8.44 -21.35
N GLY D 266 -20.11 -7.22 -21.74
CA GLY D 266 -18.89 -6.60 -21.28
C GLY D 266 -17.62 -7.19 -21.83
N LYS D 267 -17.63 -7.64 -23.08
CA LYS D 267 -16.43 -8.17 -23.72
C LYS D 267 -15.54 -7.00 -24.10
N ILE D 268 -14.52 -6.73 -23.28
CA ILE D 268 -13.67 -5.56 -23.48
C ILE D 268 -12.94 -5.66 -24.81
N GLY D 269 -12.13 -6.71 -24.97
CA GLY D 269 -11.24 -6.86 -26.10
C GLY D 269 -11.86 -6.63 -27.45
N ILE D 270 -12.81 -7.49 -27.82
CA ILE D 270 -13.42 -7.40 -29.15
C ILE D 270 -14.07 -6.03 -29.34
N PHE D 271 -14.65 -5.48 -28.28
CA PHE D 271 -15.26 -4.17 -28.40
C PHE D 271 -14.22 -3.08 -28.59
N GLN D 272 -13.20 -3.07 -27.73
CA GLN D 272 -12.12 -2.11 -27.85
C GLN D 272 -11.50 -2.14 -29.24
N HIS D 273 -11.44 -3.32 -29.85
CA HIS D 273 -10.87 -3.41 -31.18
C HIS D 273 -11.84 -2.99 -32.28
N ILE D 274 -13.11 -3.40 -32.18
CA ILE D 274 -14.08 -3.05 -33.21
C ILE D 274 -14.34 -1.55 -33.22
N ILE D 275 -14.09 -0.85 -32.12
CA ILE D 275 -14.36 0.58 -32.13
C ILE D 275 -13.28 1.35 -32.86
N ARG D 276 -12.05 0.82 -32.88
CA ARG D 276 -10.94 1.54 -33.53
C ARG D 276 -10.76 1.13 -34.98
N ARG D 277 -10.92 -0.16 -35.28
CA ARG D 277 -10.42 -0.75 -36.52
C ARG D 277 -10.80 0.07 -37.74
N GLU D 278 -9.84 0.21 -38.65
CA GLU D 278 -10.07 0.88 -39.93
C GLU D 278 -9.48 0.03 -41.04
N VAL D 279 -10.15 0.05 -42.19
CA VAL D 279 -9.75 -0.79 -43.32
C VAL D 279 -8.66 -0.06 -44.09
N THR D 280 -7.46 -0.63 -44.10
CA THR D 280 -6.31 0.07 -44.67
C THR D 280 -6.49 0.29 -46.17
N ASP D 281 -6.59 -0.80 -46.93
CA ASP D 281 -6.78 -0.68 -48.37
C ASP D 281 -8.08 0.05 -48.69
N GLU D 282 -7.94 1.21 -49.32
CA GLU D 282 -9.10 2.05 -49.63
C GLU D 282 -9.98 1.47 -50.72
N ASP D 283 -9.57 0.36 -51.34
CA ASP D 283 -10.42 -0.31 -52.33
C ASP D 283 -11.83 -0.49 -51.78
N THR D 284 -11.96 -1.17 -50.65
CA THR D 284 -13.19 -1.18 -49.86
C THR D 284 -12.80 -0.87 -48.43
N ARG D 285 -12.64 0.42 -48.13
CA ARG D 285 -12.48 0.89 -46.77
C ARG D 285 -13.77 1.47 -46.22
N HIS D 286 -14.87 1.33 -46.96
CA HIS D 286 -16.13 1.96 -46.60
C HIS D 286 -16.84 1.12 -45.55
N LEU D 287 -16.09 0.70 -44.55
CA LEU D 287 -16.68 0.16 -43.33
C LEU D 287 -15.83 0.49 -42.11
N SER D 288 -14.80 1.32 -42.27
CA SER D 288 -13.87 1.61 -41.20
C SER D 288 -14.53 2.46 -40.13
N ARG D 289 -13.91 2.48 -38.96
CA ARG D 289 -14.43 3.22 -37.81
C ARG D 289 -13.62 4.48 -37.53
N LYS D 290 -12.31 4.35 -37.37
CA LYS D 290 -11.43 5.50 -37.17
C LYS D 290 -11.00 6.02 -38.54
N PHE D 291 -10.89 7.34 -38.65
CA PHE D 291 -10.50 7.96 -39.90
C PHE D 291 -9.27 8.83 -39.68
N LYS D 292 -8.88 9.56 -40.71
CA LYS D 292 -7.81 10.53 -40.63
C LYS D 292 -8.23 11.79 -41.37
N ASP D 293 -7.86 12.94 -40.82
CA ASP D 293 -8.16 14.22 -41.44
C ASP D 293 -6.91 14.97 -41.86
N TRP D 294 -5.96 15.18 -40.95
CA TRP D 294 -4.68 15.78 -41.31
C TRP D 294 -3.71 15.59 -40.15
N ALA D 295 -2.44 15.49 -40.50
CA ALA D 295 -1.35 15.30 -39.54
C ALA D 295 -0.29 16.36 -39.84
N TYR D 296 -0.26 17.41 -39.04
CA TYR D 296 0.70 18.49 -39.23
C TYR D 296 1.98 18.25 -38.43
N GLY D 297 2.56 17.08 -38.60
CA GLY D 297 3.75 16.72 -37.86
C GLY D 297 3.41 15.81 -36.69
N PRO D 298 3.38 16.37 -35.49
CA PRO D 298 3.12 15.57 -34.29
C PRO D 298 1.66 15.52 -33.86
N VAL D 299 0.75 16.15 -34.60
CA VAL D 299 -0.65 16.23 -34.20
C VAL D 299 -1.48 15.61 -35.31
N TYR D 300 -2.24 14.57 -34.95
CA TYR D 300 -3.16 13.91 -35.86
C TYR D 300 -4.58 14.26 -35.46
N SER D 301 -5.33 14.86 -36.39
CA SER D 301 -6.74 15.20 -36.15
C SER D 301 -7.57 13.96 -36.45
N SER D 302 -7.46 12.98 -35.58
CA SER D 302 -8.15 11.72 -35.83
C SER D 302 -9.65 11.91 -35.61
N LEU D 303 -10.44 11.08 -36.28
CA LEU D 303 -11.88 11.31 -36.41
C LEU D 303 -12.59 9.98 -36.19
N TYR D 304 -13.23 9.86 -35.03
CA TYR D 304 -13.92 8.62 -34.67
C TYR D 304 -15.38 8.69 -35.07
N ASP D 305 -15.84 7.62 -35.72
CA ASP D 305 -17.23 7.54 -36.16
C ASP D 305 -18.14 7.37 -34.95
N LEU D 306 -19.39 7.79 -35.13
CA LEU D 306 -20.44 7.51 -34.15
C LEU D 306 -21.72 7.29 -34.94
N SER D 307 -22.14 6.04 -35.04
CA SER D 307 -23.37 5.71 -35.75
C SER D 307 -24.32 4.87 -34.94
N SER D 308 -23.82 4.08 -34.00
CA SER D 308 -24.67 3.37 -33.04
C SER D 308 -24.29 3.78 -31.62
N LEU D 309 -23.54 4.87 -31.49
CA LEU D 309 -23.10 5.33 -30.18
C LEU D 309 -24.16 6.14 -29.45
N ASP D 310 -24.95 6.96 -30.14
CA ASP D 310 -25.91 7.81 -29.44
C ASP D 310 -27.05 8.20 -30.38
N THR D 311 -28.26 7.70 -30.08
CA THR D 311 -29.47 8.21 -30.70
C THR D 311 -30.61 8.40 -29.72
N CYS D 312 -30.36 8.24 -28.41
CA CYS D 312 -31.34 8.50 -27.36
C CYS D 312 -32.56 7.58 -27.48
N GLY D 313 -32.30 6.28 -27.38
CA GLY D 313 -33.37 5.30 -27.27
C GLY D 313 -34.14 5.02 -28.53
N GLU D 314 -33.61 5.38 -29.69
CA GLU D 314 -34.29 5.16 -30.96
C GLU D 314 -33.88 3.87 -31.66
N GLU D 315 -32.62 3.44 -31.51
CA GLU D 315 -32.18 2.18 -32.07
C GLU D 315 -31.34 1.38 -31.09
N ALA D 316 -31.56 1.57 -29.78
CA ALA D 316 -30.78 0.92 -28.73
C ALA D 316 -29.30 1.26 -28.87
N SER D 317 -29.01 2.55 -28.73
CA SER D 317 -27.64 3.04 -28.83
C SER D 317 -26.78 2.43 -27.72
N VAL D 318 -25.52 2.15 -28.06
CA VAL D 318 -24.66 1.38 -27.17
C VAL D 318 -24.46 2.11 -25.84
N LEU D 319 -24.33 3.43 -25.89
CA LEU D 319 -24.08 4.19 -24.67
C LEU D 319 -25.21 4.00 -23.68
N GLU D 320 -26.43 3.83 -24.18
CA GLU D 320 -27.58 3.58 -23.32
C GLU D 320 -27.41 2.29 -22.53
N ILE D 321 -27.14 1.19 -23.24
CA ILE D 321 -26.91 -0.08 -22.57
C ILE D 321 -25.69 0.00 -21.67
N LEU D 322 -24.76 0.89 -21.97
CA LEU D 322 -23.60 1.07 -21.10
C LEU D 322 -23.99 1.75 -19.79
N VAL D 323 -24.94 2.69 -19.84
CA VAL D 323 -25.25 3.49 -18.66
C VAL D 323 -26.39 2.90 -17.84
N TYR D 324 -27.54 2.64 -18.47
CA TYR D 324 -28.71 2.22 -17.70
C TYR D 324 -28.66 0.73 -17.37
N ASN D 325 -28.70 -0.12 -18.40
CA ASN D 325 -28.96 -1.54 -18.22
C ASN D 325 -27.71 -2.34 -17.86
N SER D 326 -26.57 -1.68 -17.66
CA SER D 326 -25.33 -2.40 -17.42
C SER D 326 -25.09 -2.60 -15.94
N LYS D 327 -24.88 -3.84 -15.55
CA LYS D 327 -24.42 -4.22 -14.21
C LYS D 327 -23.16 -5.05 -14.34
N ILE D 328 -22.23 -4.59 -15.15
CA ILE D 328 -21.15 -5.42 -15.68
C ILE D 328 -19.89 -5.22 -14.87
N GLU D 329 -19.17 -6.31 -14.60
CA GLU D 329 -17.90 -6.26 -13.90
C GLU D 329 -16.92 -5.32 -14.60
N ASN D 330 -17.01 -5.20 -15.91
CA ASN D 330 -16.10 -4.36 -16.69
C ASN D 330 -16.78 -3.09 -17.18
N ARG D 331 -18.00 -2.81 -16.71
CA ARG D 331 -18.71 -1.62 -17.15
C ARG D 331 -17.86 -0.37 -17.01
N HIS D 332 -17.18 -0.23 -15.88
CA HIS D 332 -16.31 0.92 -15.66
C HIS D 332 -15.19 0.97 -16.69
N GLU D 333 -14.43 -0.13 -16.81
CA GLU D 333 -13.22 -0.12 -17.60
C GLU D 333 -13.50 0.15 -19.07
N MET D 334 -14.60 -0.41 -19.60
CA MET D 334 -14.92 -0.18 -20.99
C MET D 334 -15.13 1.30 -21.30
N LEU D 335 -15.60 2.07 -20.32
CA LEU D 335 -15.80 3.49 -20.54
C LEU D 335 -14.51 4.23 -20.81
N ALA D 336 -13.37 3.65 -20.42
CA ALA D 336 -12.08 4.30 -20.62
C ALA D 336 -11.68 4.41 -22.09
N VAL D 337 -12.47 3.87 -23.02
CA VAL D 337 -12.13 3.97 -24.43
C VAL D 337 -12.33 5.41 -24.89
N GLU D 338 -11.47 5.84 -25.81
CA GLU D 338 -11.33 7.23 -26.24
C GLU D 338 -12.66 7.89 -26.62
N PRO D 339 -13.39 7.37 -27.64
CA PRO D 339 -14.52 8.15 -28.16
C PRO D 339 -15.76 8.07 -27.28
N ILE D 340 -15.60 7.57 -26.05
CA ILE D 340 -16.68 7.56 -25.09
C ILE D 340 -16.31 8.48 -23.93
N ASN D 341 -15.11 8.27 -23.38
CA ASN D 341 -14.62 9.16 -22.35
C ASN D 341 -14.61 10.61 -22.84
N GLU D 342 -14.19 10.83 -24.09
CA GLU D 342 -14.27 12.18 -24.64
C GLU D 342 -15.72 12.63 -24.80
N LEU D 343 -16.61 11.71 -25.20
CA LEU D 343 -17.98 12.11 -25.46
C LEU D 343 -18.66 12.57 -24.18
N LEU D 344 -18.22 12.04 -23.04
CA LEU D 344 -18.70 12.54 -21.76
C LEU D 344 -18.43 14.04 -21.64
N ARG D 345 -17.18 14.45 -21.79
CA ARG D 345 -16.84 15.87 -21.72
C ARG D 345 -17.58 16.66 -22.79
N ASP D 346 -17.72 16.07 -23.98
CA ASP D 346 -18.39 16.78 -25.07
C ASP D 346 -19.83 17.11 -24.71
N LYS D 347 -20.57 16.14 -24.18
CA LYS D 347 -21.92 16.38 -23.70
C LYS D 347 -21.94 17.14 -22.38
N TRP D 348 -20.80 17.29 -21.72
CA TRP D 348 -20.75 18.00 -20.45
C TRP D 348 -20.60 19.51 -20.64
N ARG D 349 -19.56 19.94 -21.34
CA ARG D 349 -19.29 21.36 -21.51
C ARG D 349 -20.36 22.04 -22.35
N LYS D 350 -21.29 21.25 -22.87
CA LYS D 350 -22.47 21.78 -23.55
C LYS D 350 -23.66 20.94 -23.13
N PHE D 351 -24.67 21.60 -22.55
CA PHE D 351 -25.91 20.94 -22.16
C PHE D 351 -25.69 19.96 -21.01
N GLY D 352 -24.48 19.92 -20.47
CA GLY D 352 -24.18 19.04 -19.36
C GLY D 352 -24.36 19.67 -18.00
N ALA D 353 -23.70 20.80 -17.76
CA ALA D 353 -23.78 21.48 -16.48
C ALA D 353 -24.91 22.49 -16.42
N VAL D 354 -25.29 23.06 -17.56
CA VAL D 354 -26.32 24.11 -17.58
C VAL D 354 -27.63 23.58 -17.01
N SER D 355 -28.17 22.54 -17.65
CA SER D 355 -29.46 22.02 -17.20
C SER D 355 -29.36 21.38 -15.82
N PHE D 356 -28.20 20.82 -15.49
CA PHE D 356 -28.00 20.25 -14.16
C PHE D 356 -28.16 21.32 -13.09
N TYR D 357 -27.47 22.45 -13.26
CA TYR D 357 -27.60 23.54 -12.30
C TYR D 357 -29.00 24.12 -12.30
N ILE D 358 -29.62 24.25 -13.48
CA ILE D 358 -30.99 24.73 -13.54
C ILE D 358 -31.91 23.85 -12.71
N ASN D 359 -31.80 22.53 -12.89
CA ASN D 359 -32.66 21.61 -12.17
C ASN D 359 -32.41 21.69 -10.66
N VAL D 360 -31.14 21.72 -10.25
CA VAL D 360 -30.87 21.71 -8.81
C VAL D 360 -31.35 23.01 -8.16
N VAL D 361 -31.17 24.14 -8.84
CA VAL D 361 -31.59 25.41 -8.24
C VAL D 361 -33.11 25.51 -8.21
N SER D 362 -33.78 25.05 -9.26
CA SER D 362 -35.24 25.07 -9.25
C SER D 362 -35.80 24.13 -8.19
N TYR D 363 -35.15 22.98 -7.98
CA TYR D 363 -35.61 22.05 -6.96
C TYR D 363 -35.45 22.62 -5.56
N LEU D 364 -34.27 23.19 -5.28
CA LEU D 364 -34.06 23.83 -3.98
C LEU D 364 -35.06 24.96 -3.77
N CYS D 365 -35.32 25.75 -4.81
CA CYS D 365 -36.28 26.84 -4.67
C CYS D 365 -37.68 26.32 -4.39
N ALA D 366 -38.10 25.27 -5.10
CA ALA D 366 -39.42 24.69 -4.85
C ALA D 366 -39.53 24.17 -3.42
N MET D 367 -38.46 23.53 -2.92
CA MET D 367 -38.54 23.01 -1.57
C MET D 367 -38.59 24.12 -0.54
N VAL D 368 -37.82 25.19 -0.75
CA VAL D 368 -37.87 26.30 0.20
C VAL D 368 -39.22 26.98 0.13
N ILE D 369 -39.87 26.97 -1.04
CA ILE D 369 -41.20 27.56 -1.17
C ILE D 369 -42.22 26.71 -0.42
N PHE D 370 -42.09 25.39 -0.50
CA PHE D 370 -42.99 24.53 0.25
C PHE D 370 -42.80 24.74 1.75
N THR D 371 -41.55 24.91 2.19
CA THR D 371 -41.27 25.28 3.57
C THR D 371 -41.96 26.58 3.96
N LEU D 372 -41.82 27.60 3.12
CA LEU D 372 -42.47 28.89 3.29
C LEU D 372 -43.96 28.71 3.54
N THR D 373 -44.67 28.10 2.58
CA THR D 373 -46.10 27.90 2.72
C THR D 373 -46.45 27.02 3.92
N ALA D 374 -45.52 26.20 4.40
CA ALA D 374 -45.78 25.40 5.58
C ALA D 374 -45.83 26.28 6.84
N TYR D 375 -44.75 27.04 7.07
CA TYR D 375 -44.61 27.74 8.35
C TYR D 375 -45.62 28.86 8.55
N TYR D 376 -46.11 29.48 7.48
CA TYR D 376 -46.97 30.64 7.58
C TYR D 376 -48.47 30.30 7.58
N GLN D 377 -48.83 29.14 8.10
CA GLN D 377 -50.21 28.68 8.04
C GLN D 377 -50.97 29.09 9.30
N PRO D 378 -52.29 29.12 9.24
CA PRO D 378 -53.09 29.36 10.46
C PRO D 378 -53.01 28.15 11.38
N LEU D 379 -52.51 28.38 12.59
CA LEU D 379 -52.22 27.30 13.52
C LEU D 379 -53.30 27.16 14.59
N GLU D 380 -53.01 26.31 15.57
CA GLU D 380 -53.89 26.05 16.72
C GLU D 380 -55.25 25.53 16.26
N GLY D 381 -55.22 24.34 15.66
CA GLY D 381 -56.41 23.66 15.22
C GLY D 381 -57.01 24.26 13.97
N THR D 382 -58.08 23.62 13.49
CA THR D 382 -58.92 24.14 12.40
C THR D 382 -58.13 24.39 11.12
N PRO D 383 -57.74 23.36 10.37
CA PRO D 383 -57.21 23.56 9.02
C PRO D 383 -58.26 23.39 7.93
N PRO D 384 -59.20 24.36 7.73
CA PRO D 384 -59.99 24.33 6.50
C PRO D 384 -59.26 25.06 5.38
N TYR D 385 -59.93 25.28 4.24
CA TYR D 385 -59.37 26.10 3.16
C TYR D 385 -59.74 27.56 3.36
N PRO D 386 -58.81 28.39 3.85
CA PRO D 386 -59.12 29.79 4.19
C PRO D 386 -58.83 30.83 3.11
N TYR D 387 -58.61 30.43 1.85
CA TYR D 387 -58.12 31.38 0.85
C TYR D 387 -59.23 32.38 0.50
N ARG D 388 -59.19 33.55 1.16
CA ARG D 388 -60.12 34.63 0.88
C ARG D 388 -59.50 36.02 0.94
N THR D 389 -58.19 36.13 1.14
CA THR D 389 -57.57 37.43 1.37
C THR D 389 -56.26 37.55 0.60
N THR D 390 -55.70 38.76 0.63
CA THR D 390 -54.48 39.05 -0.12
C THR D 390 -53.27 38.36 0.49
N VAL D 391 -53.19 38.32 1.83
CA VAL D 391 -52.03 37.73 2.46
C VAL D 391 -51.99 36.22 2.21
N ASP D 392 -53.13 35.62 1.88
CA ASP D 392 -53.17 34.20 1.60
C ASP D 392 -52.84 33.89 0.14
N TYR D 393 -52.70 34.92 -0.70
CA TYR D 393 -52.20 34.71 -2.06
C TYR D 393 -50.82 34.08 -2.05
N LEU D 394 -50.00 34.39 -1.03
CA LEU D 394 -48.69 33.77 -0.90
C LEU D 394 -48.82 32.25 -0.78
N ARG D 395 -49.64 31.79 0.17
CA ARG D 395 -49.84 30.36 0.35
C ARG D 395 -50.47 29.73 -0.89
N LEU D 396 -51.39 30.44 -1.53
CA LEU D 396 -52.02 29.92 -2.74
C LEU D 396 -50.99 29.71 -3.85
N ALA D 397 -50.14 30.71 -4.07
CA ALA D 397 -49.13 30.63 -5.12
C ALA D 397 -48.06 29.60 -4.78
N GLY D 398 -47.83 29.36 -3.50
CA GLY D 398 -46.91 28.31 -3.13
C GLY D 398 -47.48 26.92 -3.33
N GLU D 399 -48.75 26.72 -2.95
CA GLU D 399 -49.34 25.40 -3.06
C GLU D 399 -49.64 25.03 -4.51
N VAL D 400 -49.96 26.01 -5.35
CA VAL D 400 -50.20 25.68 -6.76
C VAL D 400 -48.92 25.18 -7.41
N ILE D 401 -47.79 25.82 -7.10
CA ILE D 401 -46.54 25.35 -7.70
C ILE D 401 -46.04 24.09 -7.02
N THR D 402 -46.44 23.86 -5.76
CA THR D 402 -46.19 22.56 -5.14
C THR D 402 -46.89 21.45 -5.91
N LEU D 403 -48.19 21.61 -6.15
CA LEU D 403 -48.92 20.63 -6.95
C LEU D 403 -48.37 20.55 -8.38
N PHE D 404 -47.82 21.66 -8.90
CA PHE D 404 -47.22 21.63 -10.21
C PHE D 404 -45.96 20.76 -10.24
N THR D 405 -45.08 20.96 -9.26
CA THR D 405 -43.92 20.07 -9.13
C THR D 405 -44.37 18.62 -8.96
N GLY D 406 -45.47 18.41 -8.24
CA GLY D 406 -46.02 17.07 -8.10
C GLY D 406 -46.40 16.46 -9.44
N VAL D 407 -47.21 17.17 -10.22
CA VAL D 407 -47.67 16.60 -11.49
C VAL D 407 -46.49 16.45 -12.45
N LEU D 408 -45.48 17.31 -12.33
CA LEU D 408 -44.31 17.19 -13.19
C LEU D 408 -43.51 15.93 -12.87
N PHE D 409 -43.20 15.71 -11.59
CA PHE D 409 -42.52 14.49 -11.20
C PHE D 409 -43.38 13.25 -11.42
N PHE D 410 -44.70 13.41 -11.48
CA PHE D 410 -45.58 12.31 -11.87
C PHE D 410 -45.39 11.96 -13.34
N PHE D 411 -45.48 12.98 -14.21
CA PHE D 411 -45.24 12.78 -15.63
C PHE D 411 -43.86 12.21 -15.90
N THR D 412 -42.89 12.55 -15.05
CA THR D 412 -41.53 12.03 -15.23
C THR D 412 -41.52 10.51 -15.15
N ASN D 413 -42.21 9.94 -14.16
CA ASN D 413 -42.15 8.49 -13.99
C ASN D 413 -43.19 7.76 -14.83
N ILE D 414 -44.29 8.40 -15.21
CA ILE D 414 -45.25 7.69 -16.05
C ILE D 414 -44.66 7.44 -17.43
N LYS D 415 -43.72 8.28 -17.87
CA LYS D 415 -43.04 8.04 -19.12
C LYS D 415 -42.06 6.87 -19.05
N ASP D 416 -41.75 6.39 -17.84
CA ASP D 416 -40.93 5.20 -17.68
C ASP D 416 -41.66 3.92 -18.03
N LEU D 417 -42.97 4.00 -18.29
CA LEU D 417 -43.77 2.84 -18.68
C LEU D 417 -43.72 2.59 -20.18
N PHE D 434 -33.20 6.34 -6.64
CA PHE D 434 -33.72 7.63 -7.08
C PHE D 434 -34.37 7.50 -8.44
N GLN D 435 -35.29 6.55 -8.57
CA GLN D 435 -36.12 6.42 -9.75
C GLN D 435 -37.61 6.38 -9.42
N LEU D 436 -37.97 6.13 -8.17
CA LEU D 436 -39.35 6.21 -7.72
C LEU D 436 -39.56 7.15 -6.55
N LEU D 437 -38.51 7.54 -5.84
CA LEU D 437 -38.66 8.42 -4.69
C LEU D 437 -39.28 9.75 -5.08
N TYR D 438 -38.76 10.37 -6.14
CA TYR D 438 -39.36 11.61 -6.63
C TYR D 438 -40.76 11.40 -7.16
N PHE D 439 -41.17 10.16 -7.41
CA PHE D 439 -42.53 9.86 -7.82
C PHE D 439 -43.45 9.66 -6.62
N ILE D 440 -42.99 8.95 -5.60
CA ILE D 440 -43.74 8.87 -4.35
C ILE D 440 -43.92 10.26 -3.77
N TYR D 441 -42.94 11.14 -3.99
CA TYR D 441 -43.10 12.55 -3.71
C TYR D 441 -44.40 13.08 -4.31
N SER D 442 -44.55 12.90 -5.62
CA SER D 442 -45.74 13.38 -6.31
C SER D 442 -47.00 12.72 -5.78
N VAL D 443 -46.93 11.43 -5.48
CA VAL D 443 -48.09 10.72 -4.92
C VAL D 443 -48.55 11.39 -3.64
N LEU D 444 -47.60 11.67 -2.74
CA LEU D 444 -47.97 12.29 -1.48
C LEU D 444 -48.41 13.73 -1.67
N VAL D 445 -47.85 14.44 -2.64
CA VAL D 445 -48.34 15.78 -2.94
C VAL D 445 -49.79 15.73 -3.42
N ILE D 446 -50.14 14.70 -4.19
CA ILE D 446 -51.52 14.57 -4.63
C ILE D 446 -52.43 14.19 -3.46
N VAL D 447 -51.94 13.34 -2.55
CA VAL D 447 -52.67 13.10 -1.30
C VAL D 447 -52.97 14.41 -0.60
N SER D 448 -51.95 15.27 -0.49
CA SER D 448 -52.13 16.57 0.15
C SER D 448 -53.13 17.41 -0.59
N ALA D 449 -53.08 17.41 -1.93
CA ALA D 449 -54.01 18.20 -2.72
C ALA D 449 -55.44 17.76 -2.46
N ALA D 450 -55.69 16.45 -2.47
CA ALA D 450 -57.04 15.95 -2.22
C ALA D 450 -57.49 16.28 -0.80
N LEU D 451 -56.60 16.09 0.17
CA LEU D 451 -56.98 16.32 1.57
C LEU D 451 -57.27 17.79 1.83
N TYR D 452 -56.53 18.68 1.18
CA TYR D 452 -56.81 20.10 1.32
C TYR D 452 -58.03 20.54 0.53
N LEU D 453 -58.32 19.87 -0.60
CA LEU D 453 -59.58 20.13 -1.29
C LEU D 453 -60.75 19.75 -0.42
N ALA D 454 -60.63 18.66 0.33
CA ALA D 454 -61.65 18.35 1.34
C ALA D 454 -61.69 19.43 2.41
N GLY D 455 -60.52 19.96 2.78
CA GLY D 455 -60.47 21.04 3.76
C GLY D 455 -60.96 20.65 5.13
N ILE D 456 -60.70 19.41 5.55
CA ILE D 456 -61.21 18.90 6.82
C ILE D 456 -60.01 18.67 7.74
N GLU D 457 -60.27 18.38 9.01
CA GLU D 457 -59.21 18.17 9.99
C GLU D 457 -58.43 16.90 9.70
N ALA D 458 -57.28 16.77 10.35
CA ALA D 458 -56.36 15.64 10.19
C ALA D 458 -55.93 15.46 8.74
N TYR D 459 -55.96 16.53 7.95
CA TYR D 459 -55.68 16.45 6.53
C TYR D 459 -54.42 17.20 6.10
N LEU D 460 -53.87 18.07 6.95
CA LEU D 460 -52.54 18.63 6.71
C LEU D 460 -51.44 17.66 7.10
N ALA D 461 -51.80 16.49 7.63
CA ALA D 461 -50.81 15.55 8.15
C ALA D 461 -49.87 15.07 7.05
N VAL D 462 -50.29 15.15 5.80
CA VAL D 462 -49.42 14.70 4.71
C VAL D 462 -48.54 15.81 4.15
N MET D 463 -48.84 17.08 4.44
CA MET D 463 -47.95 18.16 4.03
C MET D 463 -46.58 17.98 4.65
N VAL D 464 -46.52 17.56 5.91
CA VAL D 464 -45.25 17.34 6.57
C VAL D 464 -44.51 16.16 5.96
N PHE D 465 -45.23 15.08 5.63
CA PHE D 465 -44.58 13.96 4.94
C PHE D 465 -43.98 14.43 3.62
N ALA D 466 -44.73 15.23 2.87
CA ALA D 466 -44.23 15.75 1.61
C ALA D 466 -42.96 16.56 1.80
N LEU D 467 -42.97 17.49 2.77
CA LEU D 467 -41.81 18.33 3.00
C LEU D 467 -40.59 17.50 3.38
N VAL D 468 -40.76 16.56 4.32
CA VAL D 468 -39.62 15.81 4.80
C VAL D 468 -39.08 14.89 3.71
N LEU D 469 -39.98 14.28 2.93
CA LEU D 469 -39.52 13.38 1.89
C LEU D 469 -38.83 14.14 0.76
N GLY D 470 -39.32 15.34 0.45
CA GLY D 470 -38.63 16.17 -0.54
C GLY D 470 -37.26 16.60 -0.09
N TRP D 471 -37.12 16.95 1.18
CA TRP D 471 -35.79 17.31 1.66
C TRP D 471 -34.90 16.09 1.86
N MET D 472 -35.47 14.90 1.94
CA MET D 472 -34.67 13.68 1.79
C MET D 472 -34.18 13.54 0.36
N ASN D 473 -35.09 13.69 -0.61
CA ASN D 473 -34.75 13.60 -2.02
C ASN D 473 -33.75 14.67 -2.42
N ALA D 474 -33.62 15.74 -1.63
CA ALA D 474 -32.57 16.72 -1.87
C ALA D 474 -31.20 16.10 -2.00
N LEU D 475 -31.01 14.87 -1.49
CA LEU D 475 -29.76 14.14 -1.72
C LEU D 475 -29.60 13.72 -3.17
N TYR D 476 -30.69 13.60 -3.92
CA TYR D 476 -30.61 13.17 -5.32
C TYR D 476 -29.77 14.13 -6.15
N PHE D 477 -29.93 15.44 -5.90
CA PHE D 477 -29.07 16.40 -6.59
C PHE D 477 -27.71 16.51 -5.90
N THR D 478 -27.64 16.18 -4.60
CA THR D 478 -26.41 16.32 -3.83
C THR D 478 -25.50 15.11 -4.04
N ARG D 479 -25.27 14.80 -5.31
CA ARG D 479 -24.33 13.74 -5.66
C ARG D 479 -23.49 14.10 -6.89
N GLY D 480 -23.37 15.39 -7.20
CA GLY D 480 -22.61 15.83 -8.35
C GLY D 480 -21.38 16.62 -8.02
N LEU D 481 -21.46 17.95 -8.15
CA LEU D 481 -20.32 18.82 -7.94
C LEU D 481 -19.84 18.75 -6.49
N LYS D 482 -18.60 19.21 -6.28
CA LYS D 482 -17.97 19.26 -4.96
C LYS D 482 -17.84 17.89 -4.32
N LEU D 483 -17.81 16.84 -5.15
CA LEU D 483 -17.70 15.45 -4.69
C LEU D 483 -18.83 15.09 -3.72
N THR D 484 -19.96 15.76 -3.87
CA THR D 484 -21.14 15.36 -3.13
C THR D 484 -21.58 13.96 -3.56
N GLY D 485 -22.27 13.27 -2.68
CA GLY D 485 -22.70 11.92 -2.95
C GLY D 485 -21.75 10.83 -2.49
N THR D 486 -20.64 11.20 -1.84
CA THR D 486 -19.81 10.18 -1.22
C THR D 486 -20.60 9.38 -0.19
N TYR D 487 -21.47 10.06 0.57
CA TYR D 487 -22.39 9.35 1.46
C TYR D 487 -23.21 8.32 0.70
N SER D 488 -23.62 8.65 -0.53
CA SER D 488 -24.43 7.72 -1.32
C SER D 488 -23.69 6.43 -1.60
N ILE D 489 -22.36 6.44 -1.48
CA ILE D 489 -21.61 5.19 -1.54
C ILE D 489 -21.72 4.43 -0.22
N MET D 490 -21.41 5.11 0.89
CA MET D 490 -21.29 4.40 2.15
C MET D 490 -22.66 3.97 2.68
N ILE D 491 -23.71 4.71 2.36
CA ILE D 491 -25.07 4.31 2.70
C ILE D 491 -25.43 2.99 2.02
N GLN D 492 -24.72 2.64 0.94
CA GLN D 492 -24.96 1.35 0.30
C GLN D 492 -24.61 0.19 1.22
N LYS D 493 -23.74 0.42 2.20
CA LYS D 493 -23.28 -0.63 3.10
C LYS D 493 -23.80 -0.46 4.52
N ILE D 494 -23.87 0.78 5.02
CA ILE D 494 -24.20 0.99 6.42
C ILE D 494 -25.70 0.88 6.66
N LEU D 495 -26.51 1.48 5.79
CA LEU D 495 -27.95 1.50 6.03
C LEU D 495 -28.57 0.13 5.79
N PHE D 496 -28.19 -0.53 4.71
CA PHE D 496 -28.82 -1.80 4.34
C PHE D 496 -28.22 -2.99 5.05
N LYS D 497 -26.91 -2.99 5.31
CA LYS D 497 -26.24 -4.18 5.81
C LYS D 497 -25.68 -4.00 7.23
N ASP D 498 -24.80 -3.02 7.45
CA ASP D 498 -24.02 -3.02 8.68
C ASP D 498 -24.82 -2.49 9.87
N LEU D 499 -25.21 -1.22 9.82
CA LEU D 499 -26.01 -0.65 10.91
C LEU D 499 -27.34 -1.38 11.03
N PHE D 500 -27.90 -1.81 9.90
CA PHE D 500 -29.15 -2.55 9.93
C PHE D 500 -29.04 -3.80 10.79
N ARG D 501 -28.18 -4.74 10.38
CA ARG D 501 -28.05 -5.98 11.13
C ARG D 501 -27.57 -5.75 12.55
N PHE D 502 -26.74 -4.72 12.77
CA PHE D 502 -26.29 -4.43 14.12
C PHE D 502 -27.45 -4.02 15.01
N LEU D 503 -28.29 -3.09 14.53
CA LEU D 503 -29.42 -2.67 15.34
C LEU D 503 -30.39 -3.80 15.56
N LEU D 504 -30.57 -4.67 14.54
CA LEU D 504 -31.42 -5.85 14.74
C LEU D 504 -30.91 -6.71 15.88
N VAL D 505 -29.64 -7.14 15.80
CA VAL D 505 -29.13 -8.08 16.79
C VAL D 505 -29.08 -7.42 18.16
N TYR D 506 -28.78 -6.12 18.21
CA TYR D 506 -28.69 -5.45 19.51
C TYR D 506 -30.07 -5.26 20.12
N LEU D 507 -31.07 -4.94 19.29
CA LEU D 507 -32.43 -4.85 19.78
C LEU D 507 -32.90 -6.18 20.33
N LEU D 508 -32.59 -7.27 19.63
CA LEU D 508 -32.95 -8.58 20.12
C LEU D 508 -32.27 -8.88 21.45
N PHE D 509 -30.97 -8.58 21.54
CA PHE D 509 -30.24 -8.73 22.79
C PHE D 509 -30.94 -8.00 23.92
N MET D 510 -31.21 -6.70 23.71
CA MET D 510 -31.71 -5.88 24.80
C MET D 510 -33.13 -6.27 25.18
N ILE D 511 -33.96 -6.69 24.23
CA ILE D 511 -35.31 -7.09 24.60
C ILE D 511 -35.29 -8.42 25.36
N GLY D 512 -34.41 -9.34 24.96
CA GLY D 512 -34.27 -10.57 25.73
C GLY D 512 -33.82 -10.28 27.15
N TYR D 513 -32.79 -9.45 27.29
CA TYR D 513 -32.33 -9.11 28.63
C TYR D 513 -33.36 -8.29 29.40
N ALA D 514 -34.23 -7.57 28.71
CA ALA D 514 -35.30 -6.86 29.38
C ALA D 514 -36.29 -7.83 29.98
N SER D 515 -36.70 -8.83 29.20
CA SER D 515 -37.51 -9.91 29.77
C SER D 515 -36.81 -10.53 30.97
N ALA D 516 -35.50 -10.75 30.84
CA ALA D 516 -34.72 -11.31 31.94
C ALA D 516 -34.85 -10.47 33.20
N LEU D 517 -34.57 -9.17 33.09
CA LEU D 517 -34.56 -8.32 34.27
C LEU D 517 -35.96 -8.17 34.87
N VAL D 518 -36.98 -8.00 34.03
CA VAL D 518 -38.34 -7.89 34.54
C VAL D 518 -38.81 -9.20 35.15
N SER D 519 -38.14 -10.31 34.82
CA SER D 519 -38.41 -11.55 35.53
C SER D 519 -37.50 -11.75 36.74
N LEU D 520 -36.46 -10.93 36.88
CA LEU D 520 -35.46 -11.09 37.93
C LEU D 520 -35.65 -10.12 39.08
N LEU D 521 -36.90 -9.86 39.48
CA LEU D 521 -37.14 -9.03 40.66
C LEU D 521 -37.75 -9.78 41.84
N ASN D 522 -38.31 -10.97 41.63
CA ASN D 522 -39.00 -11.67 42.71
C ASN D 522 -38.01 -12.27 43.71
N PRO D 523 -37.10 -13.17 43.33
CA PRO D 523 -35.90 -13.37 44.14
C PRO D 523 -34.89 -12.32 43.74
N CYS D 524 -34.07 -11.90 44.70
CA CYS D 524 -33.49 -10.56 44.67
C CYS D 524 -34.62 -9.53 44.65
N ALA D 525 -35.30 -9.49 45.80
CA ALA D 525 -36.66 -8.97 45.99
C ALA D 525 -36.92 -7.64 45.29
N ASN D 526 -38.19 -7.36 44.98
CA ASN D 526 -38.55 -6.35 44.01
C ASN D 526 -37.91 -5.01 44.33
N MET D 527 -36.93 -4.62 43.52
CA MET D 527 -36.23 -3.35 43.65
C MET D 527 -35.37 -3.13 42.42
N LYS D 528 -35.42 -1.92 41.86
CA LYS D 528 -34.74 -1.56 40.63
C LYS D 528 -34.05 -0.22 40.81
N VAL D 529 -33.23 -0.13 41.86
CA VAL D 529 -32.92 1.10 42.59
C VAL D 529 -32.81 2.30 41.68
N CYS D 530 -33.41 3.41 42.11
CA CYS D 530 -33.59 4.59 41.27
C CYS D 530 -32.35 4.89 40.45
N ASN D 531 -32.56 5.21 39.18
CA ASN D 531 -31.48 5.39 38.24
C ASN D 531 -30.50 6.43 38.75
N GLU D 532 -29.35 6.50 38.08
CA GLU D 532 -28.33 7.49 38.35
C GLU D 532 -28.71 8.84 37.78
N SER D 544 -39.86 6.03 34.39
CA SER D 544 -39.66 6.05 35.84
C SER D 544 -40.57 5.02 36.51
N CYS D 545 -40.40 3.77 36.09
CA CYS D 545 -41.28 2.69 36.51
C CYS D 545 -40.88 2.17 37.88
N ARG D 546 -41.83 2.12 38.79
CA ARG D 546 -41.68 1.41 40.06
C ARG D 546 -42.26 0.02 39.91
N ASP D 547 -42.05 -0.81 40.93
CA ASP D 547 -42.51 -2.20 40.90
C ASP D 547 -43.97 -2.27 40.48
N SER D 548 -44.21 -2.86 39.31
CA SER D 548 -45.54 -2.92 38.72
C SER D 548 -45.65 -4.22 37.94
N GLU D 549 -46.82 -4.45 37.36
CA GLU D 549 -47.07 -5.67 36.58
C GLU D 549 -47.95 -5.38 35.37
N THR D 550 -47.84 -4.17 34.78
CA THR D 550 -48.94 -3.78 33.91
C THR D 550 -48.85 -4.36 32.50
N PHE D 551 -48.04 -3.80 31.61
CA PHE D 551 -47.73 -4.54 30.39
C PHE D 551 -46.30 -4.33 29.89
N SER D 552 -45.86 -3.07 29.79
CA SER D 552 -44.56 -2.78 29.20
C SER D 552 -43.85 -1.58 29.78
N THR D 553 -44.40 -0.89 30.79
CA THR D 553 -43.71 0.26 31.37
C THR D 553 -42.31 -0.11 31.80
N PHE D 554 -42.12 -1.36 32.22
CA PHE D 554 -40.83 -1.98 32.43
C PHE D 554 -39.88 -1.66 31.28
N LEU D 555 -40.31 -1.94 30.05
CA LEU D 555 -39.45 -1.73 28.90
C LEU D 555 -39.04 -0.27 28.77
N LEU D 556 -39.98 0.65 28.99
CA LEU D 556 -39.66 2.07 28.84
C LEU D 556 -38.59 2.51 29.82
N ASP D 557 -38.87 2.39 31.12
CA ASP D 557 -37.91 2.83 32.13
C ASP D 557 -36.61 2.04 32.04
N LEU D 558 -36.71 0.74 31.71
CA LEU D 558 -35.50 -0.06 31.58
C LEU D 558 -34.63 0.42 30.42
N PHE D 559 -35.22 0.74 29.28
CA PHE D 559 -34.45 1.31 28.19
C PHE D 559 -33.82 2.63 28.61
N LYS D 560 -34.59 3.47 29.31
CA LYS D 560 -34.00 4.68 29.88
C LYS D 560 -32.75 4.33 30.70
N LEU D 561 -32.82 3.24 31.45
CA LEU D 561 -31.65 2.77 32.19
C LEU D 561 -30.54 2.34 31.23
N THR D 562 -30.89 1.64 30.14
CA THR D 562 -29.90 1.11 29.23
C THR D 562 -29.17 2.20 28.46
N ILE D 563 -29.69 3.42 28.48
CA ILE D 563 -29.01 4.53 27.84
C ILE D 563 -27.60 4.61 28.40
N GLY D 564 -26.60 4.60 27.53
CA GLY D 564 -25.22 4.70 27.97
C GLY D 564 -24.92 6.11 28.42
N MET D 565 -25.65 6.54 29.45
CA MET D 565 -25.70 7.95 29.82
C MET D 565 -24.76 8.33 30.96
N GLY D 566 -24.68 7.54 32.03
CA GLY D 566 -24.01 8.03 33.20
C GLY D 566 -23.19 7.08 34.05
N ASP D 567 -22.77 5.94 33.48
CA ASP D 567 -21.87 5.04 34.19
C ASP D 567 -22.50 4.59 35.51
N LEU D 568 -23.56 3.78 35.43
CA LEU D 568 -24.39 3.38 36.56
C LEU D 568 -23.61 3.02 37.82
N GLU D 569 -24.23 3.23 38.98
CA GLU D 569 -23.62 3.10 40.30
C GLU D 569 -22.90 1.77 40.52
N MET D 570 -21.92 1.78 41.42
CA MET D 570 -21.23 0.58 41.85
C MET D 570 -21.75 0.17 43.22
N LEU D 571 -21.56 -1.10 43.56
CA LEU D 571 -22.14 -1.65 44.78
C LEU D 571 -21.07 -2.35 45.61
N SER D 572 -21.39 -2.55 46.88
CA SER D 572 -20.59 -3.33 47.82
C SER D 572 -21.38 -3.48 49.10
N SER D 573 -21.35 -4.69 49.68
CA SER D 573 -22.18 -5.05 50.83
C SER D 573 -23.67 -4.89 50.47
N THR D 574 -24.07 -5.73 49.53
CA THR D 574 -25.40 -5.65 48.92
C THR D 574 -26.51 -5.80 49.95
N LYS D 575 -27.55 -4.96 49.81
CA LYS D 575 -28.77 -5.04 50.60
C LYS D 575 -30.00 -5.28 49.74
N TYR D 576 -30.18 -4.54 48.65
CA TYR D 576 -31.25 -4.74 47.68
C TYR D 576 -30.79 -5.88 46.77
N PRO D 577 -31.58 -6.26 45.70
CA PRO D 577 -31.21 -7.41 44.86
C PRO D 577 -29.71 -7.62 44.64
N VAL D 578 -29.25 -8.85 44.91
CA VAL D 578 -27.83 -9.12 45.08
C VAL D 578 -27.20 -9.61 43.79
N VAL D 579 -27.73 -10.70 43.21
CA VAL D 579 -27.16 -11.24 41.98
C VAL D 579 -27.71 -10.54 40.74
N PHE D 580 -28.74 -9.73 40.89
CA PHE D 580 -29.28 -8.98 39.76
C PHE D 580 -28.30 -7.94 39.27
N ILE D 581 -27.62 -7.25 40.20
CA ILE D 581 -26.79 -6.10 39.84
C ILE D 581 -25.56 -6.55 39.07
N ILE D 582 -24.97 -7.68 39.45
CA ILE D 582 -23.77 -8.15 38.77
C ILE D 582 -24.10 -8.56 37.34
N LEU D 583 -25.23 -9.25 37.15
CA LEU D 583 -25.68 -9.56 35.80
C LEU D 583 -25.92 -8.29 35.01
N LEU D 584 -26.59 -7.31 35.61
CA LEU D 584 -26.88 -6.07 34.91
C LEU D 584 -25.59 -5.40 34.43
N VAL D 585 -24.61 -5.28 35.33
CA VAL D 585 -23.40 -4.56 34.96
C VAL D 585 -22.60 -5.32 33.91
N THR D 586 -22.48 -6.65 34.07
CA THR D 586 -21.73 -7.39 33.05
C THR D 586 -22.43 -7.36 31.69
N TYR D 587 -23.76 -7.40 31.68
CA TYR D 587 -24.48 -7.32 30.41
C TYR D 587 -24.28 -5.96 29.75
N ILE D 588 -24.46 -4.88 30.51
CA ILE D 588 -24.33 -3.56 29.91
C ILE D 588 -22.90 -3.31 29.46
N ILE D 589 -21.92 -3.88 30.16
CA ILE D 589 -20.55 -3.80 29.69
C ILE D 589 -20.39 -4.56 28.37
N LEU D 590 -20.96 -5.75 28.29
CA LEU D 590 -20.90 -6.53 27.06
C LEU D 590 -21.46 -5.73 25.88
N THR D 591 -22.68 -5.24 26.04
CA THR D 591 -23.38 -4.63 24.90
C THR D 591 -22.93 -3.19 24.66
N PHE D 592 -22.52 -2.47 25.69
CA PHE D 592 -22.21 -1.06 25.54
C PHE D 592 -20.72 -0.73 25.66
N VAL D 593 -19.83 -1.72 25.64
CA VAL D 593 -18.40 -1.45 25.61
C VAL D 593 -17.76 -2.26 24.50
N LEU D 594 -18.51 -3.21 23.94
CA LEU D 594 -17.99 -4.03 22.85
C LEU D 594 -18.78 -3.89 21.56
N LEU D 595 -20.10 -4.05 21.61
CA LEU D 595 -20.90 -4.16 20.39
C LEU D 595 -20.77 -2.91 19.52
N LEU D 596 -21.11 -1.75 20.08
CA LEU D 596 -20.94 -0.52 19.31
C LEU D 596 -19.48 -0.29 18.97
N ASN D 597 -18.56 -0.72 19.84
CA ASN D 597 -17.15 -0.63 19.50
C ASN D 597 -16.79 -1.62 18.40
N MET D 598 -17.41 -2.80 18.41
CA MET D 598 -17.26 -3.72 17.28
C MET D 598 -17.62 -3.01 15.99
N LEU D 599 -18.75 -2.30 15.99
CA LEU D 599 -19.21 -1.61 14.80
C LEU D 599 -18.33 -0.41 14.45
N ILE D 600 -17.76 0.26 15.46
CA ILE D 600 -16.87 1.38 15.18
C ILE D 600 -15.62 0.89 14.48
N ALA D 601 -15.05 -0.21 14.98
CA ALA D 601 -13.90 -0.82 14.30
C ALA D 601 -14.28 -1.30 12.91
N LEU D 602 -15.50 -1.82 12.76
CA LEU D 602 -15.98 -2.25 11.45
C LEU D 602 -16.03 -1.08 10.46
N MET D 603 -16.57 0.06 10.91
CA MET D 603 -16.50 1.28 10.10
C MET D 603 -15.06 1.61 9.73
N GLY D 604 -14.20 1.74 10.75
CA GLY D 604 -12.83 2.16 10.51
C GLY D 604 -12.09 1.26 9.54
N GLU D 605 -12.47 -0.02 9.47
CA GLU D 605 -11.82 -0.89 8.50
C GLU D 605 -12.50 -0.86 7.13
N THR D 606 -13.82 -0.69 7.08
CA THR D 606 -14.53 -0.76 5.82
C THR D 606 -14.45 0.53 5.02
N VAL D 607 -14.08 1.64 5.64
CA VAL D 607 -14.02 2.91 4.90
C VAL D 607 -12.91 2.94 3.86
N GLY D 608 -11.88 2.10 4.00
CA GLY D 608 -10.78 2.11 3.06
C GLY D 608 -11.02 1.32 1.79
N GLN D 609 -12.26 1.22 1.33
CA GLN D 609 -12.54 0.42 0.13
C GLN D 609 -12.62 1.28 -1.12
N VAL D 610 -12.75 2.60 -0.97
CA VAL D 610 -12.85 3.48 -2.13
C VAL D 610 -11.52 3.52 -2.87
N SER D 611 -11.49 2.88 -4.04
CA SER D 611 -10.29 2.84 -4.87
C SER D 611 -10.49 3.55 -6.20
N LYS D 612 -11.50 3.16 -6.96
CA LYS D 612 -11.82 3.80 -8.23
C LYS D 612 -13.20 4.43 -8.25
N GLU D 613 -14.09 4.05 -7.34
CA GLU D 613 -15.47 4.48 -7.35
C GLU D 613 -15.67 5.89 -6.82
N SER D 614 -14.61 6.70 -6.74
CA SER D 614 -14.79 8.13 -6.52
C SER D 614 -14.91 8.86 -7.85
N LYS D 615 -13.84 8.84 -8.64
CA LYS D 615 -13.92 9.35 -10.00
C LYS D 615 -14.89 8.54 -10.84
N HIS D 616 -14.97 7.23 -10.57
CA HIS D 616 -15.85 6.35 -11.32
C HIS D 616 -17.31 6.64 -11.06
N ILE D 617 -17.72 6.74 -9.80
CA ILE D 617 -19.11 7.12 -9.52
C ILE D 617 -19.35 8.57 -9.91
N TRP D 618 -18.31 9.40 -9.92
CA TRP D 618 -18.47 10.76 -10.40
C TRP D 618 -18.88 10.79 -11.87
N LYS D 619 -18.11 10.12 -12.72
CA LYS D 619 -18.48 10.05 -14.13
C LYS D 619 -19.69 9.16 -14.37
N LEU D 620 -20.01 8.25 -13.45
CA LEU D 620 -21.24 7.49 -13.57
C LEU D 620 -22.46 8.38 -13.32
N GLN D 621 -22.35 9.27 -12.33
CA GLN D 621 -23.32 10.34 -12.16
C GLN D 621 -23.42 11.17 -13.42
N TRP D 622 -22.27 11.59 -13.95
CA TRP D 622 -22.24 12.25 -15.24
C TRP D 622 -23.12 11.53 -16.25
N ALA D 623 -22.81 10.25 -16.48
CA ALA D 623 -23.52 9.46 -17.47
C ALA D 623 -25.01 9.46 -17.20
N THR D 624 -25.41 8.90 -16.05
CA THR D 624 -26.82 8.79 -15.72
C THR D 624 -27.54 10.13 -15.93
N THR D 625 -27.09 11.15 -15.21
CA THR D 625 -27.74 12.46 -15.23
C THR D 625 -27.77 13.01 -16.64
N ILE D 626 -26.61 13.32 -17.21
CA ILE D 626 -26.49 13.92 -18.53
C ILE D 626 -27.36 13.22 -19.56
N LEU D 627 -27.32 11.89 -19.59
CA LEU D 627 -28.07 11.17 -20.60
C LEU D 627 -29.57 11.26 -20.37
N ASP D 628 -30.02 11.15 -19.12
CA ASP D 628 -31.46 11.33 -18.91
C ASP D 628 -31.88 12.78 -19.17
N ILE D 629 -30.98 13.72 -18.93
CA ILE D 629 -31.23 15.12 -19.28
C ILE D 629 -31.50 15.24 -20.76
N GLU D 630 -30.59 14.70 -21.57
CA GLU D 630 -30.84 14.64 -23.01
C GLU D 630 -32.17 13.94 -23.30
N ARG D 631 -32.44 12.85 -22.60
CA ARG D 631 -33.66 12.07 -22.77
C ARG D 631 -34.92 12.83 -22.34
N SER D 632 -34.79 13.96 -21.65
CA SER D 632 -35.93 14.68 -21.11
C SER D 632 -36.51 15.69 -22.10
N PHE D 633 -35.67 16.32 -22.91
CA PHE D 633 -36.15 17.37 -23.79
C PHE D 633 -35.89 16.97 -25.24
N PRO D 634 -36.54 17.62 -26.22
CA PRO D 634 -36.31 17.29 -27.63
C PRO D 634 -34.85 17.25 -28.02
N VAL D 635 -34.37 16.06 -28.40
CA VAL D 635 -32.97 15.92 -28.81
C VAL D 635 -32.77 16.35 -30.26
N PHE D 636 -33.81 16.26 -31.10
CA PHE D 636 -33.67 16.67 -32.50
C PHE D 636 -33.24 18.12 -32.63
N LEU D 637 -33.42 18.92 -31.57
CA LEU D 637 -32.95 20.29 -31.55
C LEU D 637 -31.44 20.33 -31.77
N ARG D 638 -30.90 21.52 -32.05
CA ARG D 638 -29.47 21.65 -32.32
C ARG D 638 -28.67 21.31 -31.07
N LYS D 639 -28.06 20.14 -31.05
CA LYS D 639 -27.42 19.60 -29.86
C LYS D 639 -25.96 19.29 -30.15
N ALA D 640 -25.35 18.53 -29.25
CA ALA D 640 -23.94 18.13 -29.35
C ALA D 640 -23.80 17.01 -30.38
N PHE D 641 -22.66 16.31 -30.34
CA PHE D 641 -22.31 15.26 -31.30
C PHE D 641 -22.48 15.79 -32.74
N ARG D 642 -21.59 16.72 -33.07
CA ARG D 642 -21.70 17.53 -34.26
C ARG D 642 -21.53 16.67 -35.52
N SER D 643 -21.55 17.32 -36.68
CA SER D 643 -21.56 16.64 -37.96
C SER D 643 -20.17 16.10 -38.30
N GLY D 644 -19.98 15.71 -39.55
CA GLY D 644 -18.70 15.17 -39.97
C GLY D 644 -18.49 15.34 -41.44
N GLU D 645 -17.37 14.79 -41.91
CA GLU D 645 -16.98 14.86 -43.31
C GLU D 645 -18.03 14.19 -44.20
N MET D 646 -18.02 14.59 -45.47
CA MET D 646 -19.09 14.29 -46.43
C MET D 646 -18.97 12.87 -46.97
N VAL D 647 -19.69 12.59 -48.06
CA VAL D 647 -19.86 11.23 -48.60
C VAL D 647 -18.54 10.66 -49.07
N THR D 648 -18.53 9.34 -49.27
CA THR D 648 -17.44 8.54 -49.86
C THR D 648 -16.28 8.41 -48.88
N VAL D 649 -16.35 9.17 -47.79
CA VAL D 649 -15.51 8.96 -46.62
C VAL D 649 -16.48 9.05 -45.44
N GLY D 650 -17.75 9.24 -45.77
CA GLY D 650 -18.82 9.33 -44.79
C GLY D 650 -20.07 8.58 -45.20
N LYS D 651 -19.92 7.45 -45.89
CA LYS D 651 -21.04 6.76 -46.51
C LYS D 651 -20.92 5.26 -46.19
N SER D 652 -21.67 4.44 -46.92
CA SER D 652 -21.67 2.98 -46.77
C SER D 652 -22.12 2.59 -45.36
N SER D 653 -23.40 2.87 -45.12
CA SER D 653 -23.95 2.97 -43.77
C SER D 653 -23.72 1.76 -42.88
N ASP D 654 -22.86 1.94 -41.88
CA ASP D 654 -23.19 1.46 -40.54
C ASP D 654 -24.07 2.51 -39.87
N GLY D 655 -24.06 3.73 -40.43
CA GLY D 655 -24.95 4.82 -40.10
C GLY D 655 -24.76 5.87 -41.19
N THR D 656 -25.86 6.05 -42.02
CA THR D 656 -26.63 7.30 -42.29
C THR D 656 -25.91 8.45 -43.08
N PRO D 657 -25.90 9.94 -42.81
CA PRO D 657 -25.88 10.43 -44.00
C PRO D 657 -24.41 10.65 -44.40
N ASP D 658 -24.21 11.38 -45.51
CA ASP D 658 -22.87 11.68 -45.98
C ASP D 658 -21.99 12.25 -44.89
N ARG D 659 -22.55 13.17 -44.04
CA ARG D 659 -21.83 13.63 -42.89
C ARG D 659 -21.36 12.47 -42.04
N ARG D 660 -22.24 11.48 -41.83
CA ARG D 660 -21.93 10.31 -41.01
C ARG D 660 -21.31 10.75 -39.68
N TRP D 661 -22.13 11.45 -38.90
CA TRP D 661 -21.69 12.25 -37.77
C TRP D 661 -20.57 11.58 -36.98
N CYS D 662 -19.46 12.30 -36.83
CA CYS D 662 -18.31 11.82 -36.08
C CYS D 662 -17.85 12.86 -35.08
N PHE D 663 -16.88 12.47 -34.28
CA PHE D 663 -16.17 13.38 -33.40
C PHE D 663 -14.70 13.45 -33.84
N ARG D 664 -14.05 14.57 -33.55
CA ARG D 664 -12.64 14.75 -33.89
C ARG D 664 -11.83 14.94 -32.62
N VAL D 665 -10.90 14.02 -32.38
CA VAL D 665 -9.95 14.13 -31.26
C VAL D 665 -8.57 14.39 -31.84
N ASP D 666 -7.84 15.31 -31.23
CA ASP D 666 -6.52 15.72 -31.69
C ASP D 666 -5.47 15.02 -30.85
N GLU D 667 -4.90 13.94 -31.39
CA GLU D 667 -3.87 13.20 -30.69
C GLU D 667 -2.50 13.79 -31.02
N VAL D 668 -1.54 13.55 -30.12
CA VAL D 668 -0.18 14.01 -30.31
C VAL D 668 0.74 12.80 -30.20
N ASN D 669 1.57 12.60 -31.21
CA ASN D 669 2.51 11.50 -31.22
C ASN D 669 3.69 11.84 -32.10
N TRP D 670 4.84 11.25 -31.81
CA TRP D 670 6.09 11.52 -32.49
C TRP D 670 6.69 10.20 -32.96
N SER D 671 6.91 10.08 -34.27
CA SER D 671 7.47 8.87 -34.85
C SER D 671 7.86 9.09 -36.31
#